data_8BHB
#
_entry.id   8BHB
#
_cell.length_a   1.00
_cell.length_b   1.00
_cell.length_c   1.00
_cell.angle_alpha   90.00
_cell.angle_beta   90.00
_cell.angle_gamma   90.00
#
_symmetry.space_group_name_H-M   'P 1'
#
loop_
_entity.id
_entity.type
_entity.pdbx_description
1 polymer 'Gamma-aminobutyric acid receptor subunit alpha-5'
2 non-polymer 2-acetamido-2-deoxy-beta-D-glucopyranose
3 non-polymer 'ethyl 8-[(azanylidene-$l^{4}-azanylidene)amino]-5-methyl-6-oxidanylidene-4~{H}-imidazo[1,5-a][1,4]benzodiazepine-3-carboxylate'
4 water water
#
_entity_poly.entity_id   1
_entity_poly.type   'polypeptide(L)'
_entity_poly.pdbx_seq_one_letter_code
;QMPTSSVKDETNDNITIFTRILDGLLDGYDNRLRPGLGERITQVRTDMYVNSFGPVSDTEMEYTIDIFFAQTWKDERLRF
KGPMQRLPLNNLLASKIWTPDTFFHNGKKSFAHWMTTPNRMLRIWNDGRVLYTLRLTISAECPMDLEDFPMDEQNCPLKF
GSYAYPNSEVVYVWTNGSTKSVVVAEDGSRLNQYHLMGQTVGTENISTSTGEYTIMTAHFHLKRKIGYFVIQTYLPCIMT
VILSQVSFWLNRESVAARTVFGVTTVLTMTTLSISARNSLPKVAYATAMDWFIAVCYAFVFSALLEFAFVNYITKSQPAR
AAKIDKMSRIVFPILFGTFNLVYWATYLNGTTETSQVAPA
;
_entity_poly.pdbx_strand_id   A,B,C,D,E
#
# COMPACT_ATOMS: atom_id res chain seq x y z
N ASN A 14 15.15 41.88 -32.76
CA ASN A 14 15.70 40.64 -33.32
C ASN A 14 14.92 39.43 -32.84
N ILE A 15 14.02 39.63 -31.88
CA ILE A 15 13.21 38.54 -31.35
C ILE A 15 11.85 38.47 -32.04
N THR A 16 11.35 39.58 -32.58
CA THR A 16 10.05 39.57 -33.24
C THR A 16 10.06 38.68 -34.48
N ILE A 17 11.23 38.47 -35.09
CA ILE A 17 11.31 37.62 -36.27
C ILE A 17 10.88 36.20 -35.94
N PHE A 18 11.33 35.69 -34.79
CA PHE A 18 10.96 34.33 -34.40
C PHE A 18 9.45 34.21 -34.19
N THR A 19 8.83 35.24 -33.62
CA THR A 19 7.38 35.21 -33.41
C THR A 19 6.64 35.10 -34.72
N ARG A 20 7.07 35.85 -35.74
CA ARG A 20 6.41 35.78 -37.04
C ARG A 20 6.52 34.39 -37.65
N ILE A 21 7.68 33.76 -37.53
CA ILE A 21 7.88 32.44 -38.10
C ILE A 21 6.90 31.45 -37.49
N LEU A 22 6.79 31.45 -36.16
CA LEU A 22 5.87 30.52 -35.50
C LEU A 22 4.43 30.78 -35.91
N ASP A 23 4.05 32.06 -36.00
CA ASP A 23 2.68 32.38 -36.42
C ASP A 23 2.43 31.90 -37.84
N GLY A 24 3.41 32.08 -38.73
CA GLY A 24 3.23 31.65 -40.11
C GLY A 24 3.05 30.15 -40.24
N LEU A 25 3.87 29.39 -39.52
CA LEU A 25 3.76 27.93 -39.60
C LEU A 25 2.41 27.44 -39.10
N LEU A 26 1.92 28.02 -37.99
CA LEU A 26 0.63 27.62 -37.45
C LEU A 26 -0.54 28.16 -38.27
N ASP A 27 -0.30 29.10 -39.17
CA ASP A 27 -1.37 29.64 -40.00
C ASP A 27 -1.78 28.62 -41.05
N GLY A 28 -3.02 28.17 -40.99
CA GLY A 28 -3.49 27.17 -41.92
C GLY A 28 -2.95 25.78 -41.69
N TYR A 29 -2.50 25.49 -40.47
CA TYR A 29 -1.94 24.20 -40.11
C TYR A 29 -2.99 23.39 -39.35
N ASP A 30 -3.26 22.18 -39.84
CA ASP A 30 -4.22 21.27 -39.22
C ASP A 30 -3.43 20.18 -38.50
N ASN A 31 -3.53 20.15 -37.17
CA ASN A 31 -2.84 19.15 -36.38
C ASN A 31 -3.53 17.79 -36.39
N ARG A 32 -4.73 17.70 -36.93
CA ARG A 32 -5.46 16.44 -37.00
C ARG A 32 -5.06 15.59 -38.19
N LEU A 33 -4.19 16.10 -39.07
CA LEU A 33 -3.76 15.38 -40.27
C LEU A 33 -2.27 15.13 -40.18
N ARG A 34 -1.86 13.89 -40.42
CA ARG A 34 -0.45 13.55 -40.39
C ARG A 34 0.27 14.16 -41.59
N PRO A 35 1.56 14.48 -41.46
CA PRO A 35 2.31 14.99 -42.61
C PRO A 35 2.38 13.96 -43.73
N GLY A 36 2.35 14.45 -44.96
CA GLY A 36 2.40 13.58 -46.11
C GLY A 36 1.15 12.75 -46.33
N LEU A 37 0.03 13.16 -45.74
CA LEU A 37 -1.21 12.41 -45.89
C LEU A 37 -1.62 12.37 -47.35
N GLY A 38 -1.97 11.18 -47.83
CA GLY A 38 -2.38 11.01 -49.21
C GLY A 38 -1.27 11.16 -50.23
N GLU A 39 -0.04 11.29 -49.78
CA GLU A 39 1.10 11.49 -50.68
C GLU A 39 2.23 10.49 -50.45
N ARG A 40 2.46 10.09 -49.20
CA ARG A 40 3.56 9.19 -48.86
C ARG A 40 3.26 8.56 -47.51
N ILE A 41 4.20 7.79 -46.99
CA ILE A 41 4.10 7.14 -45.69
C ILE A 41 4.99 7.90 -44.72
N THR A 42 4.43 8.30 -43.58
CA THR A 42 5.19 9.04 -42.59
C THR A 42 6.17 8.11 -41.90
N GLN A 43 7.46 8.46 -41.95
CA GLN A 43 8.52 7.67 -41.34
C GLN A 43 8.98 8.36 -40.06
N VAL A 44 8.97 7.61 -38.95
CA VAL A 44 9.33 8.12 -37.64
C VAL A 44 10.57 7.37 -37.17
N ARG A 45 11.61 8.11 -36.83
CA ARG A 45 12.83 7.54 -36.27
C ARG A 45 12.82 7.70 -34.76
N THR A 46 13.02 6.60 -34.05
CA THR A 46 12.89 6.56 -32.61
C THR A 46 14.21 6.14 -31.96
N ASP A 47 14.60 6.86 -30.91
CA ASP A 47 15.74 6.52 -30.08
C ASP A 47 15.34 6.64 -28.62
N MET A 48 15.95 5.81 -27.78
CA MET A 48 15.60 5.71 -26.37
C MET A 48 16.84 5.80 -25.52
N TYR A 49 16.72 6.47 -24.37
CA TYR A 49 17.78 6.55 -23.38
C TYR A 49 17.16 6.19 -22.02
N VAL A 50 17.60 5.07 -21.44
CA VAL A 50 17.04 4.57 -20.19
C VAL A 50 17.77 5.27 -19.06
N ASN A 51 17.10 6.27 -18.46
CA ASN A 51 17.71 6.98 -17.34
C ASN A 51 17.89 6.08 -16.13
N SER A 52 16.89 5.23 -15.86
CA SER A 52 16.97 4.32 -14.72
C SER A 52 16.06 3.13 -14.97
N PHE A 53 16.60 1.93 -14.80
CA PHE A 53 15.83 0.70 -14.94
C PHE A 53 15.25 0.36 -13.57
N GLY A 54 13.99 0.74 -13.37
CA GLY A 54 13.36 0.63 -12.07
C GLY A 54 13.27 -0.80 -11.57
N PRO A 55 12.66 -0.97 -10.40
CA PRO A 55 12.58 -2.31 -9.80
C PRO A 55 11.74 -3.25 -10.65
N VAL A 56 12.08 -4.54 -10.59
CA VAL A 56 11.35 -5.60 -11.27
C VAL A 56 10.54 -6.34 -10.22
N SER A 57 9.22 -6.18 -10.28
CA SER A 57 8.33 -6.82 -9.31
C SER A 57 8.00 -8.23 -9.81
N ASP A 58 8.63 -9.23 -9.21
CA ASP A 58 8.37 -10.60 -9.61
C ASP A 58 6.94 -11.03 -9.28
N THR A 59 6.41 -10.56 -8.14
CA THR A 59 5.06 -10.95 -7.75
C THR A 59 4.03 -10.47 -8.76
N GLU A 60 4.18 -9.24 -9.25
CA GLU A 60 3.24 -8.67 -10.21
C GLU A 60 3.68 -8.85 -11.66
N MET A 61 4.81 -9.50 -11.89
CA MET A 61 5.31 -9.76 -13.24
C MET A 61 5.39 -8.46 -14.05
N GLU A 62 5.91 -7.42 -13.42
CA GLU A 62 6.05 -6.12 -14.07
C GLU A 62 7.39 -5.50 -13.67
N TYR A 63 7.84 -4.58 -14.51
CA TYR A 63 9.05 -3.82 -14.24
C TYR A 63 8.80 -2.35 -14.58
N THR A 64 9.52 -1.47 -13.89
CA THR A 64 9.41 -0.04 -14.10
C THR A 64 10.68 0.49 -14.75
N ILE A 65 10.51 1.35 -15.74
CA ILE A 65 11.62 1.92 -16.48
C ILE A 65 11.35 3.39 -16.74
N ASP A 66 12.38 4.21 -16.54
CA ASP A 66 12.32 5.64 -16.85
C ASP A 66 13.22 5.92 -18.04
N ILE A 67 12.66 6.53 -19.08
CA ILE A 67 13.36 6.70 -20.35
C ILE A 67 13.15 8.13 -20.86
N PHE A 68 14.02 8.52 -21.77
CA PHE A 68 13.86 9.74 -22.57
C PHE A 68 13.50 9.29 -23.98
N PHE A 69 12.21 9.24 -24.27
CA PHE A 69 11.71 8.73 -25.53
C PHE A 69 11.74 9.84 -26.57
N ALA A 70 12.50 9.64 -27.64
CA ALA A 70 12.67 10.63 -28.68
C ALA A 70 12.11 10.11 -30.00
N GLN A 71 11.37 10.98 -30.70
CA GLN A 71 10.79 10.67 -31.99
C GLN A 71 11.14 11.77 -32.97
N THR A 72 11.52 11.36 -34.18
CA THR A 72 11.90 12.30 -35.24
C THR A 72 11.12 11.96 -36.50
N TRP A 73 10.62 12.99 -37.18
CA TRP A 73 9.87 12.80 -38.42
C TRP A 73 9.99 14.07 -39.25
N LYS A 74 9.48 13.97 -40.48
CA LYS A 74 9.55 15.05 -41.45
C LYS A 74 8.17 15.64 -41.67
N ASP A 75 8.06 16.97 -41.60
CA ASP A 75 6.80 17.67 -41.82
C ASP A 75 7.08 18.87 -42.71
N GLU A 76 6.67 18.77 -43.97
CA GLU A 76 6.91 19.85 -44.93
C GLU A 76 6.11 21.11 -44.60
N ARG A 77 5.02 20.97 -43.83
CA ARG A 77 4.21 22.14 -43.47
C ARG A 77 4.94 23.08 -42.52
N LEU A 78 6.01 22.62 -41.87
CA LEU A 78 6.74 23.42 -40.90
C LEU A 78 8.02 24.02 -41.47
N ARG A 79 8.21 23.96 -42.78
CA ARG A 79 9.39 24.56 -43.39
C ARG A 79 9.37 26.08 -43.18
N PHE A 80 10.55 26.64 -42.92
CA PHE A 80 10.66 28.07 -42.67
C PHE A 80 12.05 28.53 -43.08
N LYS A 81 12.19 29.85 -43.23
CA LYS A 81 13.45 30.49 -43.56
C LYS A 81 13.74 31.56 -42.52
N GLY A 82 14.96 31.56 -41.98
CA GLY A 82 15.35 32.52 -40.98
C GLY A 82 16.83 32.46 -40.67
N PRO A 83 17.31 33.43 -39.90
CA PRO A 83 18.74 33.44 -39.55
C PRO A 83 19.18 32.20 -38.79
N MET A 84 18.32 31.64 -37.95
CA MET A 84 18.65 30.48 -37.13
C MET A 84 18.15 29.22 -37.82
N GLN A 85 19.02 28.22 -37.94
CA GLN A 85 18.68 26.98 -38.62
C GLN A 85 17.83 26.06 -37.76
N ARG A 86 17.68 26.35 -36.47
CA ARG A 86 16.92 25.51 -35.56
C ARG A 86 16.06 26.39 -34.67
N LEU A 87 14.97 25.81 -34.17
CA LEU A 87 14.01 26.51 -33.32
C LEU A 87 13.76 25.69 -32.06
N PRO A 88 14.67 25.75 -31.10
CA PRO A 88 14.39 25.09 -29.81
C PRO A 88 13.13 25.66 -29.17
N LEU A 89 12.35 24.78 -28.56
CA LEU A 89 11.05 25.15 -28.01
C LEU A 89 10.78 24.27 -26.81
N ASN A 90 9.52 24.27 -26.35
CA ASN A 90 9.11 23.51 -25.18
C ASN A 90 7.74 22.90 -25.46
N ASN A 91 7.09 22.41 -24.40
CA ASN A 91 5.82 21.70 -24.56
C ASN A 91 4.70 22.59 -25.10
N LEU A 92 4.87 23.91 -25.06
CA LEU A 92 3.78 24.80 -25.44
C LEU A 92 3.33 24.56 -26.87
N LEU A 93 4.28 24.39 -27.79
CA LEU A 93 3.95 24.20 -29.20
C LEU A 93 3.68 22.74 -29.56
N ALA A 94 3.91 21.80 -28.65
CA ALA A 94 3.72 20.39 -28.97
C ALA A 94 2.27 20.10 -29.33
N SER A 95 1.32 20.66 -28.58
CA SER A 95 -0.09 20.41 -28.84
C SER A 95 -0.58 21.09 -30.11
N LYS A 96 0.09 22.15 -30.55
CA LYS A 96 -0.35 22.90 -31.72
C LYS A 96 -0.06 22.19 -33.03
N ILE A 97 0.87 21.24 -33.03
CA ILE A 97 1.23 20.52 -34.26
C ILE A 97 0.86 19.06 -34.12
N TRP A 98 1.04 18.30 -35.19
CA TRP A 98 0.73 16.87 -35.20
C TRP A 98 1.91 16.09 -34.65
N THR A 99 1.61 15.14 -33.76
CA THR A 99 2.60 14.24 -33.22
C THR A 99 2.08 12.81 -33.30
N PRO A 100 2.97 11.83 -33.45
CA PRO A 100 2.50 10.43 -33.54
C PRO A 100 1.81 10.00 -32.25
N ASP A 101 0.79 9.16 -32.41
CA ASP A 101 0.04 8.62 -31.28
C ASP A 101 0.71 7.35 -30.75
N THR A 102 2.00 7.44 -30.48
CA THR A 102 2.75 6.28 -30.02
C THR A 102 2.25 5.84 -28.65
N PHE A 103 2.15 4.52 -28.47
CA PHE A 103 1.71 3.95 -27.21
C PHE A 103 2.44 2.63 -26.99
N PHE A 104 2.52 2.21 -25.74
CA PHE A 104 3.20 0.99 -25.36
C PHE A 104 2.17 -0.13 -25.23
N HIS A 105 2.30 -1.15 -26.09
CA HIS A 105 1.32 -2.22 -26.13
C HIS A 105 1.29 -2.99 -24.81
N ASN A 106 2.45 -3.26 -24.24
CA ASN A 106 2.55 -4.00 -22.99
C ASN A 106 2.61 -3.09 -21.76
N GLY A 107 2.51 -1.78 -21.95
CA GLY A 107 2.54 -0.86 -20.82
C GLY A 107 1.26 -0.89 -20.01
N LYS A 108 1.34 -1.39 -18.78
CA LYS A 108 0.16 -1.48 -17.93
C LYS A 108 -0.26 -0.12 -17.41
N LYS A 109 0.72 0.73 -17.05
CA LYS A 109 0.41 2.05 -16.50
C LYS A 109 1.63 2.94 -16.71
N SER A 110 1.48 3.97 -17.55
CA SER A 110 2.56 4.90 -17.86
C SER A 110 2.09 6.30 -17.57
N PHE A 111 2.91 7.07 -16.85
CA PHE A 111 2.61 8.45 -16.50
C PHE A 111 3.80 9.33 -16.83
N ALA A 112 3.51 10.58 -17.18
CA ALA A 112 4.54 11.54 -17.54
C ALA A 112 4.99 12.34 -16.31
N HIS A 113 6.10 13.05 -16.47
CA HIS A 113 6.63 13.93 -15.44
C HIS A 113 6.23 15.37 -15.77
N TRP A 114 5.65 16.05 -14.78
CA TRP A 114 5.09 17.39 -15.00
C TRP A 114 5.84 18.49 -14.27
N MET A 115 6.67 18.15 -13.29
CA MET A 115 7.39 19.15 -12.50
C MET A 115 8.84 19.22 -12.92
N THR A 116 9.40 20.44 -12.95
CA THR A 116 8.74 21.71 -12.66
C THR A 116 7.84 22.12 -13.82
N THR A 117 8.22 21.72 -15.02
CA THR A 117 7.48 21.96 -16.24
C THR A 117 7.33 20.64 -16.98
N PRO A 118 6.23 20.45 -17.73
CA PRO A 118 6.10 19.22 -18.53
C PRO A 118 7.37 18.93 -19.32
N ASN A 119 8.02 17.81 -19.01
CA ASN A 119 9.34 17.49 -19.56
C ASN A 119 9.18 17.05 -21.00
N ARG A 120 8.97 18.03 -21.88
CA ARG A 120 8.88 17.79 -23.30
C ARG A 120 9.68 18.85 -24.04
N MET A 121 10.33 18.43 -25.12
CA MET A 121 11.13 19.33 -25.95
C MET A 121 10.69 19.19 -27.40
N LEU A 122 10.69 20.30 -28.11
CA LEU A 122 10.33 20.33 -29.53
C LEU A 122 11.34 21.19 -30.27
N ARG A 123 11.93 20.62 -31.31
CA ARG A 123 12.90 21.34 -32.14
C ARG A 123 12.53 21.17 -33.61
N ILE A 124 12.65 22.26 -34.36
CA ILE A 124 12.25 22.31 -35.75
C ILE A 124 13.38 22.91 -36.56
N TRP A 125 13.71 22.29 -37.68
CA TRP A 125 14.75 22.76 -38.59
C TRP A 125 14.11 23.39 -39.82
N ASN A 126 14.97 23.99 -40.66
CA ASN A 126 14.48 24.69 -41.85
C ASN A 126 13.77 23.73 -42.80
N ASP A 127 14.34 22.53 -43.00
CA ASP A 127 13.76 21.56 -43.92
C ASP A 127 12.43 21.02 -43.45
N GLY A 128 12.04 21.27 -42.20
CA GLY A 128 10.82 20.74 -41.65
C GLY A 128 10.99 19.54 -40.74
N ARG A 129 12.22 19.07 -40.55
CA ARG A 129 12.45 17.96 -39.63
C ARG A 129 12.09 18.38 -38.21
N VAL A 130 11.42 17.48 -37.49
CA VAL A 130 10.90 17.75 -36.16
C VAL A 130 11.48 16.73 -35.19
N LEU A 131 12.00 17.22 -34.07
CA LEU A 131 12.45 16.37 -32.97
C LEU A 131 11.55 16.61 -31.78
N TYR A 132 10.96 15.53 -31.26
CA TYR A 132 10.03 15.61 -30.13
C TYR A 132 10.38 14.50 -29.15
N THR A 133 11.04 14.86 -28.06
CA THR A 133 11.44 13.92 -27.04
C THR A 133 10.59 14.11 -25.79
N LEU A 134 10.36 13.01 -25.08
CA LEU A 134 9.47 13.01 -23.92
C LEU A 134 10.05 12.08 -22.86
N ARG A 135 9.89 12.47 -21.60
CA ARG A 135 10.32 11.67 -20.47
C ARG A 135 9.14 10.87 -19.94
N LEU A 136 9.34 9.58 -19.74
CA LEU A 136 8.25 8.68 -19.36
C LEU A 136 8.73 7.74 -18.26
N THR A 137 7.77 7.23 -17.50
CA THR A 137 8.00 6.19 -16.51
C THR A 137 7.02 5.06 -16.81
N ILE A 138 7.49 4.04 -17.52
CA ILE A 138 6.64 2.97 -18.02
C ILE A 138 6.67 1.81 -17.03
N SER A 139 5.50 1.31 -16.67
CA SER A 139 5.36 0.12 -15.83
C SER A 139 4.78 -0.99 -16.71
N ALA A 140 5.67 -1.71 -17.37
CA ALA A 140 5.29 -2.77 -18.31
C ALA A 140 5.25 -4.12 -17.62
N GLU A 141 4.68 -5.09 -18.31
CA GLU A 141 4.53 -6.45 -17.81
C GLU A 141 5.63 -7.32 -18.39
N CYS A 142 6.30 -8.10 -17.53
CA CYS A 142 7.40 -8.97 -17.91
C CYS A 142 7.09 -10.39 -17.45
N PRO A 143 6.43 -11.20 -18.28
CA PRO A 143 6.19 -12.59 -17.89
C PRO A 143 7.50 -13.33 -17.68
N MET A 144 7.51 -14.20 -16.68
CA MET A 144 8.72 -14.93 -16.30
C MET A 144 8.39 -16.40 -16.07
N ASP A 145 9.30 -17.28 -16.45
CA ASP A 145 9.20 -18.71 -16.19
C ASP A 145 10.17 -19.04 -15.07
N LEU A 146 9.64 -19.14 -13.85
CA LEU A 146 10.47 -19.37 -12.67
C LEU A 146 10.67 -20.86 -12.40
N GLU A 147 11.13 -21.58 -13.42
CA GLU A 147 11.42 -23.00 -13.27
C GLU A 147 12.84 -23.24 -12.76
N ASP A 148 13.79 -22.39 -13.15
CA ASP A 148 15.16 -22.47 -12.67
C ASP A 148 15.46 -21.47 -11.56
N PHE A 149 14.43 -20.87 -10.98
CA PHE A 149 14.63 -19.89 -9.93
C PHE A 149 15.39 -20.52 -8.77
N PRO A 150 16.39 -19.83 -8.19
CA PRO A 150 16.88 -18.48 -8.51
C PRO A 150 17.91 -18.44 -9.63
N MET A 151 18.23 -19.58 -10.26
CA MET A 151 19.17 -19.59 -11.38
C MET A 151 18.41 -19.45 -12.70
N ASP A 152 17.69 -18.34 -12.80
CA ASP A 152 16.82 -18.07 -13.95
C ASP A 152 17.25 -16.77 -14.63
N GLU A 153 17.10 -16.76 -15.96
CA GLU A 153 17.34 -15.59 -16.77
C GLU A 153 16.03 -15.11 -17.38
N GLN A 154 15.82 -13.80 -17.36
CA GLN A 154 14.59 -13.19 -17.83
C GLN A 154 14.87 -12.22 -18.96
N ASN A 155 13.90 -12.11 -19.88
CA ASN A 155 14.00 -11.24 -21.05
C ASN A 155 12.76 -10.35 -21.05
N CYS A 156 12.84 -9.22 -20.38
CA CYS A 156 11.70 -8.31 -20.28
C CYS A 156 11.63 -7.43 -21.53
N PRO A 157 10.54 -7.48 -22.30
CA PRO A 157 10.46 -6.68 -23.53
C PRO A 157 9.83 -5.31 -23.27
N LEU A 158 9.84 -4.50 -24.33
CA LEU A 158 9.19 -3.19 -24.31
C LEU A 158 8.70 -2.89 -25.71
N LYS A 159 7.39 -3.01 -25.92
CA LYS A 159 6.79 -2.89 -27.24
C LYS A 159 6.01 -1.57 -27.32
N PHE A 160 6.19 -0.85 -28.42
CA PHE A 160 5.47 0.40 -28.63
C PHE A 160 5.24 0.60 -30.12
N GLY A 161 4.26 1.44 -30.43
CA GLY A 161 3.93 1.73 -31.81
C GLY A 161 2.73 2.65 -31.88
N SER A 162 2.30 2.92 -33.11
CA SER A 162 1.15 3.79 -33.33
C SER A 162 -0.13 3.09 -32.90
N TYR A 163 -1.06 3.86 -32.35
CA TYR A 163 -2.34 3.33 -31.92
C TYR A 163 -3.41 3.43 -33.02
N ALA A 164 -3.38 4.50 -33.81
CA ALA A 164 -4.40 4.75 -34.81
C ALA A 164 -3.91 4.67 -36.25
N TYR A 165 -2.61 4.81 -36.49
CA TYR A 165 -2.10 4.84 -37.85
C TYR A 165 -1.48 3.49 -38.19
N PRO A 166 -2.05 2.71 -39.12
CA PRO A 166 -1.48 1.40 -39.45
C PRO A 166 -0.12 1.49 -40.13
N ASN A 167 0.43 0.34 -40.51
CA ASN A 167 1.74 0.30 -41.14
C ASN A 167 1.75 1.04 -42.48
N SER A 168 0.60 1.21 -43.12
CA SER A 168 0.53 1.87 -44.41
C SER A 168 0.56 3.38 -44.31
N GLU A 169 0.49 3.93 -43.10
CA GLU A 169 0.46 5.38 -42.90
C GLU A 169 1.65 5.87 -42.08
N VAL A 170 1.96 5.19 -40.98
CA VAL A 170 3.07 5.58 -40.10
C VAL A 170 3.95 4.35 -39.88
N VAL A 171 5.26 4.53 -40.02
CA VAL A 171 6.22 3.46 -39.82
C VAL A 171 7.29 3.93 -38.86
N TYR A 172 7.62 3.09 -37.89
CA TYR A 172 8.67 3.37 -36.92
C TYR A 172 9.91 2.58 -37.26
N VAL A 173 11.07 3.23 -37.21
CA VAL A 173 12.35 2.60 -37.48
C VAL A 173 13.37 3.13 -36.47
N TRP A 174 14.21 2.22 -35.97
CA TRP A 174 15.28 2.63 -35.08
C TRP A 174 16.31 3.44 -35.86
N THR A 175 16.90 4.43 -35.20
CA THR A 175 17.91 5.28 -35.81
C THR A 175 19.29 4.67 -35.61
N ASN A 176 20.09 4.65 -36.67
CA ASN A 176 21.44 4.09 -36.61
C ASN A 176 21.33 2.62 -36.19
N GLY A 177 22.37 2.09 -35.55
CA GLY A 177 22.38 0.71 -35.13
C GLY A 177 21.63 0.49 -33.84
N SER A 178 21.59 -0.77 -33.42
CA SER A 178 20.88 -1.14 -32.20
C SER A 178 21.53 -0.50 -30.97
N THR A 179 22.86 -0.46 -30.94
CA THR A 179 23.56 0.08 -29.78
C THR A 179 23.22 1.54 -29.57
N LYS A 180 23.21 2.34 -30.64
CA LYS A 180 22.88 3.76 -30.51
C LYS A 180 21.40 3.98 -30.28
N SER A 181 20.55 3.09 -30.79
CA SER A 181 19.11 3.28 -30.69
C SER A 181 18.66 3.28 -29.23
N VAL A 182 19.18 2.35 -28.43
CA VAL A 182 18.83 2.23 -27.03
C VAL A 182 20.11 2.37 -26.19
N VAL A 183 20.08 3.27 -25.23
CA VAL A 183 21.22 3.52 -24.35
C VAL A 183 20.74 3.48 -22.91
N VAL A 184 21.52 2.81 -22.05
CA VAL A 184 21.21 2.68 -20.63
C VAL A 184 22.31 3.37 -19.84
N ALA A 185 21.92 4.25 -18.93
CA ALA A 185 22.89 4.93 -18.09
C ALA A 185 23.61 3.94 -17.19
N GLU A 186 24.88 4.23 -16.91
CA GLU A 186 25.69 3.33 -16.09
C GLU A 186 25.08 3.16 -14.71
N ASP A 187 24.66 4.25 -14.08
CA ASP A 187 24.04 4.18 -12.75
C ASP A 187 22.57 3.78 -12.81
N GLY A 188 21.94 3.90 -13.98
CA GLY A 188 20.54 3.52 -14.08
C GLY A 188 20.33 2.03 -13.92
N SER A 189 21.21 1.22 -14.50
CA SER A 189 21.08 -0.23 -14.46
C SER A 189 21.63 -0.75 -13.13
N ARG A 190 20.85 -0.51 -12.08
CA ARG A 190 21.18 -0.95 -10.73
C ARG A 190 19.94 -1.61 -10.13
N LEU A 191 19.99 -2.93 -9.98
CA LEU A 191 18.90 -3.70 -9.41
C LEU A 191 19.43 -4.53 -8.26
N ASN A 192 18.56 -4.77 -7.27
CA ASN A 192 18.97 -5.48 -6.07
C ASN A 192 19.12 -6.98 -6.32
N GLN A 193 18.37 -7.54 -7.29
CA GLN A 193 18.38 -8.97 -7.52
C GLN A 193 18.42 -9.31 -9.00
N TYR A 194 19.05 -8.47 -9.82
CA TYR A 194 19.17 -8.74 -11.24
C TYR A 194 20.40 -8.05 -11.81
N HIS A 195 20.99 -8.66 -12.82
CA HIS A 195 22.07 -8.08 -13.60
C HIS A 195 21.55 -7.76 -14.99
N LEU A 196 21.76 -6.52 -15.44
CA LEU A 196 21.34 -6.10 -16.78
C LEU A 196 22.46 -6.46 -17.75
N MET A 197 22.38 -7.67 -18.31
CA MET A 197 23.45 -8.16 -19.17
C MET A 197 23.57 -7.31 -20.44
N GLY A 198 22.44 -6.96 -21.04
CA GLY A 198 22.47 -6.18 -22.27
C GLY A 198 21.07 -5.93 -22.76
N GLN A 199 21.01 -5.26 -23.93
CA GLN A 199 19.74 -4.90 -24.54
C GLN A 199 19.78 -5.25 -26.03
N THR A 200 18.61 -5.59 -26.56
CA THR A 200 18.45 -5.87 -27.98
C THR A 200 17.17 -5.22 -28.47
N VAL A 201 17.15 -4.89 -29.76
CA VAL A 201 16.02 -4.22 -30.38
C VAL A 201 15.63 -4.97 -31.65
N GLY A 202 14.39 -4.75 -32.08
CA GLY A 202 13.89 -5.38 -33.28
C GLY A 202 12.59 -4.74 -33.72
N THR A 203 12.12 -5.17 -34.88
CA THR A 203 10.87 -4.67 -35.44
C THR A 203 10.07 -5.84 -35.98
N GLU A 204 8.75 -5.67 -36.00
CA GLU A 204 7.85 -6.69 -36.54
C GLU A 204 6.53 -6.05 -36.91
N ASN A 205 5.78 -6.76 -37.74
CA ASN A 205 4.44 -6.35 -38.15
C ASN A 205 3.42 -7.31 -37.55
N ILE A 206 2.38 -6.75 -36.94
CA ILE A 206 1.29 -7.54 -36.35
C ILE A 206 0.01 -7.24 -37.12
N SER A 207 -0.69 -8.29 -37.51
CA SER A 207 -1.97 -8.15 -38.22
C SER A 207 -3.10 -8.12 -37.20
N THR A 208 -3.93 -7.07 -37.27
CA THR A 208 -5.03 -6.89 -36.35
C THR A 208 -6.28 -6.53 -37.14
N SER A 209 -7.42 -6.59 -36.45
CA SER A 209 -8.69 -6.25 -37.09
C SER A 209 -8.73 -4.80 -37.55
N THR A 210 -7.94 -3.93 -36.93
CA THR A 210 -7.87 -2.52 -37.31
C THR A 210 -6.78 -2.26 -38.35
N GLY A 211 -6.05 -3.28 -38.77
CA GLY A 211 -5.00 -3.14 -39.76
C GLY A 211 -3.66 -3.59 -39.23
N GLU A 212 -2.67 -3.56 -40.12
CA GLU A 212 -1.31 -3.93 -39.75
C GLU A 212 -0.60 -2.76 -39.09
N TYR A 213 0.11 -3.05 -38.01
CA TYR A 213 0.86 -2.05 -37.26
C TYR A 213 2.28 -2.56 -37.05
N THR A 214 3.26 -1.71 -37.36
CA THR A 214 4.65 -2.03 -37.09
C THR A 214 4.91 -1.88 -35.59
N ILE A 215 5.59 -2.86 -35.00
CA ILE A 215 5.86 -2.90 -33.57
C ILE A 215 7.36 -2.79 -33.36
N MET A 216 7.76 -1.82 -32.55
CA MET A 216 9.16 -1.63 -32.17
C MET A 216 9.35 -2.23 -30.79
N THR A 217 10.25 -3.21 -30.68
CA THR A 217 10.44 -3.97 -29.46
C THR A 217 11.88 -3.83 -28.97
N ALA A 218 12.02 -3.64 -27.67
CA ALA A 218 13.32 -3.61 -27.01
C ALA A 218 13.32 -4.63 -25.89
N HIS A 219 14.29 -5.54 -25.92
CA HIS A 219 14.39 -6.62 -24.94
C HIS A 219 15.57 -6.36 -24.01
N PHE A 220 15.33 -6.47 -22.71
CA PHE A 220 16.36 -6.32 -21.69
C PHE A 220 16.66 -7.69 -21.09
N HIS A 221 17.93 -8.09 -21.17
CA HIS A 221 18.36 -9.38 -20.66
C HIS A 221 18.70 -9.25 -19.18
N LEU A 222 18.04 -10.04 -18.34
CA LEU A 222 18.23 -10.00 -16.89
C LEU A 222 18.79 -11.32 -16.41
N LYS A 223 19.86 -11.25 -15.62
CA LYS A 223 20.47 -12.42 -14.99
C LYS A 223 20.35 -12.24 -13.49
N ARG A 224 19.45 -13.00 -12.87
CA ARG A 224 19.24 -12.88 -11.44
C ARG A 224 20.54 -13.16 -10.69
N LYS A 225 20.87 -12.29 -9.75
CA LYS A 225 22.09 -12.43 -8.97
C LYS A 225 21.77 -13.18 -7.68
N ILE A 226 22.46 -14.28 -7.45
CA ILE A 226 22.26 -15.08 -6.27
C ILE A 226 23.14 -14.55 -5.14
N GLY A 227 22.75 -14.87 -3.92
CA GLY A 227 23.48 -14.40 -2.74
C GLY A 227 22.54 -13.96 -1.64
N TYR A 228 21.39 -13.40 -2.02
CA TYR A 228 20.37 -13.09 -1.04
C TYR A 228 19.66 -14.36 -0.58
N PHE A 229 19.36 -15.27 -1.51
CA PHE A 229 18.72 -16.52 -1.16
C PHE A 229 19.69 -17.47 -0.48
N VAL A 230 20.98 -17.37 -0.81
CA VAL A 230 21.98 -18.16 -0.11
C VAL A 230 22.00 -17.79 1.37
N ILE A 231 21.96 -16.50 1.67
CA ILE A 231 21.94 -16.03 3.05
C ILE A 231 20.57 -16.20 3.69
N GLN A 232 19.52 -16.33 2.89
CA GLN A 232 18.15 -16.36 3.40
C GLN A 232 17.57 -17.76 3.46
N THR A 233 17.81 -18.60 2.44
CA THR A 233 17.19 -19.90 2.34
C THR A 233 18.18 -21.06 2.38
N TYR A 234 19.20 -21.03 1.52
CA TYR A 234 20.08 -22.19 1.40
C TYR A 234 20.86 -22.43 2.68
N LEU A 235 21.51 -21.38 3.20
CA LEU A 235 22.35 -21.58 4.40
C LEU A 235 21.55 -22.09 5.59
N PRO A 236 20.42 -21.49 5.95
CA PRO A 236 19.63 -22.07 7.06
C PRO A 236 19.24 -23.51 6.80
N CYS A 237 18.89 -23.85 5.56
CA CYS A 237 18.56 -25.24 5.24
C CYS A 237 19.80 -26.13 5.37
N ILE A 238 20.94 -25.66 4.88
CA ILE A 238 22.15 -26.47 4.94
C ILE A 238 22.57 -26.71 6.38
N MET A 239 22.58 -25.65 7.19
CA MET A 239 22.99 -25.78 8.58
C MET A 239 21.97 -26.61 9.37
N THR A 240 20.69 -26.50 9.04
CA THR A 240 19.68 -27.30 9.70
C THR A 240 19.91 -28.79 9.46
N VAL A 241 20.26 -29.16 8.24
CA VAL A 241 20.56 -30.55 7.94
C VAL A 241 21.77 -31.03 8.75
N ILE A 242 22.82 -30.20 8.81
CA ILE A 242 23.99 -30.56 9.60
C ILE A 242 23.61 -30.71 11.07
N LEU A 243 22.70 -29.87 11.56
CA LEU A 243 22.27 -29.97 12.94
C LEU A 243 21.61 -31.31 13.21
N SER A 244 20.78 -31.78 12.28
CA SER A 244 20.12 -33.07 12.46
C SER A 244 21.12 -34.21 12.55
N GLN A 245 22.16 -34.17 11.71
CA GLN A 245 23.15 -35.25 11.69
C GLN A 245 23.92 -35.35 12.99
N VAL A 246 23.91 -34.30 13.81
CA VAL A 246 24.60 -34.37 15.10
C VAL A 246 23.96 -35.42 16.00
N SER A 247 22.67 -35.69 15.80
CA SER A 247 21.98 -36.68 16.62
C SER A 247 22.62 -38.05 16.50
N PHE A 248 23.23 -38.35 15.35
CA PHE A 248 23.86 -39.65 15.15
C PHE A 248 25.03 -39.88 16.09
N TRP A 249 25.59 -38.81 16.66
CA TRP A 249 26.73 -38.92 17.57
C TRP A 249 26.31 -39.04 19.03
N LEU A 250 25.01 -39.11 19.31
CA LEU A 250 24.50 -39.26 20.67
C LEU A 250 24.13 -40.72 20.92
N ASN A 251 24.14 -41.09 22.19
CA ASN A 251 23.82 -42.46 22.58
C ASN A 251 22.35 -42.76 22.33
N ARG A 252 22.09 -44.04 22.01
CA ARG A 252 20.72 -44.44 21.71
C ARG A 252 19.81 -44.26 22.91
N GLU A 253 20.29 -44.60 24.11
CA GLU A 253 19.44 -44.52 25.30
C GLU A 253 18.94 -43.11 25.55
N SER A 254 19.63 -42.08 25.04
CA SER A 254 19.18 -40.70 25.18
C SER A 254 18.04 -40.45 24.19
N VAL A 255 16.90 -41.08 24.48
CA VAL A 255 15.76 -41.02 23.58
C VAL A 255 15.24 -39.60 23.46
N ALA A 256 15.08 -38.92 24.60
CA ALA A 256 14.54 -37.56 24.57
C ALA A 256 15.48 -36.62 23.84
N ALA A 257 16.78 -36.75 24.07
CA ALA A 257 17.74 -35.83 23.45
C ALA A 257 17.69 -35.92 21.93
N ARG A 258 17.67 -37.14 21.39
CA ARG A 258 17.65 -37.31 19.94
C ARG A 258 16.29 -36.96 19.36
N THR A 259 15.22 -37.15 20.14
CA THR A 259 13.89 -36.77 19.67
C THR A 259 13.80 -35.27 19.45
N VAL A 260 14.39 -34.48 20.34
CA VAL A 260 14.39 -33.03 20.19
C VAL A 260 15.07 -32.63 18.89
N PHE A 261 16.22 -33.24 18.59
CA PHE A 261 16.92 -32.94 17.35
C PHE A 261 16.03 -33.17 16.15
N GLY A 262 15.42 -34.36 16.05
CA GLY A 262 14.61 -34.67 14.88
C GLY A 262 13.37 -33.82 14.77
N VAL A 263 12.66 -33.63 15.88
CA VAL A 263 11.41 -32.87 15.85
C VAL A 263 11.70 -31.40 15.51
N THR A 264 12.67 -30.80 16.20
CA THR A 264 12.96 -29.40 15.97
C THR A 264 13.45 -29.16 14.55
N THR A 265 14.35 -30.01 14.05
CA THR A 265 14.88 -29.83 12.71
C THR A 265 13.79 -29.99 11.65
N VAL A 266 12.92 -30.99 11.82
CA VAL A 266 11.86 -31.23 10.84
C VAL A 266 10.92 -30.03 10.77
N LEU A 267 10.53 -29.50 11.93
CA LEU A 267 9.66 -28.34 11.94
C LEU A 267 10.40 -27.10 11.46
N THR A 268 11.69 -26.99 11.74
CA THR A 268 12.46 -25.85 11.26
C THR A 268 12.46 -25.80 9.73
N MET A 269 12.64 -26.95 9.09
CA MET A 269 12.58 -26.99 7.63
C MET A 269 11.18 -26.69 7.12
N THR A 270 10.16 -27.11 7.85
CA THR A 270 8.78 -26.86 7.43
C THR A 270 8.50 -25.36 7.35
N THR A 271 8.92 -24.62 8.38
CA THR A 271 8.68 -23.18 8.38
C THR A 271 9.55 -22.46 7.35
N LEU A 272 10.76 -22.96 7.10
CA LEU A 272 11.61 -22.34 6.09
C LEU A 272 10.97 -22.41 4.72
N SER A 273 10.37 -23.55 4.39
CA SER A 273 9.69 -23.67 3.10
C SER A 273 8.55 -22.66 3.00
N ILE A 274 7.76 -22.51 4.06
CA ILE A 274 6.67 -21.54 4.06
C ILE A 274 7.22 -20.12 3.95
N SER A 275 8.24 -19.81 4.75
CA SER A 275 8.80 -18.47 4.74
C SER A 275 9.42 -18.14 3.37
N ALA A 276 10.11 -19.11 2.77
CA ALA A 276 10.81 -18.85 1.52
C ALA A 276 9.84 -18.44 0.42
N ARG A 277 8.70 -19.13 0.33
CA ARG A 277 7.75 -18.87 -0.74
C ARG A 277 6.89 -17.63 -0.50
N ASN A 278 6.96 -17.04 0.70
CA ASN A 278 6.19 -15.82 0.94
C ASN A 278 6.63 -14.70 0.02
N SER A 279 7.95 -14.52 -0.16
CA SER A 279 8.45 -13.50 -1.07
C SER A 279 8.27 -13.94 -2.52
N LEU A 280 8.46 -15.23 -2.80
CA LEU A 280 8.33 -15.72 -4.16
C LEU A 280 6.88 -15.60 -4.64
N PRO A 281 6.67 -15.33 -5.93
CA PRO A 281 5.30 -15.30 -6.45
C PRO A 281 4.62 -16.66 -6.29
N LYS A 282 3.30 -16.61 -6.10
CA LYS A 282 2.51 -17.81 -5.85
C LYS A 282 2.30 -18.57 -7.17
N VAL A 283 3.40 -19.12 -7.67
CA VAL A 283 3.38 -19.91 -8.90
C VAL A 283 3.01 -21.34 -8.57
N ALA A 284 2.19 -21.95 -9.42
CA ALA A 284 1.70 -23.31 -9.19
C ALA A 284 2.61 -24.35 -9.84
N TYR A 285 3.90 -24.29 -9.53
CA TYR A 285 4.84 -25.32 -9.96
C TYR A 285 6.08 -25.22 -9.10
N ALA A 286 6.87 -26.31 -9.11
CA ALA A 286 8.04 -26.41 -8.27
C ALA A 286 9.23 -25.73 -8.93
N THR A 287 9.97 -24.95 -8.15
CA THR A 287 11.18 -24.28 -8.61
C THR A 287 12.41 -25.07 -8.16
N ALA A 288 13.58 -24.63 -8.61
CA ALA A 288 14.82 -25.29 -8.20
C ALA A 288 15.03 -25.19 -6.70
N MET A 289 14.70 -24.04 -6.11
CA MET A 289 14.85 -23.88 -4.67
C MET A 289 13.92 -24.84 -3.92
N ASP A 290 12.72 -25.06 -4.44
CA ASP A 290 11.79 -25.97 -3.80
C ASP A 290 12.36 -27.39 -3.73
N TRP A 291 12.99 -27.84 -4.81
CA TRP A 291 13.60 -29.16 -4.81
C TRP A 291 14.71 -29.25 -3.77
N PHE A 292 15.53 -28.19 -3.67
CA PHE A 292 16.59 -28.18 -2.67
C PHE A 292 16.02 -28.28 -1.27
N ILE A 293 14.95 -27.54 -0.99
CA ILE A 293 14.31 -27.61 0.31
C ILE A 293 13.70 -28.99 0.54
N ALA A 294 13.07 -29.55 -0.50
CA ALA A 294 12.45 -30.86 -0.35
C ALA A 294 13.49 -31.93 -0.01
N VAL A 295 14.63 -31.90 -0.69
CA VAL A 295 15.69 -32.87 -0.39
C VAL A 295 16.20 -32.67 1.03
N CYS A 296 16.41 -31.41 1.43
CA CYS A 296 16.86 -31.14 2.79
C CYS A 296 15.84 -31.63 3.81
N TYR A 297 14.54 -31.47 3.51
CA TYR A 297 13.52 -31.99 4.39
C TYR A 297 13.60 -33.52 4.50
N ALA A 298 13.92 -34.18 3.39
CA ALA A 298 14.06 -35.63 3.41
C ALA A 298 15.22 -36.06 4.31
N PHE A 299 16.34 -35.35 4.24
CA PHE A 299 17.50 -35.72 5.04
C PHE A 299 17.19 -35.61 6.53
N VAL A 300 16.61 -34.49 6.96
CA VAL A 300 16.29 -34.32 8.37
C VAL A 300 15.21 -35.32 8.78
N PHE A 301 14.20 -35.51 7.93
CA PHE A 301 13.15 -36.49 8.25
C PHE A 301 13.71 -37.89 8.27
N SER A 302 14.59 -38.22 7.33
CA SER A 302 15.19 -39.55 7.30
C SER A 302 16.02 -39.82 8.54
N ALA A 303 16.72 -38.80 9.04
CA ALA A 303 17.51 -38.98 10.25
C ALA A 303 16.63 -39.36 11.43
N LEU A 304 15.47 -38.72 11.56
CA LEU A 304 14.55 -39.07 12.64
C LEU A 304 14.06 -40.50 12.47
N LEU A 305 13.75 -40.92 11.24
CA LEU A 305 13.33 -42.30 11.01
C LEU A 305 14.43 -43.27 11.38
N GLU A 306 15.68 -42.92 11.10
CA GLU A 306 16.80 -43.79 11.48
C GLU A 306 16.85 -43.98 12.99
N PHE A 307 16.67 -42.90 13.74
CA PHE A 307 16.64 -43.02 15.19
C PHE A 307 15.47 -43.87 15.66
N ALA A 308 14.29 -43.66 15.08
CA ALA A 308 13.13 -44.46 15.47
C ALA A 308 13.35 -45.93 15.16
N PHE A 309 13.88 -46.23 13.98
CA PHE A 309 14.20 -47.62 13.66
C PHE A 309 15.30 -48.16 14.57
N VAL A 310 16.32 -47.36 14.84
CA VAL A 310 17.40 -47.79 15.73
C VAL A 310 16.86 -48.02 17.13
N ASN A 311 16.05 -47.10 17.63
CA ASN A 311 15.47 -47.25 18.96
C ASN A 311 14.47 -48.38 19.03
N TYR A 312 13.91 -48.79 17.89
CA TYR A 312 12.94 -49.88 17.88
C TYR A 312 13.61 -51.24 18.04
N ILE A 313 14.82 -51.40 17.53
CA ILE A 313 15.54 -52.67 17.58
C ILE A 313 16.74 -52.62 18.52
N THR A 314 16.85 -51.55 19.32
CA THR A 314 17.99 -51.43 20.21
C THR A 314 18.03 -52.53 21.27
N LYS A 315 16.90 -53.22 21.49
CA LYS A 315 16.83 -54.27 22.49
C LYS A 315 16.95 -55.66 21.87
N SER A 316 16.16 -55.96 20.84
CA SER A 316 16.18 -57.30 20.26
C SER A 316 17.54 -57.61 19.64
N GLN A 317 18.07 -56.70 18.83
CA GLN A 317 19.35 -56.87 18.15
C GLN A 317 20.17 -55.61 18.33
N PRO A 318 20.75 -55.41 19.52
CA PRO A 318 21.56 -54.19 19.73
C PRO A 318 22.74 -54.07 18.80
N ALA A 319 23.33 -55.19 18.36
CA ALA A 319 24.53 -55.13 17.55
C ALA A 319 24.28 -54.39 16.24
N ARG A 320 23.16 -54.70 15.56
CA ARG A 320 22.87 -54.02 14.31
C ARG A 320 22.52 -52.57 14.53
N ALA A 321 21.87 -52.25 15.65
CA ALA A 321 21.49 -50.85 15.92
C ALA A 321 22.72 -49.95 15.99
N ALA A 322 23.77 -50.41 16.68
CA ALA A 322 24.98 -49.61 16.78
C ALA A 322 25.64 -49.41 15.43
N LYS A 323 25.67 -50.48 14.61
CA LYS A 323 26.30 -50.37 13.30
C LYS A 323 25.56 -49.36 12.42
N ILE A 324 24.23 -49.39 12.45
CA ILE A 324 23.45 -48.46 11.64
C ILE A 324 23.74 -47.02 12.08
N ASP A 325 23.74 -46.79 13.40
CA ASP A 325 24.03 -45.45 13.89
C ASP A 325 25.43 -45.00 13.52
N LYS A 326 26.41 -45.89 13.65
CA LYS A 326 27.77 -45.55 13.27
C LYS A 326 27.87 -45.30 11.77
N MET A 327 27.24 -46.15 10.96
CA MET A 327 27.29 -45.98 9.51
C MET A 327 26.62 -44.68 9.08
N SER A 328 25.49 -44.35 9.71
CA SER A 328 24.77 -43.13 9.34
C SER A 328 25.62 -41.88 9.52
N ARG A 329 26.59 -41.92 10.44
CA ARG A 329 27.46 -40.78 10.66
C ARG A 329 28.29 -40.46 9.42
N ILE A 330 28.51 -41.44 8.54
CA ILE A 330 29.31 -41.24 7.34
C ILE A 330 28.44 -41.08 6.09
N VAL A 331 27.40 -41.90 5.96
CA VAL A 331 26.58 -41.88 4.76
C VAL A 331 25.87 -40.54 4.60
N PHE A 332 25.22 -40.08 5.66
CA PHE A 332 24.41 -38.87 5.56
C PHE A 332 25.23 -37.66 5.14
N PRO A 333 26.36 -37.34 5.78
CA PRO A 333 27.16 -36.20 5.29
C PRO A 333 27.62 -36.35 3.85
N ILE A 334 27.96 -37.57 3.44
CA ILE A 334 28.45 -37.78 2.08
C ILE A 334 27.34 -37.52 1.07
N LEU A 335 26.16 -38.09 1.30
CA LEU A 335 25.06 -37.92 0.35
C LEU A 335 24.65 -36.45 0.25
N PHE A 336 24.55 -35.76 1.39
CA PHE A 336 24.17 -34.35 1.34
C PHE A 336 25.21 -33.52 0.61
N GLY A 337 26.50 -33.78 0.86
CA GLY A 337 27.53 -33.10 0.11
C GLY A 337 27.52 -33.45 -1.37
N THR A 338 27.30 -34.73 -1.68
CA THR A 338 27.23 -35.15 -3.07
C THR A 338 26.05 -34.49 -3.78
N PHE A 339 24.91 -34.39 -3.10
CA PHE A 339 23.73 -33.76 -3.70
C PHE A 339 24.01 -32.31 -4.07
N ASN A 340 24.68 -31.58 -3.18
CA ASN A 340 24.95 -30.17 -3.44
C ASN A 340 25.81 -29.99 -4.68
N LEU A 341 26.85 -30.81 -4.83
CA LEU A 341 27.70 -30.71 -6.01
C LEU A 341 26.91 -30.91 -7.29
N VAL A 342 26.04 -31.93 -7.31
CA VAL A 342 25.19 -32.16 -8.47
C VAL A 342 24.22 -30.99 -8.64
N TYR A 343 23.60 -30.55 -7.54
CA TYR A 343 22.61 -29.48 -7.63
C TYR A 343 23.24 -28.19 -8.13
N TRP A 344 24.32 -27.75 -7.49
CA TRP A 344 24.95 -26.50 -7.90
C TRP A 344 25.54 -26.59 -9.30
N ALA A 345 26.21 -27.70 -9.61
CA ALA A 345 26.79 -27.86 -10.93
C ALA A 345 25.70 -27.91 -12.01
N THR A 346 24.58 -28.57 -11.70
CA THR A 346 23.51 -28.71 -12.69
C THR A 346 22.95 -27.34 -13.09
N TYR A 347 22.74 -26.46 -12.12
CA TYR A 347 22.15 -25.16 -12.40
C TYR A 347 23.18 -24.09 -12.70
N LEU A 348 24.38 -24.18 -12.11
CA LEU A 348 25.45 -23.23 -12.39
C LEU A 348 26.27 -23.68 -13.61
N ASN A 349 25.55 -23.90 -14.70
CA ASN A 349 26.17 -24.37 -15.94
C ASN A 349 25.20 -24.24 -17.11
N ASN B 14 -6.10 54.37 -7.91
CA ASN B 14 -4.68 54.10 -7.73
C ASN B 14 -4.35 52.64 -8.05
N ILE B 15 -5.38 51.84 -8.25
CA ILE B 15 -5.19 50.42 -8.57
C ILE B 15 -5.24 50.17 -10.08
N THR B 16 -5.92 51.04 -10.83
CA THR B 16 -6.00 50.85 -12.28
C THR B 16 -4.63 50.96 -12.94
N ILE B 17 -3.70 51.68 -12.31
CA ILE B 17 -2.38 51.83 -12.90
C ILE B 17 -1.68 50.48 -13.00
N PHE B 18 -1.80 49.66 -11.96
CA PHE B 18 -1.17 48.33 -11.98
C PHE B 18 -1.76 47.48 -13.10
N THR B 19 -3.08 47.57 -13.32
CA THR B 19 -3.70 46.79 -14.38
C THR B 19 -3.14 47.16 -15.75
N ARG B 20 -2.93 48.45 -16.00
CA ARG B 20 -2.38 48.87 -17.28
C ARG B 20 -0.97 48.33 -17.48
N ILE B 21 -0.16 48.34 -16.43
CA ILE B 21 1.22 47.86 -16.54
C ILE B 21 1.23 46.39 -16.95
N LEU B 22 0.41 45.58 -16.29
CA LEU B 22 0.37 44.15 -16.63
C LEU B 22 -0.10 43.94 -18.05
N ASP B 23 -1.13 44.68 -18.48
CA ASP B 23 -1.60 44.55 -19.85
C ASP B 23 -0.53 44.95 -20.85
N GLY B 24 0.21 46.03 -20.56
CA GLY B 24 1.25 46.46 -21.47
C GLY B 24 2.35 45.43 -21.64
N LEU B 25 2.79 44.84 -20.52
CA LEU B 25 3.86 43.85 -20.60
C LEU B 25 3.43 42.63 -21.41
N LEU B 26 2.20 42.16 -21.20
CA LEU B 26 1.70 41.01 -21.93
C LEU B 26 1.35 41.34 -23.38
N ASP B 27 1.28 42.62 -23.73
CA ASP B 27 0.97 43.00 -25.10
C ASP B 27 2.18 42.74 -26.00
N GLY B 28 2.01 41.85 -26.96
CA GLY B 28 3.11 41.50 -27.84
C GLY B 28 4.18 40.66 -27.21
N TYR B 29 3.85 39.94 -26.13
CA TYR B 29 4.80 39.10 -25.42
C TYR B 29 4.57 37.64 -25.82
N ASP B 30 5.64 36.98 -26.27
CA ASP B 30 5.58 35.57 -26.66
C ASP B 30 6.25 34.77 -25.57
N ASN B 31 5.48 33.92 -24.89
CA ASN B 31 6.00 33.08 -23.82
C ASN B 31 6.74 31.86 -24.34
N ARG B 32 6.68 31.58 -25.64
CA ARG B 32 7.37 30.44 -26.23
C ARG B 32 8.83 30.73 -26.54
N LEU B 33 9.29 31.97 -26.36
CA LEU B 33 10.65 32.37 -26.65
C LEU B 33 11.33 32.81 -25.37
N ARG B 34 12.54 32.28 -25.12
CA ARG B 34 13.27 32.65 -23.93
C ARG B 34 13.78 34.09 -24.06
N PRO B 35 13.96 34.78 -22.93
CA PRO B 35 14.52 36.14 -22.99
C PRO B 35 15.94 36.12 -23.53
N GLY B 36 16.28 37.16 -24.28
CA GLY B 36 17.60 37.26 -24.85
C GLY B 36 17.87 36.28 -25.97
N LEU B 37 16.82 35.71 -26.57
CA LEU B 37 17.01 34.75 -27.64
C LEU B 37 17.73 35.40 -28.82
N GLY B 38 18.75 34.70 -29.33
CA GLY B 38 19.53 35.22 -30.44
C GLY B 38 20.40 36.41 -30.13
N GLU B 39 20.51 36.78 -28.85
CA GLU B 39 21.29 37.93 -28.44
C GLU B 39 22.29 37.61 -27.34
N ARG B 40 21.95 36.71 -26.43
CA ARG B 40 22.81 36.38 -25.30
C ARG B 40 22.37 35.03 -24.75
N ILE B 41 22.99 34.61 -23.65
CA ILE B 41 22.67 33.37 -22.96
C ILE B 41 21.90 33.70 -21.71
N THR B 42 20.74 33.07 -21.54
CA THR B 42 19.90 33.33 -20.38
C THR B 42 20.53 32.72 -19.14
N GLN B 43 20.78 33.56 -18.13
CA GLN B 43 21.39 33.13 -16.88
C GLN B 43 20.32 33.05 -15.80
N VAL B 44 20.22 31.89 -15.15
CA VAL B 44 19.23 31.63 -14.12
C VAL B 44 19.95 31.38 -12.80
N ARG B 45 19.60 32.15 -11.79
CA ARG B 45 20.14 31.98 -10.44
C ARG B 45 19.15 31.21 -9.60
N THR B 46 19.61 30.11 -8.98
CA THR B 46 18.76 29.19 -8.26
C THR B 46 19.17 29.10 -6.80
N ASP B 47 18.17 29.16 -5.91
CA ASP B 47 18.37 28.94 -4.49
C ASP B 47 17.29 27.99 -3.99
N MET B 48 17.65 27.20 -2.98
CA MET B 48 16.77 26.15 -2.46
C MET B 48 16.67 26.26 -0.95
N TYR B 49 15.47 26.00 -0.43
CA TYR B 49 15.22 25.93 1.01
C TYR B 49 14.49 24.63 1.28
N VAL B 50 15.13 23.72 2.02
CA VAL B 50 14.56 22.40 2.29
C VAL B 50 13.66 22.53 3.51
N ASN B 51 12.34 22.57 3.27
CA ASN B 51 11.40 22.67 4.37
C ASN B 51 11.42 21.43 5.24
N SER B 52 11.52 20.25 4.62
CA SER B 52 11.55 19.00 5.37
C SER B 52 12.24 17.93 4.52
N PHE B 53 13.22 17.25 5.11
CA PHE B 53 13.91 16.15 4.44
C PHE B 53 13.14 14.87 4.77
N GLY B 54 12.29 14.45 3.84
CA GLY B 54 11.39 13.34 4.07
C GLY B 54 12.11 12.04 4.34
N PRO B 55 11.34 10.97 4.50
CA PRO B 55 11.95 9.67 4.83
C PRO B 55 12.81 9.15 3.69
N VAL B 56 13.84 8.39 4.06
CA VAL B 56 14.74 7.74 3.11
C VAL B 56 14.39 6.27 3.08
N SER B 57 13.82 5.83 1.96
CA SER B 57 13.40 4.44 1.80
C SER B 57 14.60 3.63 1.30
N ASP B 58 15.21 2.86 2.20
CA ASP B 58 16.35 2.05 1.82
C ASP B 58 15.94 0.94 0.85
N THR B 59 14.75 0.36 1.04
CA THR B 59 14.31 -0.73 0.18
C THR B 59 14.18 -0.26 -1.27
N GLU B 60 13.61 0.92 -1.48
CA GLU B 60 13.41 1.47 -2.82
C GLU B 60 14.53 2.39 -3.27
N MET B 61 15.56 2.58 -2.44
CA MET B 61 16.71 3.40 -2.80
C MET B 61 16.26 4.80 -3.25
N GLU B 62 15.33 5.38 -2.50
CA GLU B 62 14.80 6.69 -2.81
C GLU B 62 14.62 7.48 -1.51
N TYR B 63 14.59 8.80 -1.65
CA TYR B 63 14.31 9.69 -0.53
C TYR B 63 13.35 10.77 -1.00
N THR B 64 12.57 11.29 -0.05
CA THR B 64 11.60 12.34 -0.31
C THR B 64 12.06 13.63 0.34
N ILE B 65 11.94 14.73 -0.41
CA ILE B 65 12.37 16.04 0.06
C ILE B 65 11.34 17.08 -0.36
N ASP B 66 11.01 17.97 0.55
CA ASP B 66 10.12 19.10 0.29
C ASP B 66 10.94 20.38 0.33
N ILE B 67 10.89 21.16 -0.75
CA ILE B 67 11.74 22.33 -0.91
C ILE B 67 10.93 23.50 -1.43
N PHE B 68 11.49 24.70 -1.24
CA PHE B 68 10.99 25.92 -1.87
C PHE B 68 12.01 26.28 -2.96
N PHE B 69 11.73 25.84 -4.18
CA PHE B 69 12.66 26.01 -5.29
C PHE B 69 12.45 27.39 -5.90
N ALA B 70 13.49 28.21 -5.88
CA ALA B 70 13.44 29.58 -6.37
C ALA B 70 14.37 29.75 -7.57
N GLN B 71 13.87 30.42 -8.60
CA GLN B 71 14.63 30.70 -9.81
C GLN B 71 14.53 32.19 -10.11
N THR B 72 15.66 32.79 -10.49
CA THR B 72 15.73 34.21 -10.81
C THR B 72 16.43 34.37 -12.16
N TRP B 73 15.88 35.24 -12.99
CA TRP B 73 16.46 35.51 -14.31
C TRP B 73 16.06 36.92 -14.74
N LYS B 74 16.64 37.35 -15.85
CA LYS B 74 16.44 38.69 -16.39
C LYS B 74 15.64 38.61 -17.67
N ASP B 75 14.59 39.42 -17.77
CA ASP B 75 13.74 39.48 -18.96
C ASP B 75 13.49 40.94 -19.29
N GLU B 76 14.14 41.44 -20.34
CA GLU B 76 13.98 42.84 -20.73
C GLU B 76 12.59 43.14 -21.25
N ARG B 77 11.84 42.12 -21.69
CA ARG B 77 10.50 42.36 -22.20
C ARG B 77 9.52 42.76 -21.11
N LEU B 78 9.87 42.54 -19.84
CA LEU B 78 8.99 42.84 -18.72
C LEU B 78 9.35 44.15 -18.01
N ARG B 79 10.23 44.95 -18.60
CA ARG B 79 10.57 46.24 -18.00
C ARG B 79 9.34 47.14 -17.96
N PHE B 80 9.21 47.90 -16.87
CA PHE B 80 8.07 48.77 -16.69
C PHE B 80 8.46 49.94 -15.80
N LYS B 81 7.64 50.98 -15.83
CA LYS B 81 7.83 52.16 -15.00
C LYS B 81 6.55 52.42 -14.22
N GLY B 82 6.69 52.64 -12.92
CA GLY B 82 5.55 52.88 -12.07
C GLY B 82 5.96 53.31 -10.67
N PRO B 83 4.98 53.73 -9.87
CA PRO B 83 5.29 54.16 -8.49
C PRO B 83 5.91 53.06 -7.65
N MET B 84 5.52 51.81 -7.86
CA MET B 84 6.02 50.69 -7.08
C MET B 84 7.15 50.01 -7.83
N GLN B 85 8.27 49.79 -7.14
CA GLN B 85 9.44 49.18 -7.76
C GLN B 85 9.31 47.67 -7.93
N ARG B 86 8.30 47.05 -7.33
CA ARG B 86 8.11 45.62 -7.40
C ARG B 86 6.64 45.32 -7.64
N LEU B 87 6.38 44.15 -8.23
CA LEU B 87 5.02 43.71 -8.56
C LEU B 87 4.81 42.31 -8.01
N PRO B 88 4.53 42.17 -6.71
CA PRO B 88 4.17 40.86 -6.18
C PRO B 88 2.93 40.32 -6.87
N LEU B 89 2.94 39.02 -7.14
CA LEU B 89 1.87 38.39 -7.90
C LEU B 89 1.71 36.95 -7.41
N ASN B 90 1.00 36.14 -8.18
CA ASN B 90 0.71 34.76 -7.81
C ASN B 90 0.83 33.90 -9.08
N ASN B 91 0.33 32.66 -8.99
CA ASN B 91 0.47 31.71 -10.09
C ASN B 91 -0.27 32.15 -11.34
N LEU B 92 -1.19 33.10 -11.23
CA LEU B 92 -2.02 33.45 -12.39
C LEU B 92 -1.18 33.93 -13.56
N LEU B 93 -0.18 34.76 -13.30
CA LEU B 93 0.65 35.31 -14.37
C LEU B 93 1.82 34.41 -14.73
N ALA B 94 2.06 33.33 -13.99
CA ALA B 94 3.21 32.48 -14.28
C ALA B 94 3.11 31.86 -15.66
N SER B 95 1.91 31.38 -16.03
CA SER B 95 1.73 30.74 -17.33
C SER B 95 1.79 31.73 -18.48
N LYS B 96 1.51 33.01 -18.22
CA LYS B 96 1.48 34.00 -19.29
C LYS B 96 2.86 34.42 -19.76
N ILE B 97 3.90 34.18 -18.96
CA ILE B 97 5.26 34.56 -19.33
C ILE B 97 6.11 33.31 -19.51
N TRP B 98 7.35 33.51 -19.93
CA TRP B 98 8.28 32.41 -20.14
C TRP B 98 8.97 32.06 -18.82
N THR B 99 9.04 30.76 -18.52
CA THR B 99 9.75 30.27 -17.36
C THR B 99 10.64 29.11 -17.78
N PRO B 100 11.77 28.92 -17.10
CA PRO B 100 12.66 27.81 -17.47
C PRO B 100 12.00 26.46 -17.30
N ASP B 101 12.33 25.53 -18.19
CA ASP B 101 11.80 24.18 -18.13
C ASP B 101 12.65 23.28 -17.24
N THR B 102 12.91 23.76 -16.02
CA THR B 102 13.76 23.03 -15.10
C THR B 102 13.11 21.70 -14.72
N PHE B 103 13.93 20.66 -14.65
CA PHE B 103 13.46 19.34 -14.26
C PHE B 103 14.57 18.64 -13.49
N PHE B 104 14.17 17.65 -12.69
CA PHE B 104 15.09 16.89 -11.87
C PHE B 104 15.46 15.60 -12.59
N HIS B 105 16.74 15.47 -12.93
CA HIS B 105 17.19 14.33 -13.72
C HIS B 105 16.98 13.02 -12.97
N ASN B 106 17.28 13.01 -11.67
CA ASN B 106 17.13 11.82 -10.85
C ASN B 106 15.78 11.75 -10.14
N GLY B 107 14.89 12.70 -10.39
CA GLY B 107 13.58 12.69 -9.75
C GLY B 107 12.66 11.63 -10.34
N LYS B 108 12.35 10.61 -9.54
CA LYS B 108 11.49 9.54 -10.04
C LYS B 108 10.04 9.98 -10.13
N LYS B 109 9.58 10.77 -9.16
CA LYS B 109 8.19 11.22 -9.15
C LYS B 109 8.10 12.48 -8.30
N SER B 110 7.78 13.61 -8.94
CA SER B 110 7.67 14.90 -8.28
C SER B 110 6.31 15.48 -8.55
N PHE B 111 5.63 15.95 -7.50
CA PHE B 111 4.32 16.55 -7.60
C PHE B 111 4.30 17.87 -6.85
N ALA B 112 3.48 18.80 -7.33
CA ALA B 112 3.36 20.12 -6.73
C ALA B 112 2.24 20.13 -5.70
N HIS B 113 2.21 21.20 -4.91
CA HIS B 113 1.17 21.44 -3.92
C HIS B 113 0.17 22.43 -4.49
N TRP B 114 -1.11 22.08 -4.43
CA TRP B 114 -2.16 22.86 -5.06
C TRP B 114 -3.12 23.52 -4.08
N MET B 115 -3.13 23.09 -2.82
CA MET B 115 -4.06 23.61 -1.83
C MET B 115 -3.33 24.55 -0.88
N THR B 116 -3.99 25.64 -0.49
CA THR B 116 -5.33 26.05 -0.90
C THR B 116 -5.30 26.60 -2.33
N THR B 117 -4.17 27.20 -2.68
CA THR B 117 -3.91 27.76 -4.00
C THR B 117 -2.57 27.23 -4.49
N PRO B 118 -2.41 27.05 -5.81
CA PRO B 118 -1.09 26.63 -6.32
C PRO B 118 0.04 27.45 -5.72
N ASN B 119 0.91 26.78 -4.96
CA ASN B 119 1.94 27.46 -4.18
C ASN B 119 3.05 27.94 -5.12
N ARG B 120 2.76 29.02 -5.82
CA ARG B 120 3.72 29.66 -6.71
C ARG B 120 3.67 31.16 -6.50
N MET B 121 4.83 31.80 -6.57
CA MET B 121 4.95 33.24 -6.43
C MET B 121 5.74 33.80 -7.60
N LEU B 122 5.33 34.97 -8.06
CA LEU B 122 6.00 35.66 -9.16
C LEU B 122 6.17 37.12 -8.80
N ARG B 123 7.39 37.61 -8.88
CA ARG B 123 7.71 39.00 -8.58
C ARG B 123 8.54 39.59 -9.72
N ILE B 124 8.22 40.82 -10.10
CA ILE B 124 8.85 41.49 -11.22
C ILE B 124 9.29 42.88 -10.77
N TRP B 125 10.51 43.24 -11.12
CA TRP B 125 11.07 44.56 -10.81
C TRP B 125 11.09 45.43 -12.05
N ASN B 126 11.45 46.70 -11.85
CA ASN B 126 11.46 47.65 -12.96
C ASN B 126 12.44 47.24 -14.04
N ASP B 127 13.64 46.79 -13.64
CA ASP B 127 14.67 46.42 -14.60
C ASP B 127 14.30 45.18 -15.40
N GLY B 128 13.26 44.46 -15.02
CA GLY B 128 12.87 43.23 -15.69
C GLY B 128 13.29 41.96 -14.98
N ARG B 129 13.97 42.07 -13.85
CA ARG B 129 14.34 40.88 -13.09
C ARG B 129 13.08 40.18 -12.59
N VAL B 130 13.08 38.85 -12.69
CA VAL B 130 11.92 38.03 -12.38
C VAL B 130 12.32 37.02 -11.30
N LEU B 131 11.51 36.93 -10.26
CA LEU B 131 11.66 35.90 -9.23
C LEU B 131 10.46 34.97 -9.30
N TYR B 132 10.73 33.68 -9.44
CA TYR B 132 9.68 32.66 -9.57
C TYR B 132 10.06 31.49 -8.68
N THR B 133 9.40 31.39 -7.53
CA THR B 133 9.64 30.31 -6.58
C THR B 133 8.47 29.35 -6.57
N LEU B 134 8.77 28.08 -6.31
CA LEU B 134 7.79 27.02 -6.38
C LEU B 134 8.06 26.01 -5.26
N ARG B 135 6.98 25.47 -4.69
CA ARG B 135 7.07 24.45 -3.66
C ARG B 135 6.91 23.08 -4.30
N LEU B 136 7.83 22.16 -3.97
CA LEU B 136 7.87 20.86 -4.60
C LEU B 136 8.10 19.79 -3.55
N THR B 137 7.68 18.57 -3.89
CA THR B 137 7.94 17.37 -3.08
C THR B 137 8.57 16.36 -4.02
N ILE B 138 9.90 16.28 -4.00
CA ILE B 138 10.66 15.47 -4.94
C ILE B 138 10.95 14.11 -4.30
N SER B 139 10.68 13.05 -5.04
CA SER B 139 11.01 11.68 -4.63
C SER B 139 12.12 11.19 -5.56
N ALA B 140 13.36 11.47 -5.18
CA ALA B 140 14.53 11.14 -5.98
C ALA B 140 15.11 9.79 -5.56
N GLU B 141 16.01 9.28 -6.40
CA GLU B 141 16.65 7.99 -6.17
C GLU B 141 18.03 8.22 -5.56
N CYS B 142 18.34 7.47 -4.50
CA CYS B 142 19.60 7.59 -3.78
C CYS B 142 20.25 6.21 -3.71
N PRO B 143 21.07 5.86 -4.69
CA PRO B 143 21.78 4.57 -4.61
C PRO B 143 22.69 4.52 -3.39
N MET B 144 22.74 3.35 -2.77
CA MET B 144 23.50 3.16 -1.54
C MET B 144 24.31 1.88 -1.62
N ASP B 145 25.51 1.91 -1.06
CA ASP B 145 26.37 0.74 -0.94
C ASP B 145 26.31 0.27 0.52
N LEU B 146 25.49 -0.74 0.78
CA LEU B 146 25.28 -1.23 2.14
C LEU B 146 26.29 -2.31 2.52
N GLU B 147 27.57 -1.99 2.35
CA GLU B 147 28.62 -2.93 2.73
C GLU B 147 29.03 -2.77 4.19
N ASP B 148 28.97 -1.55 4.72
CA ASP B 148 29.26 -1.27 6.12
C ASP B 148 28.00 -1.12 6.96
N PHE B 149 26.84 -1.50 6.42
CA PHE B 149 25.60 -1.35 7.15
C PHE B 149 25.67 -2.13 8.46
N PRO B 150 25.19 -1.56 9.58
CA PRO B 150 24.57 -0.24 9.74
C PRO B 150 25.58 0.90 9.95
N MET B 151 26.87 0.64 9.90
CA MET B 151 27.88 1.69 10.03
C MET B 151 28.26 2.23 8.65
N ASP B 152 27.24 2.73 7.95
CA ASP B 152 27.38 3.20 6.58
C ASP B 152 27.00 4.67 6.49
N GLU B 153 27.70 5.39 5.61
CA GLU B 153 27.40 6.77 5.30
C GLU B 153 26.93 6.88 3.85
N GLN B 154 25.88 7.67 3.64
CA GLN B 154 25.26 7.81 2.34
C GLN B 154 25.31 9.26 1.88
N ASN B 155 25.40 9.45 0.57
CA ASN B 155 25.48 10.76 -0.06
C ASN B 155 24.37 10.83 -1.12
N CYS B 156 23.18 11.26 -0.72
CA CYS B 156 22.06 11.32 -1.63
C CYS B 156 22.11 12.62 -2.43
N PRO B 157 22.19 12.56 -3.76
CA PRO B 157 22.28 13.77 -4.56
C PRO B 157 20.92 14.28 -4.99
N LEU B 158 20.93 15.46 -5.62
CA LEU B 158 19.73 16.06 -6.18
C LEU B 158 20.15 16.87 -7.40
N LYS B 159 19.88 16.34 -8.59
CA LYS B 159 20.32 16.93 -9.85
C LYS B 159 19.12 17.53 -10.57
N PHE B 160 19.30 18.74 -11.09
CA PHE B 160 18.25 19.40 -11.84
C PHE B 160 18.88 20.31 -12.89
N GLY B 161 18.08 20.62 -13.90
CA GLY B 161 18.55 21.49 -14.97
C GLY B 161 17.48 21.63 -16.03
N SER B 162 17.83 22.35 -17.10
CA SER B 162 16.91 22.56 -18.19
C SER B 162 16.70 21.27 -18.98
N TYR B 163 15.48 21.07 -19.46
CA TYR B 163 15.15 19.90 -20.25
C TYR B 163 15.33 20.13 -21.75
N ALA B 164 15.01 21.34 -22.22
CA ALA B 164 15.03 21.64 -23.65
C ALA B 164 16.10 22.63 -24.06
N TYR B 165 16.61 23.45 -23.14
CA TYR B 165 17.56 24.49 -23.48
C TYR B 165 18.97 24.03 -23.12
N PRO B 166 19.86 23.81 -24.09
CA PRO B 166 21.22 23.36 -23.75
C PRO B 166 22.03 24.42 -23.04
N ASN B 167 23.30 24.09 -22.75
CA ASN B 167 24.18 25.01 -22.04
C ASN B 167 24.42 26.30 -22.82
N SER B 168 24.25 26.28 -24.13
CA SER B 168 24.49 27.46 -24.95
C SER B 168 23.32 28.45 -24.93
N GLU B 169 22.20 28.08 -24.32
CA GLU B 169 21.01 28.93 -24.28
C GLU B 169 20.62 29.31 -22.87
N VAL B 170 20.59 28.35 -21.95
CA VAL B 170 20.21 28.58 -20.56
C VAL B 170 21.30 28.00 -19.66
N VAL B 171 21.72 28.77 -18.67
CA VAL B 171 22.76 28.36 -17.73
C VAL B 171 22.24 28.59 -16.32
N TYR B 172 22.41 27.59 -15.46
CA TYR B 172 22.03 27.67 -14.06
C TYR B 172 23.26 27.88 -13.20
N VAL B 173 23.17 28.81 -12.26
CA VAL B 173 24.26 29.10 -11.34
C VAL B 173 23.67 29.30 -9.94
N TRP B 174 24.34 28.77 -8.93
CA TRP B 174 23.93 29.01 -7.56
C TRP B 174 24.17 30.46 -7.18
N THR B 175 23.27 31.01 -6.37
CA THR B 175 23.38 32.39 -5.93
C THR B 175 24.21 32.45 -4.65
N ASN B 176 25.13 33.41 -4.60
CA ASN B 176 26.00 33.60 -3.43
C ASN B 176 26.79 32.30 -3.22
N GLY B 177 27.19 32.02 -1.98
CA GLY B 177 27.95 30.84 -1.69
C GLY B 177 27.09 29.60 -1.56
N SER B 178 27.77 28.48 -1.30
CA SER B 178 27.06 27.21 -1.17
C SER B 178 26.13 27.21 0.03
N THR B 179 26.57 27.80 1.14
CA THR B 179 25.76 27.80 2.35
C THR B 179 24.44 28.52 2.14
N LYS B 180 24.48 29.69 1.49
CA LYS B 180 23.25 30.44 1.25
C LYS B 180 22.41 29.80 0.14
N SER B 181 23.05 29.12 -0.81
CA SER B 181 22.32 28.56 -1.93
C SER B 181 21.31 27.51 -1.48
N VAL B 182 21.72 26.64 -0.55
CA VAL B 182 20.86 25.58 -0.04
C VAL B 182 20.75 25.75 1.47
N VAL B 183 19.52 25.79 1.97
CA VAL B 183 19.25 25.95 3.40
C VAL B 183 18.28 24.87 3.82
N VAL B 184 18.56 24.25 4.98
CA VAL B 184 17.72 23.20 5.54
C VAL B 184 17.16 23.68 6.86
N ALA B 185 15.85 23.58 7.03
CA ALA B 185 15.22 23.99 8.28
C ALA B 185 15.68 23.10 9.43
N GLU B 186 15.77 23.69 10.61
CA GLU B 186 16.26 22.94 11.77
C GLU B 186 15.36 21.75 12.07
N ASP B 187 14.04 21.95 12.04
CA ASP B 187 13.11 20.86 12.30
C ASP B 187 12.90 19.98 11.08
N GLY B 188 13.25 20.46 9.89
CA GLY B 188 13.07 19.64 8.69
C GLY B 188 13.99 18.44 8.67
N SER B 189 15.24 18.62 9.09
CA SER B 189 16.24 17.54 9.06
C SER B 189 16.04 16.66 10.30
N ARG B 190 14.97 15.86 10.25
CA ARG B 190 14.64 14.91 11.30
C ARG B 190 14.31 13.57 10.66
N LEU B 191 15.22 12.61 10.83
CA LEU B 191 15.05 11.27 10.29
C LEU B 191 15.18 10.26 11.42
N ASN B 192 14.46 9.14 11.28
CA ASN B 192 14.45 8.13 12.32
C ASN B 192 15.74 7.32 12.36
N GLN B 193 16.42 7.18 11.23
CA GLN B 193 17.62 6.34 11.16
C GLN B 193 18.73 6.99 10.36
N TYR B 194 18.82 8.31 10.38
CA TYR B 194 19.88 9.01 9.67
C TYR B 194 20.14 10.36 10.33
N HIS B 195 21.41 10.79 10.26
CA HIS B 195 21.81 12.12 10.68
C HIS B 195 22.20 12.92 9.44
N LEU B 196 21.63 14.12 9.31
CA LEU B 196 21.95 15.01 8.19
C LEU B 196 23.18 15.82 8.58
N MET B 197 24.36 15.28 8.24
CA MET B 197 25.60 15.93 8.64
C MET B 197 25.75 17.30 7.98
N GLY B 198 25.44 17.39 6.70
CA GLY B 198 25.58 18.65 5.99
C GLY B 198 25.17 18.51 4.55
N GLN B 199 25.34 19.61 3.81
CA GLN B 199 24.97 19.66 2.41
C GLN B 199 26.10 20.30 1.61
N THR B 200 26.22 19.87 0.36
CA THR B 200 27.19 20.44 -0.57
C THR B 200 26.53 20.61 -1.92
N VAL B 201 27.03 21.58 -2.69
CA VAL B 201 26.49 21.90 -4.00
C VAL B 201 27.62 21.97 -5.02
N GLY B 202 27.26 21.81 -6.28
CA GLY B 202 28.23 21.87 -7.36
C GLY B 202 27.53 21.99 -8.69
N THR B 203 28.35 22.16 -9.73
CA THR B 203 27.86 22.29 -11.09
C THR B 203 28.73 21.46 -12.02
N GLU B 204 28.14 21.01 -13.12
CA GLU B 204 28.86 20.23 -14.11
C GLU B 204 28.13 20.30 -15.43
N ASN B 205 28.85 19.97 -16.49
CA ASN B 205 28.30 19.90 -17.85
C ASN B 205 28.27 18.45 -18.30
N ILE B 206 27.13 18.02 -18.84
CA ILE B 206 26.96 16.66 -19.36
C ILE B 206 26.72 16.76 -20.86
N SER B 207 27.46 15.96 -21.62
CA SER B 207 27.30 15.90 -23.06
C SER B 207 26.28 14.83 -23.42
N THR B 208 25.26 15.22 -24.18
CA THR B 208 24.18 14.33 -24.58
C THR B 208 23.92 14.49 -26.06
N SER B 209 23.15 13.54 -26.61
CA SER B 209 22.81 13.58 -28.02
C SER B 209 22.00 14.83 -28.37
N THR B 210 21.29 15.40 -27.41
CA THR B 210 20.52 16.62 -27.62
C THR B 210 21.32 17.89 -27.32
N GLY B 211 22.57 17.76 -26.94
CA GLY B 211 23.43 18.90 -26.64
C GLY B 211 23.94 18.86 -25.22
N GLU B 212 24.79 19.84 -24.91
CA GLU B 212 25.35 19.98 -23.58
C GLU B 212 24.36 20.69 -22.67
N TYR B 213 24.21 20.17 -21.45
CA TYR B 213 23.33 20.75 -20.44
C TYR B 213 24.10 20.91 -19.15
N THR B 214 24.02 22.10 -18.55
CA THR B 214 24.60 22.32 -17.24
C THR B 214 23.72 21.68 -16.18
N ILE B 215 24.35 20.95 -15.25
CA ILE B 215 23.65 20.20 -14.22
C ILE B 215 23.99 20.82 -12.87
N MET B 216 22.96 21.19 -12.11
CA MET B 216 23.12 21.70 -10.76
C MET B 216 22.84 20.57 -9.79
N THR B 217 23.81 20.24 -8.94
CA THR B 217 23.73 19.09 -8.07
C THR B 217 23.87 19.53 -6.62
N ALA B 218 23.03 18.95 -5.75
CA ALA B 218 23.11 19.17 -4.32
C ALA B 218 23.20 17.81 -3.64
N HIS B 219 24.23 17.63 -2.82
CA HIS B 219 24.50 16.37 -2.15
C HIS B 219 24.20 16.52 -0.66
N PHE B 220 23.45 15.58 -0.11
CA PHE B 220 23.12 15.55 1.31
C PHE B 220 23.88 14.40 1.96
N HIS B 221 24.68 14.72 2.97
CA HIS B 221 25.49 13.73 3.67
C HIS B 221 24.66 13.11 4.78
N LEU B 222 24.52 11.78 4.75
CA LEU B 222 23.72 11.05 5.72
C LEU B 222 24.62 10.11 6.52
N LYS B 223 24.50 10.16 7.85
CA LYS B 223 25.21 9.27 8.75
C LYS B 223 24.17 8.46 9.50
N ARG B 224 24.03 7.18 9.15
CA ARG B 224 23.05 6.33 9.78
C ARG B 224 23.29 6.28 11.28
N LYS B 225 22.22 6.47 12.06
CA LYS B 225 22.32 6.45 13.51
C LYS B 225 22.01 5.05 14.01
N ILE B 226 22.93 4.48 14.76
CA ILE B 226 22.76 3.13 15.29
C ILE B 226 22.05 3.23 16.64
N GLY B 227 21.43 2.13 17.04
CA GLY B 227 20.68 2.08 18.28
C GLY B 227 19.38 1.33 18.12
N TYR B 228 18.77 1.43 16.94
CA TYR B 228 17.60 0.61 16.64
C TYR B 228 18.01 -0.83 16.38
N PHE B 229 19.09 -1.04 15.64
CA PHE B 229 19.57 -2.38 15.36
C PHE B 229 20.24 -3.00 16.58
N VAL B 230 20.82 -2.17 17.45
CA VAL B 230 21.35 -2.69 18.70
C VAL B 230 20.24 -3.28 19.55
N ILE B 231 19.10 -2.59 19.63
CA ILE B 231 17.96 -3.09 20.38
C ILE B 231 17.21 -4.18 19.63
N GLN B 232 17.37 -4.27 18.32
CA GLN B 232 16.62 -5.19 17.49
C GLN B 232 17.39 -6.43 17.09
N THR B 233 18.67 -6.30 16.75
CA THR B 233 19.45 -7.41 16.23
C THR B 233 20.63 -7.79 17.12
N TYR B 234 21.49 -6.81 17.46
CA TYR B 234 22.73 -7.15 18.16
C TYR B 234 22.45 -7.72 19.54
N LEU B 235 21.63 -7.03 20.34
CA LEU B 235 21.38 -7.48 21.70
C LEU B 235 20.77 -8.88 21.76
N PRO B 236 19.71 -9.18 21.00
CA PRO B 236 19.20 -10.57 21.01
C PRO B 236 20.26 -11.58 20.60
N CYS B 237 21.09 -11.24 19.62
CA CYS B 237 22.17 -12.14 19.23
C CYS B 237 23.20 -12.28 20.35
N ILE B 238 23.57 -11.18 20.99
CA ILE B 238 24.57 -11.23 22.05
C ILE B 238 24.06 -12.05 23.23
N MET B 239 22.82 -11.79 23.66
CA MET B 239 22.27 -12.52 24.79
C MET B 239 22.04 -13.99 24.44
N THR B 240 21.68 -14.29 23.19
CA THR B 240 21.51 -15.67 22.77
C THR B 240 22.81 -16.44 22.89
N VAL B 241 23.93 -15.82 22.49
CA VAL B 241 25.23 -16.47 22.62
C VAL B 241 25.55 -16.72 24.09
N ILE B 242 25.29 -15.75 24.95
CA ILE B 242 25.52 -15.94 26.38
C ILE B 242 24.66 -17.07 26.91
N LEU B 243 23.42 -17.17 26.42
CA LEU B 243 22.54 -18.24 26.85
C LEU B 243 23.12 -19.60 26.51
N SER B 244 23.70 -19.74 25.32
CA SER B 244 24.29 -21.02 24.93
C SER B 244 25.44 -21.41 25.85
N GLN B 245 26.28 -20.43 26.22
CA GLN B 245 27.43 -20.72 27.07
C GLN B 245 27.04 -21.22 28.45
N VAL B 246 25.80 -20.98 28.87
CA VAL B 246 25.36 -21.48 30.17
C VAL B 246 25.37 -23.00 30.20
N SER B 247 25.20 -23.64 29.04
CA SER B 247 25.20 -25.10 28.98
C SER B 247 26.51 -25.69 29.48
N PHE B 248 27.62 -24.95 29.34
CA PHE B 248 28.91 -25.44 29.80
C PHE B 248 28.95 -25.64 31.30
N TRP B 249 28.06 -25.00 32.04
CA TRP B 249 28.03 -25.10 33.50
C TRP B 249 27.12 -26.22 34.00
N LEU B 250 26.53 -27.00 33.09
CA LEU B 250 25.67 -28.12 33.45
C LEU B 250 26.46 -29.42 33.35
N ASN B 251 25.99 -30.42 34.10
CA ASN B 251 26.65 -31.71 34.12
C ASN B 251 26.49 -32.42 32.78
N ARG B 252 27.50 -33.22 32.43
CA ARG B 252 27.47 -33.93 31.15
C ARG B 252 26.31 -34.91 31.08
N GLU B 253 26.04 -35.63 32.17
CA GLU B 253 24.99 -36.64 32.15
C GLU B 253 23.62 -36.04 31.83
N SER B 254 23.43 -34.74 32.06
CA SER B 254 22.18 -34.07 31.72
C SER B 254 22.14 -33.83 30.21
N VAL B 255 22.02 -34.93 29.46
CA VAL B 255 22.09 -34.86 28.01
C VAL B 255 20.92 -34.05 27.46
N ALA B 256 19.71 -34.32 27.95
CA ALA B 256 18.54 -33.61 27.44
C ALA B 256 18.61 -32.13 27.75
N ALA B 257 19.05 -31.78 28.96
CA ALA B 257 19.09 -30.37 29.35
C ALA B 257 20.01 -29.57 28.45
N ARG B 258 21.21 -30.09 28.17
CA ARG B 258 22.15 -29.37 27.34
C ARG B 258 21.75 -29.40 25.88
N THR B 259 21.04 -30.45 25.45
CA THR B 259 20.55 -30.49 24.08
C THR B 259 19.55 -29.38 23.82
N VAL B 260 18.67 -29.10 24.78
CA VAL B 260 17.71 -28.03 24.63
C VAL B 260 18.41 -26.69 24.44
N PHE B 261 19.45 -26.44 25.23
CA PHE B 261 20.21 -25.20 25.09
C PHE B 261 20.74 -25.05 23.68
N GLY B 262 21.43 -26.06 23.17
CA GLY B 262 22.05 -25.95 21.86
C GLY B 262 21.03 -25.84 20.75
N VAL B 263 20.00 -26.68 20.78
CA VAL B 263 19.00 -26.68 19.71
C VAL B 263 18.24 -25.37 19.69
N THR B 264 17.75 -24.93 20.86
CA THR B 264 16.97 -23.71 20.91
C THR B 264 17.79 -22.50 20.50
N THR B 265 19.03 -22.40 20.98
CA THR B 265 19.87 -21.26 20.64
C THR B 265 20.20 -21.23 19.15
N VAL B 266 20.51 -22.39 18.57
CA VAL B 266 20.87 -22.44 17.16
C VAL B 266 19.69 -21.99 16.30
N LEU B 267 18.49 -22.49 16.61
CA LEU B 267 17.31 -22.08 15.87
C LEU B 267 16.96 -20.62 16.14
N THR B 268 17.18 -20.15 17.36
CA THR B 268 16.91 -18.75 17.68
C THR B 268 17.75 -17.83 16.81
N MET B 269 19.04 -18.16 16.63
CA MET B 269 19.89 -17.35 15.76
C MET B 269 19.45 -17.47 14.30
N THR B 270 18.97 -18.64 13.90
CA THR B 270 18.52 -18.82 12.51
C THR B 270 17.37 -17.88 12.18
N THR B 271 16.38 -17.78 13.08
CA THR B 271 15.25 -16.91 12.83
C THR B 271 15.63 -15.44 12.93
N LEU B 272 16.59 -15.10 13.80
CA LEU B 272 17.03 -13.72 13.90
C LEU B 272 17.64 -13.24 12.59
N SER B 273 18.45 -14.09 11.95
CA SER B 273 19.02 -13.72 10.65
C SER B 273 17.93 -13.47 9.62
N ILE B 274 16.92 -14.33 9.58
CA ILE B 274 15.81 -14.15 8.64
C ILE B 274 15.05 -12.87 8.98
N SER B 275 14.72 -12.68 10.26
CA SER B 275 13.96 -11.51 10.66
C SER B 275 14.73 -10.22 10.38
N ALA B 276 16.04 -10.22 10.65
CA ALA B 276 16.83 -9.01 10.49
C ALA B 276 16.82 -8.52 9.05
N ARG B 277 16.94 -9.44 8.09
CA ARG B 277 17.03 -9.05 6.69
C ARG B 277 15.68 -8.72 6.08
N ASN B 278 14.57 -8.98 6.78
CA ASN B 278 13.26 -8.63 6.26
C ASN B 278 13.13 -7.13 6.05
N SER B 279 13.59 -6.34 7.01
CA SER B 279 13.56 -4.89 6.86
C SER B 279 14.66 -4.41 5.91
N LEU B 280 15.82 -5.05 5.95
CA LEU B 280 16.92 -4.64 5.10
C LEU B 280 16.58 -4.92 3.63
N PRO B 281 17.06 -4.07 2.70
CA PRO B 281 16.83 -4.35 1.28
C PRO B 281 17.47 -5.66 0.87
N LYS B 282 16.85 -6.33 -0.11
CA LYS B 282 17.30 -7.64 -0.57
C LYS B 282 18.53 -7.47 -1.46
N VAL B 283 19.62 -7.08 -0.82
CA VAL B 283 20.91 -6.90 -1.49
C VAL B 283 21.62 -8.24 -1.56
N ALA B 284 22.26 -8.52 -2.69
CA ALA B 284 22.94 -9.79 -2.92
C ALA B 284 24.41 -9.72 -2.50
N TYR B 285 24.65 -9.29 -1.27
CA TYR B 285 25.99 -9.33 -0.70
C TYR B 285 25.89 -9.24 0.81
N ALA B 286 26.97 -9.61 1.49
CA ALA B 286 26.98 -9.66 2.94
C ALA B 286 27.31 -8.29 3.52
N THR B 287 26.56 -7.89 4.54
CA THR B 287 26.78 -6.63 5.24
C THR B 287 27.55 -6.90 6.53
N ALA B 288 27.91 -5.82 7.22
CA ALA B 288 28.61 -5.96 8.49
C ALA B 288 27.74 -6.68 9.52
N MET B 289 26.45 -6.39 9.55
CA MET B 289 25.55 -7.06 10.48
C MET B 289 25.48 -8.55 10.19
N ASP B 290 25.50 -8.92 8.91
CA ASP B 290 25.45 -10.34 8.55
C ASP B 290 26.66 -11.09 9.11
N TRP B 291 27.85 -10.48 9.02
CA TRP B 291 29.03 -11.13 9.58
C TRP B 291 28.90 -11.30 11.09
N PHE B 292 28.38 -10.28 11.78
CA PHE B 292 28.17 -10.39 13.22
C PHE B 292 27.23 -11.53 13.56
N ILE B 293 26.13 -11.65 12.80
CA ILE B 293 25.20 -12.75 13.03
C ILE B 293 25.85 -14.09 12.71
N ALA B 294 26.63 -14.14 11.62
CA ALA B 294 27.28 -15.40 11.25
C ALA B 294 28.23 -15.87 12.33
N VAL B 295 29.03 -14.95 12.89
CA VAL B 295 29.94 -15.32 13.96
C VAL B 295 29.16 -15.78 15.18
N CYS B 296 28.10 -15.07 15.54
CA CYS B 296 27.28 -15.48 16.67
C CYS B 296 26.67 -16.87 16.43
N TYR B 297 26.26 -17.15 15.20
CA TYR B 297 25.75 -18.47 14.87
C TYR B 297 26.83 -19.53 15.05
N ALA B 298 28.08 -19.19 14.71
CA ALA B 298 29.17 -20.15 14.90
C ALA B 298 29.39 -20.45 16.38
N PHE B 299 29.33 -19.43 17.23
CA PHE B 299 29.55 -19.64 18.66
C PHE B 299 28.51 -20.58 19.26
N VAL B 300 27.22 -20.31 18.97
CA VAL B 300 26.17 -21.16 19.50
C VAL B 300 26.27 -22.56 18.90
N PHE B 301 26.52 -22.65 17.59
CA PHE B 301 26.67 -23.94 16.95
C PHE B 301 27.89 -24.68 17.48
N SER B 302 28.99 -23.96 17.68
CA SER B 302 30.21 -24.59 18.20
C SER B 302 29.98 -25.14 19.60
N ALA B 303 29.21 -24.43 20.43
CA ALA B 303 28.93 -24.91 21.77
C ALA B 303 28.21 -26.24 21.74
N LEU B 304 27.24 -26.39 20.84
CA LEU B 304 26.54 -27.67 20.71
C LEU B 304 27.49 -28.77 20.26
N LEU B 305 28.39 -28.46 19.33
CA LEU B 305 29.37 -29.44 18.90
C LEU B 305 30.28 -29.85 20.06
N GLU B 306 30.65 -28.90 20.92
CA GLU B 306 31.47 -29.22 22.08
C GLU B 306 30.75 -30.22 22.98
N PHE B 307 29.46 -30.00 23.22
CA PHE B 307 28.70 -30.93 24.04
C PHE B 307 28.63 -32.31 23.37
N ALA B 308 28.38 -32.34 22.07
CA ALA B 308 28.31 -33.61 21.36
C ALA B 308 29.64 -34.35 21.44
N PHE B 309 30.75 -33.63 21.21
CA PHE B 309 32.06 -34.25 21.34
C PHE B 309 32.32 -34.68 22.78
N VAL B 310 31.95 -33.82 23.74
CA VAL B 310 32.15 -34.16 25.15
C VAL B 310 31.31 -35.38 25.52
N ASN B 311 30.04 -35.41 25.09
CA ASN B 311 29.18 -36.54 25.39
C ASN B 311 29.61 -37.80 24.65
N TYR B 312 30.36 -37.65 23.56
CA TYR B 312 30.81 -38.82 22.80
C TYR B 312 31.94 -39.55 23.49
N ILE B 313 32.81 -38.83 24.21
CA ILE B 313 33.97 -39.41 24.88
C ILE B 313 33.82 -39.39 26.39
N THR B 314 32.62 -39.08 26.90
CA THR B 314 32.43 -39.02 28.34
C THR B 314 32.64 -40.37 29.01
N LYS B 315 32.60 -41.46 28.25
CA LYS B 315 32.78 -42.80 28.79
C LYS B 315 34.18 -43.34 28.60
N SER B 316 34.71 -43.29 27.38
CA SER B 316 36.03 -43.84 27.10
C SER B 316 37.11 -43.10 27.90
N GLN B 317 37.10 -41.77 27.83
CA GLN B 317 38.10 -40.93 28.50
C GLN B 317 37.37 -39.81 29.23
N PRO B 318 36.75 -40.11 30.37
CA PRO B 318 36.03 -39.06 31.10
C PRO B 318 36.92 -37.91 31.53
N ALA B 319 38.20 -38.17 31.81
CA ALA B 319 39.07 -37.12 32.33
C ALA B 319 39.19 -35.96 31.35
N ARG B 320 39.39 -36.26 30.07
CA ARG B 320 39.52 -35.20 29.08
C ARG B 320 38.20 -34.48 28.85
N ALA B 321 37.08 -35.20 28.95
CA ALA B 321 35.78 -34.58 28.74
C ALA B 321 35.53 -33.47 29.76
N ALA B 322 35.84 -33.71 31.03
CA ALA B 322 35.64 -32.70 32.06
C ALA B 322 36.53 -31.49 31.81
N LYS B 323 37.78 -31.71 31.41
CA LYS B 323 38.70 -30.61 31.17
C LYS B 323 38.21 -29.73 30.02
N ILE B 324 37.72 -30.35 28.94
CA ILE B 324 37.21 -29.58 27.82
C ILE B 324 36.02 -28.74 28.24
N ASP B 325 35.09 -29.33 28.98
CA ASP B 325 33.92 -28.60 29.45
C ASP B 325 34.33 -27.45 30.36
N LYS B 326 35.26 -27.71 31.29
CA LYS B 326 35.74 -26.65 32.18
C LYS B 326 36.45 -25.56 31.39
N MET B 327 37.30 -25.95 30.44
CA MET B 327 38.04 -24.96 29.65
C MET B 327 37.10 -24.12 28.80
N SER B 328 36.07 -24.76 28.23
CA SER B 328 35.14 -24.03 27.37
C SER B 328 34.44 -22.91 28.13
N ARG B 329 34.28 -23.05 29.44
CA ARG B 329 33.65 -22.01 30.24
C ARG B 329 34.44 -20.70 30.20
N ILE B 330 35.73 -20.76 29.91
CA ILE B 330 36.58 -19.58 29.88
C ILE B 330 36.86 -19.12 28.46
N VAL B 331 37.15 -20.05 27.56
CA VAL B 331 37.54 -19.69 26.20
C VAL B 331 36.39 -19.01 25.47
N PHE B 332 35.20 -19.60 25.53
CA PHE B 332 34.08 -19.07 24.75
C PHE B 332 33.73 -17.63 25.14
N PRO B 333 33.55 -17.29 26.42
CA PRO B 333 33.29 -15.88 26.75
C PRO B 333 34.40 -14.94 26.32
N ILE B 334 35.65 -15.39 26.40
CA ILE B 334 36.77 -14.52 26.04
C ILE B 334 36.76 -14.23 24.55
N LEU B 335 36.61 -15.28 23.73
CA LEU B 335 36.63 -15.08 22.28
C LEU B 335 35.48 -14.21 21.83
N PHE B 336 34.28 -14.44 22.37
CA PHE B 336 33.13 -13.62 21.98
C PHE B 336 33.33 -12.17 22.37
N GLY B 337 33.85 -11.93 23.58
CA GLY B 337 34.15 -10.57 23.98
C GLY B 337 35.26 -9.96 23.14
N THR B 338 36.30 -10.75 22.84
CA THR B 338 37.38 -10.25 22.00
C THR B 338 36.88 -9.90 20.60
N PHE B 339 36.00 -10.73 20.05
CA PHE B 339 35.46 -10.46 18.72
C PHE B 339 34.71 -9.14 18.68
N ASN B 340 33.90 -8.86 19.71
CA ASN B 340 33.13 -7.63 19.72
C ASN B 340 34.02 -6.40 19.71
N LEU B 341 35.10 -6.43 20.51
CA LEU B 341 36.01 -5.29 20.54
C LEU B 341 36.61 -5.04 19.16
N VAL B 342 37.04 -6.10 18.48
CA VAL B 342 37.56 -5.94 17.13
C VAL B 342 36.46 -5.48 16.18
N TYR B 343 35.29 -6.08 16.29
CA TYR B 343 34.19 -5.74 15.39
C TYR B 343 33.76 -4.28 15.56
N TRP B 344 33.47 -3.88 16.80
CA TRP B 344 33.01 -2.52 17.03
C TRP B 344 34.11 -1.50 16.72
N ALA B 345 35.34 -1.79 17.14
CA ALA B 345 36.44 -0.86 16.86
C ALA B 345 36.71 -0.75 15.37
N THR B 346 36.60 -1.87 14.64
CA THR B 346 36.87 -1.85 13.21
C THR B 346 35.90 -0.94 12.47
N TYR B 347 34.62 -0.99 12.81
CA TYR B 347 33.61 -0.21 12.11
C TYR B 347 33.38 1.16 12.75
N LEU B 348 33.55 1.27 14.07
CA LEU B 348 33.41 2.56 14.75
C LEU B 348 34.74 3.31 14.74
N ASN B 349 35.29 3.49 13.54
CA ASN B 349 36.56 4.18 13.36
C ASN B 349 36.79 4.51 11.90
N ASN C 14 -37.35 39.08 -11.66
CA ASN C 14 -36.74 39.40 -10.37
C ASN C 14 -35.37 38.74 -10.24
N ILE C 15 -35.04 37.86 -11.17
CA ILE C 15 -33.76 37.17 -11.13
C ILE C 15 -32.72 37.85 -12.02
N THR C 16 -33.16 38.59 -13.05
CA THR C 16 -32.22 39.25 -13.93
C THR C 16 -31.42 40.32 -13.19
N ILE C 17 -31.97 40.86 -12.10
CA ILE C 17 -31.26 41.89 -11.34
C ILE C 17 -29.95 41.33 -10.78
N PHE C 18 -30.00 40.10 -10.25
CA PHE C 18 -28.80 39.49 -9.71
C PHE C 18 -27.74 39.31 -10.79
N THR C 19 -28.15 38.92 -11.99
CA THR C 19 -27.21 38.73 -13.08
C THR C 19 -26.48 40.03 -13.41
N ARG C 20 -27.20 41.15 -13.44
CA ARG C 20 -26.57 42.43 -13.73
C ARG C 20 -25.54 42.79 -12.68
N ILE C 21 -25.85 42.53 -11.40
CA ILE C 21 -24.94 42.88 -10.33
C ILE C 21 -23.63 42.12 -10.49
N LEU C 22 -23.71 40.81 -10.75
CA LEU C 22 -22.49 40.02 -10.91
C LEU C 22 -21.69 40.50 -12.11
N ASP C 23 -22.35 40.81 -13.22
CA ASP C 23 -21.65 41.31 -14.40
C ASP C 23 -20.97 42.64 -14.10
N GLY C 24 -21.65 43.53 -13.37
CA GLY C 24 -21.05 44.81 -13.06
C GLY C 24 -19.81 44.69 -12.21
N LEU C 25 -19.85 43.83 -11.18
CA LEU C 25 -18.70 43.66 -10.30
C LEU C 25 -17.50 43.12 -11.07
N LEU C 26 -17.73 42.14 -11.95
CA LEU C 26 -16.64 41.56 -12.73
C LEU C 26 -16.18 42.48 -13.85
N ASP C 27 -16.93 43.53 -14.17
CA ASP C 27 -16.54 44.45 -15.22
C ASP C 27 -15.39 45.32 -14.73
N GLY C 28 -14.24 45.21 -15.38
CA GLY C 28 -13.08 45.96 -14.97
C GLY C 28 -12.44 45.48 -13.69
N TYR C 29 -12.66 44.23 -13.32
CA TYR C 29 -12.10 43.65 -12.10
C TYR C 29 -10.90 42.79 -12.46
N ASP C 30 -9.77 43.07 -11.82
CA ASP C 30 -8.54 42.32 -12.02
C ASP C 30 -8.32 41.41 -10.81
N ASN C 31 -8.38 40.10 -11.04
CA ASN C 31 -8.19 39.14 -9.97
C ASN C 31 -6.73 38.93 -9.61
N ARG C 32 -5.80 39.47 -10.38
CA ARG C 32 -4.39 39.34 -10.11
C ARG C 32 -3.88 40.36 -9.10
N LEU C 33 -4.72 41.30 -8.67
CA LEU C 33 -4.34 42.34 -7.73
C LEU C 33 -5.15 42.20 -6.45
N ARG C 34 -4.47 42.21 -5.32
CA ARG C 34 -5.15 42.10 -4.04
C ARG C 34 -5.95 43.37 -3.75
N PRO C 35 -7.04 43.27 -3.00
CA PRO C 35 -7.79 44.48 -2.63
C PRO C 35 -6.94 45.40 -1.77
N GLY C 36 -7.15 46.70 -1.95
CA GLY C 36 -6.40 47.69 -1.21
C GLY C 36 -4.94 47.79 -1.58
N LEU C 37 -4.57 47.29 -2.76
CA LEU C 37 -3.18 47.34 -3.18
C LEU C 37 -2.71 48.79 -3.28
N GLY C 38 -1.54 49.05 -2.71
CA GLY C 38 -0.97 50.40 -2.74
C GLY C 38 -1.71 51.40 -1.89
N GLU C 39 -2.67 50.97 -1.09
CA GLU C 39 -3.46 51.86 -0.25
C GLU C 39 -3.50 51.44 1.21
N ARG C 40 -3.50 50.14 1.49
CA ARG C 40 -3.58 49.64 2.86
C ARG C 40 -3.08 48.20 2.86
N ILE C 41 -3.19 47.55 4.02
CA ILE C 41 -2.80 46.16 4.19
C ILE C 41 -4.05 45.31 4.25
N THR C 42 -4.11 44.26 3.43
CA THR C 42 -5.27 43.40 3.39
C THR C 42 -5.32 42.54 4.64
N GLN C 43 -6.42 42.62 5.39
CA GLN C 43 -6.61 41.87 6.61
C GLN C 43 -7.56 40.72 6.36
N VAL C 44 -7.13 39.51 6.71
CA VAL C 44 -7.89 38.29 6.48
C VAL C 44 -8.21 37.67 7.83
N ARG C 45 -9.49 37.44 8.10
CA ARG C 45 -9.94 36.78 9.31
C ARG C 45 -10.22 35.32 9.01
N THR C 46 -9.62 34.43 9.78
CA THR C 46 -9.68 32.99 9.52
C THR C 46 -10.30 32.27 10.71
N ASP C 47 -11.21 31.34 10.40
CA ASP C 47 -11.80 30.45 11.37
C ASP C 47 -11.80 29.04 10.82
N MET C 48 -11.69 28.06 11.71
CA MET C 48 -11.54 26.66 11.33
C MET C 48 -12.52 25.81 12.10
N TYR C 49 -13.07 24.80 11.43
CA TYR C 49 -13.95 23.80 12.05
C TYR C 49 -13.42 22.43 11.65
N VAL C 50 -12.96 21.66 12.63
CA VAL C 50 -12.36 20.36 12.38
C VAL C 50 -13.49 19.34 12.32
N ASN C 51 -13.85 18.93 11.11
CA ASN C 51 -14.91 17.94 10.95
C ASN C 51 -14.49 16.59 11.52
N SER C 52 -13.24 16.19 11.31
CA SER C 52 -12.75 14.92 11.80
C SER C 52 -11.24 14.98 11.92
N PHE C 53 -10.72 14.60 13.08
CA PHE C 53 -9.28 14.54 13.33
C PHE C 53 -8.81 13.15 12.93
N GLY C 54 -8.28 13.02 11.72
CA GLY C 54 -7.93 11.75 11.15
C GLY C 54 -6.87 11.01 11.94
N PRO C 55 -6.47 9.84 11.45
CA PRO C 55 -5.49 9.04 12.19
C PRO C 55 -4.14 9.73 12.27
N VAL C 56 -3.42 9.44 13.35
CA VAL C 56 -2.08 9.95 13.58
C VAL C 56 -1.11 8.80 13.32
N SER C 57 -0.35 8.91 12.23
CA SER C 57 0.60 7.87 11.86
C SER C 57 1.92 8.13 12.59
N ASP C 58 2.18 7.35 13.63
CA ASP C 58 3.42 7.52 14.38
C ASP C 58 4.64 7.14 13.54
N THR C 59 4.52 6.11 12.69
CA THR C 59 5.64 5.69 11.88
C THR C 59 6.08 6.79 10.94
N GLU C 60 5.14 7.47 10.30
CA GLU C 60 5.44 8.53 9.34
C GLU C 60 5.44 9.91 9.97
N MET C 61 5.20 10.02 11.28
CA MET C 61 5.23 11.30 11.99
C MET C 61 4.31 12.32 11.31
N GLU C 62 3.12 11.86 10.94
CA GLU C 62 2.13 12.71 10.28
C GLU C 62 0.75 12.40 10.84
N TYR C 63 -0.15 13.37 10.69
CA TYR C 63 -1.55 13.21 11.07
C TYR C 63 -2.42 13.80 9.98
N THR C 64 -3.62 13.27 9.86
CA THR C 64 -4.60 13.70 8.86
C THR C 64 -5.75 14.41 9.56
N ILE C 65 -6.16 15.54 9.00
CA ILE C 65 -7.23 16.35 9.56
C ILE C 65 -8.12 16.85 8.44
N ASP C 66 -9.42 16.79 8.65
CA ASP C 66 -10.41 17.32 7.72
C ASP C 66 -11.08 18.53 8.36
N ILE C 67 -11.04 19.68 7.68
CA ILE C 67 -11.48 20.94 8.24
C ILE C 67 -12.34 21.68 7.24
N PHE C 68 -13.12 22.63 7.74
CA PHE C 68 -13.82 23.62 6.94
C PHE C 68 -13.09 24.95 7.13
N PHE C 69 -12.16 25.23 6.23
CA PHE C 69 -11.30 26.41 6.34
C PHE C 69 -12.04 27.62 5.77
N ALA C 70 -12.27 28.63 6.61
CA ALA C 70 -13.00 29.82 6.24
C ALA C 70 -12.08 31.04 6.31
N GLN C 71 -12.17 31.88 5.28
CA GLN C 71 -11.40 33.12 5.20
C GLN C 71 -12.33 34.27 4.89
N THR C 72 -12.15 35.38 5.58
CA THR C 72 -12.96 36.58 5.38
C THR C 72 -12.06 37.79 5.19
N TRP C 73 -12.41 38.63 4.23
CA TRP C 73 -11.64 39.83 3.94
C TRP C 73 -12.56 40.86 3.32
N LYS C 74 -12.02 42.07 3.14
CA LYS C 74 -12.75 43.21 2.63
C LYS C 74 -12.24 43.55 1.23
N ASP C 75 -13.18 43.71 0.28
CA ASP C 75 -12.84 44.07 -1.09
C ASP C 75 -13.81 45.15 -1.54
N GLU C 76 -13.32 46.39 -1.62
CA GLU C 76 -14.17 47.50 -2.03
C GLU C 76 -14.61 47.40 -3.49
N ARG C 77 -13.88 46.64 -4.31
CA ARG C 77 -14.25 46.50 -5.72
C ARG C 77 -15.53 45.70 -5.91
N LEU C 78 -15.99 44.98 -4.89
CA LEU C 78 -17.17 44.13 -4.99
C LEU C 78 -18.40 44.77 -4.35
N ARG C 79 -18.32 46.06 -3.99
CA ARG C 79 -19.48 46.73 -3.42
C ARG C 79 -20.61 46.78 -4.43
N PHE C 80 -21.84 46.60 -3.95
CA PHE C 80 -23.01 46.59 -4.82
C PHE C 80 -24.23 47.04 -4.03
N LYS C 81 -25.27 47.41 -4.77
CA LYS C 81 -26.55 47.82 -4.20
C LYS C 81 -27.65 46.98 -4.80
N GLY C 82 -28.50 46.42 -3.95
CA GLY C 82 -29.60 45.59 -4.41
C GLY C 82 -30.56 45.24 -3.30
N PRO C 83 -31.70 44.64 -3.66
CA PRO C 83 -32.68 44.28 -2.64
C PRO C 83 -32.15 43.30 -1.60
N MET C 84 -31.26 42.40 -1.99
CA MET C 84 -30.71 41.39 -1.09
C MET C 84 -29.36 41.86 -0.57
N GLN C 85 -29.19 41.81 0.75
CA GLN C 85 -27.96 42.26 1.38
C GLN C 85 -26.81 41.27 1.24
N ARG C 86 -27.07 40.05 0.78
CA ARG C 86 -26.05 39.03 0.64
C ARG C 86 -26.24 38.33 -0.69
N LEU C 87 -25.14 37.76 -1.20
CA LEU C 87 -25.14 37.05 -2.48
C LEU C 87 -24.50 35.68 -2.29
N PRO C 88 -25.25 34.71 -1.77
CA PRO C 88 -24.74 33.34 -1.71
C PRO C 88 -24.39 32.83 -3.11
N LEU C 89 -23.29 32.11 -3.20
CA LEU C 89 -22.78 31.65 -4.49
C LEU C 89 -22.08 30.31 -4.27
N ASN C 90 -21.30 29.89 -5.26
CA ASN C 90 -20.60 28.62 -5.24
C ASN C 90 -19.22 28.82 -5.83
N ASN C 91 -18.54 27.70 -6.14
CA ASN C 91 -17.16 27.76 -6.60
C ASN C 91 -17.02 28.45 -7.95
N LEU C 92 -18.12 28.65 -8.69
CA LEU C 92 -18.01 29.19 -10.04
C LEU C 92 -17.37 30.57 -10.04
N LEU C 93 -17.77 31.43 -9.11
CA LEU C 93 -17.25 32.79 -9.05
C LEU C 93 -15.95 32.91 -8.26
N ALA C 94 -15.50 31.84 -7.60
CA ALA C 94 -14.30 31.93 -6.79
C ALA C 94 -13.08 32.26 -7.64
N SER C 95 -12.96 31.63 -8.81
CA SER C 95 -11.81 31.87 -9.66
C SER C 95 -11.84 33.25 -10.32
N LYS C 96 -13.03 33.85 -10.45
CA LYS C 96 -13.15 35.13 -11.13
C LYS C 96 -12.68 36.29 -10.28
N ILE C 97 -12.58 36.12 -8.96
CA ILE C 97 -12.15 37.20 -8.07
C ILE C 97 -10.82 36.82 -7.43
N TRP C 98 -10.27 37.76 -6.65
CA TRP C 98 -9.00 37.52 -5.96
C TRP C 98 -9.25 36.83 -4.64
N THR C 99 -8.46 35.79 -4.36
CA THR C 99 -8.51 35.09 -3.09
C THR C 99 -7.09 34.94 -2.56
N PRO C 100 -6.92 34.90 -1.24
CA PRO C 100 -5.58 34.76 -0.67
C PRO C 100 -4.95 33.44 -1.06
N ASP C 101 -3.63 33.47 -1.26
CA ASP C 101 -2.86 32.28 -1.61
C ASP C 101 -2.42 31.52 -0.36
N THR C 102 -3.37 31.25 0.52
CA THR C 102 -3.06 30.58 1.77
C THR C 102 -2.56 29.18 1.51
N PHE C 103 -1.53 28.78 2.27
CA PHE C 103 -0.97 27.45 2.16
C PHE C 103 -0.50 27.00 3.53
N PHE C 104 -0.39 25.69 3.70
CA PHE C 104 0.03 25.09 4.96
C PHE C 104 1.53 24.80 4.90
N HIS C 105 2.30 25.47 5.76
CA HIS C 105 3.75 25.35 5.71
C HIS C 105 4.19 23.92 6.02
N ASN C 106 3.55 23.29 7.01
CA ASN C 106 3.89 21.92 7.41
C ASN C 106 3.04 20.87 6.71
N GLY C 107 2.16 21.28 5.80
CA GLY C 107 1.33 20.32 5.09
C GLY C 107 2.09 19.54 4.05
N LYS C 108 2.27 18.24 4.28
CA LYS C 108 3.03 17.41 3.34
C LYS C 108 2.22 17.14 2.08
N LYS C 109 0.92 16.91 2.22
CA LYS C 109 0.08 16.60 1.07
C LYS C 109 -1.36 16.94 1.43
N SER C 110 -1.93 17.94 0.76
CA SER C 110 -3.30 18.37 1.00
C SER C 110 -4.07 18.33 -0.31
N PHE C 111 -5.26 17.74 -0.27
CA PHE C 111 -6.13 17.64 -1.43
C PHE C 111 -7.53 18.09 -1.07
N ALA C 112 -8.23 18.66 -2.06
CA ALA C 112 -9.58 19.14 -1.87
C ALA C 112 -10.61 18.06 -2.20
N HIS C 113 -11.85 18.33 -1.81
CA HIS C 113 -12.97 17.45 -2.11
C HIS C 113 -13.73 18.01 -3.29
N TRP C 114 -13.97 17.18 -4.31
CA TRP C 114 -14.57 17.62 -5.56
C TRP C 114 -15.96 17.07 -5.81
N MET C 115 -16.39 16.04 -5.08
CA MET C 115 -17.68 15.41 -5.29
C MET C 115 -18.65 15.82 -4.19
N THR C 116 -19.91 16.05 -4.56
CA THR C 116 -20.46 15.98 -5.91
C THR C 116 -20.03 17.20 -6.72
N THR C 117 -19.85 18.31 -6.01
CA THR C 117 -19.40 19.56 -6.58
C THR C 117 -18.24 20.09 -5.73
N PRO C 118 -17.28 20.81 -6.34
CA PRO C 118 -16.20 21.40 -5.54
C PRO C 118 -16.73 22.10 -4.31
N ASN C 119 -16.36 21.59 -3.13
CA ASN C 119 -16.92 22.05 -1.86
C ASN C 119 -16.33 23.40 -1.51
N ARG C 120 -16.82 24.43 -2.20
CA ARG C 120 -16.42 25.81 -1.94
C ARG C 120 -17.65 26.69 -1.92
N MET C 121 -17.65 27.67 -1.04
CA MET C 121 -18.75 28.63 -0.92
C MET C 121 -18.19 30.04 -0.96
N LEU C 122 -18.93 30.93 -1.60
CA LEU C 122 -18.55 32.34 -1.72
C LEU C 122 -19.77 33.20 -1.42
N ARG C 123 -19.62 34.12 -0.48
CA ARG C 123 -20.69 35.03 -0.10
C ARG C 123 -20.16 36.45 -0.09
N ILE C 124 -20.96 37.38 -0.62
CA ILE C 124 -20.57 38.77 -0.77
C ILE C 124 -21.68 39.64 -0.21
N TRP C 125 -21.30 40.65 0.57
CA TRP C 125 -22.24 41.60 1.16
C TRP C 125 -22.14 42.93 0.43
N ASN C 126 -23.06 43.84 0.79
CA ASN C 126 -23.11 45.14 0.12
C ASN C 126 -21.82 45.92 0.34
N ASP C 127 -21.29 45.91 1.56
CA ASP C 127 -20.08 46.67 1.87
C ASP C 127 -18.85 46.13 1.17
N GLY C 128 -18.92 44.95 0.56
CA GLY C 128 -17.79 44.34 -0.09
C GLY C 128 -17.11 43.24 0.71
N ARG C 129 -17.60 42.95 1.91
CA ARG C 129 -17.04 41.85 2.69
C ARG C 129 -17.27 40.53 1.96
N VAL C 130 -16.24 39.69 1.96
CA VAL C 130 -16.25 38.43 1.22
C VAL C 130 -15.98 37.30 2.20
N LEU C 131 -16.82 36.25 2.14
CA LEU C 131 -16.62 35.03 2.89
C LEU C 131 -16.33 33.91 1.90
N TYR C 132 -15.20 33.22 2.10
CA TYR C 132 -14.77 32.14 1.20
C TYR C 132 -14.30 30.99 2.07
N THR C 133 -15.12 29.96 2.18
CA THR C 133 -14.81 28.78 2.96
C THR C 133 -14.53 27.60 2.04
N LEU C 134 -13.65 26.71 2.50
CA LEU C 134 -13.19 25.59 1.70
C LEU C 134 -13.01 24.38 2.59
N ARG C 135 -13.33 23.21 2.05
CA ARG C 135 -13.16 21.94 2.76
C ARG C 135 -11.84 21.32 2.32
N LEU C 136 -11.04 20.89 3.29
CA LEU C 136 -9.70 20.39 3.01
C LEU C 136 -9.44 19.15 3.84
N THR C 137 -8.51 18.33 3.36
CA THR C 137 -8.01 17.15 4.08
C THR C 137 -6.49 17.28 4.11
N ILE C 138 -5.97 17.81 5.21
CA ILE C 138 -4.55 18.13 5.34
C ILE C 138 -3.83 16.96 5.99
N SER C 139 -2.72 16.54 5.38
CA SER C 139 -1.84 15.52 5.94
C SER C 139 -0.54 16.21 6.35
N ALA C 140 -0.50 16.72 7.56
CA ALA C 140 0.63 17.47 8.07
C ALA C 140 1.58 16.57 8.85
N GLU C 141 2.76 17.10 9.12
CA GLU C 141 3.80 16.37 9.84
C GLU C 141 3.80 16.78 11.30
N CYS C 142 3.84 15.78 12.19
CA CYS C 142 3.80 16.00 13.64
C CYS C 142 5.00 15.30 14.27
N PRO C 143 6.14 15.99 14.40
CA PRO C 143 7.29 15.38 15.07
C PRO C 143 6.94 15.02 16.51
N MET C 144 7.47 13.89 16.96
CA MET C 144 7.17 13.38 18.29
C MET C 144 8.45 12.89 18.96
N ASP C 145 8.54 13.12 20.27
CA ASP C 145 9.64 12.62 21.09
C ASP C 145 9.12 11.44 21.88
N LEU C 146 9.40 10.23 21.40
CA LEU C 146 8.89 9.01 22.02
C LEU C 146 9.82 8.49 23.11
N GLU C 147 10.18 9.37 24.04
CA GLU C 147 11.02 8.97 25.17
C GLU C 147 10.21 8.41 26.33
N ASP C 148 8.99 8.91 26.53
CA ASP C 148 8.09 8.40 27.56
C ASP C 148 7.02 7.47 26.99
N PHE C 149 7.20 7.02 25.76
CA PHE C 149 6.21 6.15 25.15
C PHE C 149 6.04 4.88 25.98
N PRO C 150 4.81 4.41 26.20
CA PRO C 150 3.52 4.94 25.74
C PRO C 150 2.94 6.04 26.63
N MET C 151 3.63 6.46 27.69
CA MET C 151 3.15 7.54 28.54
C MET C 151 3.70 8.88 28.04
N ASP C 152 3.37 9.19 26.79
CA ASP C 152 3.87 10.37 26.11
C ASP C 152 2.71 11.26 25.68
N GLU C 153 2.95 12.57 25.72
CA GLU C 153 2.01 13.56 25.25
C GLU C 153 2.59 14.27 24.02
N GLN C 154 1.76 14.48 23.02
CA GLN C 154 2.18 15.06 21.76
C GLN C 154 1.40 16.34 21.48
N ASN C 155 2.06 17.28 20.80
CA ASN C 155 1.49 18.58 20.45
C ASN C 155 1.65 18.76 18.95
N CYS C 156 0.67 18.28 18.19
CA CYS C 156 0.74 18.36 16.73
C CYS C 156 0.28 19.74 16.26
N PRO C 157 1.12 20.51 15.58
CA PRO C 157 0.72 21.85 15.15
C PRO C 157 0.10 21.85 13.76
N LEU C 158 -0.39 23.03 13.37
CA LEU C 158 -0.94 23.24 12.03
C LEU C 158 -0.67 24.69 11.65
N LYS C 159 0.30 24.90 10.77
CA LYS C 159 0.76 26.23 10.39
C LYS C 159 0.31 26.54 8.97
N PHE C 160 -0.22 27.75 8.77
CA PHE C 160 -0.65 28.18 7.46
C PHE C 160 -0.48 29.68 7.34
N GLY C 161 -0.41 30.14 6.10
CA GLY C 161 -0.26 31.56 5.84
C GLY C 161 -0.14 31.81 4.35
N SER C 162 0.08 33.07 4.00
CA SER C 162 0.22 33.46 2.61
C SER C 162 1.55 32.95 2.05
N TYR C 163 1.51 32.55 0.78
CA TYR C 163 2.71 32.06 0.10
C TYR C 163 3.46 33.18 -0.61
N ALA C 164 2.75 34.14 -1.20
CA ALA C 164 3.35 35.18 -2.01
C ALA C 164 3.26 36.58 -1.40
N TYR C 165 2.32 36.82 -0.49
CA TYR C 165 2.12 38.15 0.05
C TYR C 165 2.75 38.24 1.43
N PRO C 166 3.80 39.04 1.62
CA PRO C 166 4.43 39.13 2.95
C PRO C 166 3.54 39.80 3.98
N ASN C 167 4.07 39.96 5.19
CA ASN C 167 3.33 40.57 6.29
C ASN C 167 2.92 42.00 5.99
N SER C 168 3.63 42.69 5.09
CA SER C 168 3.34 44.07 4.77
C SER C 168 2.18 44.22 3.80
N GLU C 169 1.68 43.13 3.23
CA GLU C 169 0.60 43.17 2.25
C GLU C 169 -0.65 42.42 2.72
N VAL C 170 -0.48 41.22 3.27
CA VAL C 170 -1.59 40.40 3.73
C VAL C 170 -1.28 39.95 5.15
N VAL C 171 -2.27 40.09 6.04
CA VAL C 171 -2.13 39.71 7.44
C VAL C 171 -3.31 38.82 7.82
N TYR C 172 -3.01 37.71 8.48
CA TYR C 172 -4.02 36.78 8.97
C TYR C 172 -4.22 36.97 10.47
N VAL C 173 -5.47 37.00 10.89
CA VAL C 173 -5.82 37.14 12.30
C VAL C 173 -6.99 36.22 12.60
N TRP C 174 -6.93 35.55 13.75
CA TRP C 174 -8.05 34.73 14.18
C TRP C 174 -9.24 35.61 14.54
N THR C 175 -10.43 35.12 14.24
CA THR C 175 -11.66 35.85 14.53
C THR C 175 -12.15 35.52 15.94
N ASN C 176 -12.54 36.54 16.68
CA ASN C 176 -13.02 36.37 18.05
C ASN C 176 -11.91 35.70 18.87
N GLY C 177 -12.27 34.97 19.91
CA GLY C 177 -11.30 34.32 20.77
C GLY C 177 -10.79 33.02 20.18
N SER C 178 -9.87 32.39 20.92
CA SER C 178 -9.28 31.14 20.47
C SER C 178 -10.32 30.03 20.39
N THR C 179 -11.23 29.99 21.36
CA THR C 179 -12.22 28.92 21.39
C THR C 179 -13.11 28.96 20.15
N LYS C 180 -13.57 30.15 19.76
CA LYS C 180 -14.43 30.26 18.59
C LYS C 180 -13.64 30.11 17.30
N SER C 181 -12.35 30.49 17.30
CA SER C 181 -11.57 30.43 16.08
C SER C 181 -11.43 29.01 15.56
N VAL C 182 -11.18 28.05 16.45
CA VAL C 182 -11.01 26.65 16.10
C VAL C 182 -12.05 25.84 16.86
N VAL C 183 -12.82 25.03 16.14
CA VAL C 183 -13.87 24.19 16.71
C VAL C 183 -13.67 22.77 16.21
N VAL C 184 -13.80 21.81 17.11
CA VAL C 184 -13.65 20.39 16.78
C VAL C 184 -14.98 19.69 17.07
N ALA C 185 -15.48 18.96 16.10
CA ALA C 185 -16.72 18.23 16.27
C ALA C 185 -16.56 17.16 17.35
N GLU C 186 -17.67 16.91 18.07
CA GLU C 186 -17.61 15.94 19.15
C GLU C 186 -17.24 14.55 18.64
N ASP C 187 -17.85 14.12 17.54
CA ASP C 187 -17.54 12.82 16.96
C ASP C 187 -16.26 12.84 16.12
N GLY C 188 -15.80 14.02 15.71
CA GLY C 188 -14.59 14.09 14.92
C GLY C 188 -13.35 13.68 15.71
N SER C 189 -13.28 14.10 16.96
CA SER C 189 -12.11 13.82 17.81
C SER C 189 -12.24 12.41 18.39
N ARG C 190 -12.03 11.43 17.51
CA ARG C 190 -12.08 10.02 17.88
C ARG C 190 -10.85 9.33 17.30
N LEU C 191 -9.91 8.97 18.17
CA LEU C 191 -8.68 8.29 17.78
C LEU C 191 -8.55 7.01 18.57
N ASN C 192 -7.91 6.01 17.95
CA ASN C 192 -7.78 4.70 18.58
C ASN C 192 -6.75 4.69 19.69
N GLN C 193 -5.73 5.56 19.62
CA GLN C 193 -4.64 5.54 20.58
C GLN C 193 -4.24 6.95 21.02
N TYR C 194 -5.19 7.88 21.05
CA TYR C 194 -4.90 9.24 21.49
C TYR C 194 -6.17 9.88 22.03
N HIS C 195 -5.99 10.78 23.00
CA HIS C 195 -7.04 11.62 23.53
C HIS C 195 -6.78 13.06 23.10
N LEU C 196 -7.78 13.71 22.52
CA LEU C 196 -7.67 15.10 22.10
C LEU C 196 -8.03 15.97 23.30
N MET C 197 -7.01 16.32 24.09
CA MET C 197 -7.26 17.07 25.31
C MET C 197 -7.82 18.45 25.02
N GLY C 198 -7.27 19.13 24.01
CA GLY C 198 -7.72 20.47 23.69
C GLY C 198 -6.94 21.03 22.53
N GLN C 199 -7.25 22.28 22.20
CA GLN C 199 -6.62 22.99 21.09
C GLN C 199 -6.20 24.39 21.53
N THR C 200 -5.12 24.88 20.95
CA THR C 200 -4.65 26.23 21.19
C THR C 200 -4.22 26.85 19.87
N VAL C 201 -4.30 28.18 19.80
CA VAL C 201 -3.98 28.92 18.58
C VAL C 201 -3.03 30.06 18.94
N GLY C 202 -2.32 30.54 17.92
CA GLY C 202 -1.39 31.63 18.11
C GLY C 202 -0.96 32.19 16.77
N THR C 203 -0.19 33.27 16.84
CA THR C 203 0.33 33.93 15.65
C THR C 203 1.79 34.28 15.88
N GLU C 204 2.53 34.36 14.78
CA GLU C 204 3.94 34.72 14.84
C GLU C 204 4.38 35.23 13.48
N ASN C 205 5.51 35.93 13.47
CA ASN C 205 6.13 36.44 12.26
C ASN C 205 7.45 35.70 12.03
N ILE C 206 7.65 35.21 10.81
CA ILE C 206 8.88 34.53 10.44
C ILE C 206 9.59 35.36 9.37
N SER C 207 10.88 35.58 9.57
CA SER C 207 11.70 36.31 8.62
C SER C 207 12.31 35.35 7.62
N THR C 208 12.09 35.60 6.34
CA THR C 208 12.58 34.76 5.26
C THR C 208 13.23 35.61 4.19
N SER C 209 13.95 34.95 3.29
CA SER C 209 14.61 35.65 2.20
C SER C 209 13.61 36.36 1.29
N THR C 210 12.36 35.87 1.24
CA THR C 210 11.32 36.49 0.43
C THR C 210 10.52 37.53 1.20
N GLY C 211 10.84 37.77 2.46
CA GLY C 211 10.16 38.75 3.28
C GLY C 211 9.55 38.11 4.52
N GLU C 212 8.98 38.98 5.36
CA GLU C 212 8.31 38.54 6.56
C GLU C 212 6.90 38.06 6.24
N TYR C 213 6.53 36.94 6.84
CA TYR C 213 5.20 36.36 6.67
C TYR C 213 4.61 36.04 8.03
N THR C 214 3.37 36.47 8.26
CA THR C 214 2.66 36.11 9.48
C THR C 214 2.20 34.66 9.39
N ILE C 215 2.42 33.91 10.46
CA ILE C 215 2.11 32.48 10.50
C ILE C 215 1.01 32.26 11.54
N MET C 216 -0.07 31.62 11.10
CA MET C 216 -1.17 31.26 11.98
C MET C 216 -1.01 29.79 12.34
N THR C 217 -0.90 29.50 13.64
CA THR C 217 -0.59 28.16 14.13
C THR C 217 -1.70 27.67 15.05
N ALA C 218 -2.09 26.42 14.87
CA ALA C 218 -3.05 25.76 15.74
C ALA C 218 -2.41 24.48 16.27
N HIS C 219 -2.38 24.33 17.59
CA HIS C 219 -1.75 23.19 18.23
C HIS C 219 -2.83 22.29 18.84
N PHE C 220 -2.74 20.99 18.57
CA PHE C 220 -3.65 20.00 19.11
C PHE C 220 -2.90 19.17 20.15
N HIS C 221 -3.43 19.16 21.37
CA HIS C 221 -2.82 18.43 22.47
C HIS C 221 -3.31 16.99 22.46
N LEU C 222 -2.39 16.04 22.38
CA LEU C 222 -2.71 14.61 22.30
C LEU C 222 -2.15 13.91 23.53
N LYS C 223 -3.00 13.12 24.18
CA LYS C 223 -2.61 12.29 25.32
C LYS C 223 -2.83 10.84 24.93
N ARG C 224 -1.74 10.12 24.66
CA ARG C 224 -1.86 8.73 24.24
C ARG C 224 -2.59 7.92 25.31
N LYS C 225 -3.57 7.14 24.88
CA LYS C 225 -4.37 6.32 25.78
C LYS C 225 -3.74 4.93 25.86
N ILE C 226 -3.41 4.51 27.07
CA ILE C 226 -2.81 3.21 27.29
C ILE C 226 -3.92 2.18 27.46
N GLY C 227 -3.57 0.91 27.24
CA GLY C 227 -4.53 -0.16 27.33
C GLY C 227 -4.36 -1.16 26.20
N TYR C 228 -3.98 -0.67 25.02
CA TYR C 228 -3.64 -1.57 23.92
C TYR C 228 -2.28 -2.22 24.16
N PHE C 229 -1.31 -1.45 24.64
CA PHE C 229 0.01 -2.00 24.92
C PHE C 229 0.00 -2.85 26.19
N VAL C 230 -0.89 -2.53 27.13
CA VAL C 230 -1.05 -3.38 28.31
C VAL C 230 -1.52 -4.77 27.89
N ILE C 231 -2.48 -4.85 26.99
CA ILE C 231 -2.97 -6.12 26.50
C ILE C 231 -2.00 -6.76 25.51
N GLN C 232 -1.13 -5.98 24.89
CA GLN C 232 -0.26 -6.46 23.82
C GLN C 232 1.16 -6.74 24.30
N THR C 233 1.73 -5.88 25.14
CA THR C 233 3.13 -6.00 25.53
C THR C 233 3.32 -6.25 27.02
N TYR C 234 2.73 -5.41 27.88
CA TYR C 234 3.02 -5.51 29.31
C TYR C 234 2.54 -6.83 29.89
N LEU C 235 1.28 -7.18 29.64
CA LEU C 235 0.72 -8.39 30.23
C LEU C 235 1.49 -9.64 29.82
N PRO C 236 1.75 -9.89 28.52
CA PRO C 236 2.58 -11.05 28.17
C PRO C 236 3.94 -11.05 28.85
N CYS C 237 4.56 -9.87 28.96
CA CYS C 237 5.84 -9.78 29.65
C CYS C 237 5.68 -10.08 31.14
N ILE C 238 4.63 -9.54 31.76
CA ILE C 238 4.43 -9.76 33.19
C ILE C 238 4.15 -11.23 33.48
N MET C 239 3.26 -11.84 32.70
CA MET C 239 2.95 -13.25 32.92
C MET C 239 4.14 -14.15 32.60
N THR C 240 4.94 -13.77 31.60
CA THR C 240 6.13 -14.56 31.28
C THR C 240 7.10 -14.58 32.45
N VAL C 241 7.28 -13.43 33.10
CA VAL C 241 8.16 -13.37 34.27
C VAL C 241 7.62 -14.27 35.39
N ILE C 242 6.31 -14.22 35.62
CA ILE C 242 5.71 -15.07 36.63
C ILE C 242 5.91 -16.54 36.27
N LEU C 243 5.82 -16.86 34.98
CA LEU C 243 6.03 -18.23 34.54
C LEU C 243 7.43 -18.72 34.89
N SER C 244 8.43 -17.86 34.68
CA SER C 244 9.80 -18.25 35.00
C SER C 244 9.97 -18.54 36.49
N GLN C 245 9.36 -17.73 37.34
CA GLN C 245 9.51 -17.91 38.78
C GLN C 245 8.92 -19.23 39.26
N VAL C 246 8.05 -19.87 38.48
CA VAL C 246 7.51 -21.15 38.87
C VAL C 246 8.60 -22.20 38.96
N SER C 247 9.68 -22.03 38.19
CA SER C 247 10.78 -22.99 38.22
C SER C 247 11.39 -23.11 39.61
N PHE C 248 11.33 -22.04 40.40
CA PHE C 248 11.91 -22.08 41.73
C PHE C 248 11.20 -23.06 42.64
N TRP C 249 9.97 -23.46 42.30
CA TRP C 249 9.20 -24.39 43.11
C TRP C 249 9.40 -25.84 42.70
N LEU C 250 10.27 -26.11 41.73
CA LEU C 250 10.57 -27.46 41.28
C LEU C 250 11.86 -27.95 41.91
N ASN C 251 11.98 -29.27 42.00
CA ASN C 251 13.16 -29.87 42.60
C ASN C 251 14.39 -29.64 41.74
N ARG C 252 15.55 -29.55 42.40
CA ARG C 252 16.79 -29.30 41.67
C ARG C 252 17.12 -30.43 40.71
N GLU C 253 16.92 -31.68 41.15
CA GLU C 253 17.28 -32.82 40.31
C GLU C 253 16.52 -32.82 38.98
N SER C 254 15.37 -32.16 38.90
CA SER C 254 14.62 -32.05 37.65
C SER C 254 15.31 -31.01 36.75
N VAL C 255 16.50 -31.39 36.28
CA VAL C 255 17.31 -30.46 35.49
C VAL C 255 16.61 -30.10 34.20
N ALA C 256 16.08 -31.10 33.49
CA ALA C 256 15.43 -30.84 32.20
C ALA C 256 14.19 -29.97 32.39
N ALA C 257 13.40 -30.24 33.42
CA ALA C 257 12.17 -29.49 33.62
C ALA C 257 12.44 -28.01 33.84
N ARG C 258 13.42 -27.69 34.69
CA ARG C 258 13.71 -26.29 34.96
C ARG C 258 14.43 -25.63 33.79
N THR C 259 15.19 -26.41 33.01
CA THR C 259 15.84 -25.86 31.82
C THR C 259 14.80 -25.38 30.80
N VAL C 260 13.72 -26.14 30.63
CA VAL C 260 12.68 -25.74 29.70
C VAL C 260 12.07 -24.41 30.11
N PHE C 261 11.81 -24.24 31.42
CA PHE C 261 11.26 -22.99 31.90
C PHE C 261 12.16 -21.82 31.53
N GLY C 262 13.45 -21.92 31.85
CA GLY C 262 14.35 -20.80 31.60
C GLY C 262 14.54 -20.53 30.13
N VAL C 263 14.75 -21.57 29.33
CA VAL C 263 15.01 -21.39 27.90
C VAL C 263 13.78 -20.81 27.21
N THR C 264 12.61 -21.41 27.47
CA THR C 264 11.40 -20.95 26.81
C THR C 264 11.06 -19.52 27.20
N THR C 265 11.17 -19.19 28.49
CA THR C 265 10.83 -17.85 28.93
C THR C 265 11.79 -16.81 28.35
N VAL C 266 13.08 -17.13 28.33
CA VAL C 266 14.07 -16.18 27.82
C VAL C 266 13.81 -15.88 26.34
N LEU C 267 13.55 -16.94 25.56
CA LEU C 267 13.25 -16.74 24.14
C LEU C 267 11.91 -16.06 23.96
N THR C 268 10.94 -16.35 24.81
CA THR C 268 9.64 -15.69 24.72
C THR C 268 9.77 -14.19 24.88
N MET C 269 10.58 -13.75 25.85
CA MET C 269 10.81 -12.31 26.01
C MET C 269 11.57 -11.74 24.82
N THR C 270 12.50 -12.51 24.24
CA THR C 270 13.25 -12.03 23.10
C THR C 270 12.34 -11.69 21.92
N THR C 271 11.40 -12.59 21.63
CA THR C 271 10.48 -12.34 20.51
C THR C 271 9.49 -11.23 20.82
N LEU C 272 9.09 -11.08 22.10
CA LEU C 272 8.19 -10.00 22.45
C LEU C 272 8.82 -8.64 22.20
N SER C 273 10.11 -8.50 22.52
CA SER C 273 10.79 -7.24 22.24
C SER C 273 10.80 -6.95 20.75
N ILE C 274 11.09 -7.96 19.93
CA ILE C 274 11.10 -7.77 18.48
C ILE C 274 9.69 -7.42 17.99
N SER C 275 8.69 -8.18 18.45
CA SER C 275 7.32 -7.95 18.01
C SER C 275 6.82 -6.57 18.43
N ALA C 276 7.15 -6.15 19.65
CA ALA C 276 6.65 -4.89 20.16
C ALA C 276 7.12 -3.71 19.31
N ARG C 277 8.39 -3.72 18.91
CA ARG C 277 8.94 -2.61 18.16
C ARG C 277 8.56 -2.62 16.69
N ASN C 278 7.94 -3.70 16.20
CA ASN C 278 7.52 -3.72 14.81
C ASN C 278 6.50 -2.63 14.52
N SER C 279 5.52 -2.45 15.42
CA SER C 279 4.54 -1.38 15.25
C SER C 279 5.15 -0.03 15.58
N LEU C 280 6.01 0.03 16.59
CA LEU C 280 6.62 1.29 16.99
C LEU C 280 7.53 1.81 15.88
N PRO C 281 7.62 3.13 15.71
CA PRO C 281 8.57 3.67 14.73
C PRO C 281 10.00 3.30 15.07
N LYS C 282 10.82 3.14 14.03
CA LYS C 282 12.21 2.71 14.19
C LYS C 282 13.06 3.88 14.69
N VAL C 283 12.80 4.26 15.93
CA VAL C 283 13.53 5.34 16.59
C VAL C 283 14.80 4.78 17.19
N ALA C 284 15.89 5.53 17.08
CA ALA C 284 17.20 5.09 17.56
C ALA C 284 17.45 5.54 19.00
N TYR C 285 16.51 5.22 19.89
CA TYR C 285 16.71 5.45 21.31
C TYR C 285 15.72 4.58 22.08
N ALA C 286 16.00 4.41 23.36
CA ALA C 286 15.20 3.53 24.21
C ALA C 286 14.00 4.28 24.75
N THR C 287 12.83 3.63 24.70
CA THR C 287 11.60 4.17 25.23
C THR C 287 11.33 3.57 26.61
N ALA C 288 10.27 4.07 27.27
CA ALA C 288 9.90 3.53 28.57
C ALA C 288 9.51 2.06 28.48
N MET C 289 8.81 1.68 27.41
CA MET C 289 8.43 0.29 27.23
C MET C 289 9.66 -0.60 27.07
N ASP C 290 10.68 -0.10 26.36
CA ASP C 290 11.90 -0.87 26.18
C ASP C 290 12.56 -1.19 27.52
N TRP C 291 12.62 -0.20 28.43
CA TRP C 291 13.19 -0.44 29.74
C TRP C 291 12.39 -1.50 30.50
N PHE C 292 11.07 -1.44 30.42
CA PHE C 292 10.24 -2.44 31.08
C PHE C 292 10.53 -3.84 30.54
N ILE C 293 10.65 -3.96 29.22
CA ILE C 293 10.97 -5.25 28.62
C ILE C 293 12.37 -5.69 29.03
N ALA C 294 13.33 -4.75 29.05
CA ALA C 294 14.70 -5.10 29.42
C ALA C 294 14.76 -5.65 30.84
N VAL C 295 14.06 -4.99 31.78
CA VAL C 295 14.05 -5.46 33.15
C VAL C 295 13.40 -6.85 33.23
N CYS C 296 12.29 -7.02 32.53
CA CYS C 296 11.64 -8.33 32.52
C CYS C 296 12.56 -9.39 31.94
N TYR C 297 13.33 -9.05 30.90
CA TYR C 297 14.29 -9.99 30.35
C TYR C 297 15.35 -10.34 31.39
N ALA C 298 15.76 -9.38 32.21
CA ALA C 298 16.75 -9.65 33.25
C ALA C 298 16.20 -10.62 34.28
N PHE C 299 14.94 -10.46 34.67
CA PHE C 299 14.35 -11.33 35.69
C PHE C 299 14.30 -12.78 35.20
N VAL C 300 13.80 -12.99 33.98
CA VAL C 300 13.74 -14.35 33.45
C VAL C 300 15.13 -14.91 33.24
N PHE C 301 16.04 -14.09 32.71
CA PHE C 301 17.42 -14.54 32.50
C PHE C 301 18.10 -14.82 33.84
N SER C 302 17.86 -13.95 34.84
CA SER C 302 18.46 -14.16 36.15
C SER C 302 17.96 -15.45 36.79
N ALA C 303 16.69 -15.78 36.60
CA ALA C 303 16.16 -17.02 37.15
C ALA C 303 16.89 -18.23 36.59
N LEU C 304 17.17 -18.23 35.29
CA LEU C 304 17.91 -19.33 34.69
C LEU C 304 19.32 -19.40 35.27
N LEU C 305 19.97 -18.25 35.47
CA LEU C 305 21.29 -18.24 36.07
C LEU C 305 21.25 -18.80 37.48
N GLU C 306 20.20 -18.49 38.23
CA GLU C 306 20.07 -19.03 39.58
C GLU C 306 20.00 -20.55 39.56
N PHE C 307 19.23 -21.11 38.63
CA PHE C 307 19.17 -22.56 38.50
C PHE C 307 20.53 -23.14 38.11
N ALA C 308 21.21 -22.51 37.16
CA ALA C 308 22.53 -23.00 36.76
C ALA C 308 23.51 -22.96 37.92
N PHE C 309 23.52 -21.85 38.67
CA PHE C 309 24.37 -21.77 39.85
C PHE C 309 23.94 -22.78 40.91
N VAL C 310 22.64 -22.94 41.12
CA VAL C 310 22.14 -23.91 42.09
C VAL C 310 22.51 -25.31 41.67
N ASN C 311 22.31 -25.63 40.38
CA ASN C 311 22.64 -26.96 39.89
C ASN C 311 24.15 -27.21 39.86
N TYR C 312 24.95 -26.14 39.85
CA TYR C 312 26.40 -26.30 39.84
C TYR C 312 26.95 -26.70 41.20
N ILE C 313 26.33 -26.24 42.28
CA ILE C 313 26.79 -26.51 43.64
C ILE C 313 25.85 -27.45 44.38
N THR C 314 24.90 -28.07 43.68
CA THR C 314 23.94 -28.95 44.34
C THR C 314 24.61 -30.18 44.94
N LYS C 315 25.84 -30.49 44.53
CA LYS C 315 26.56 -31.65 45.02
C LYS C 315 27.59 -31.28 46.10
N SER C 316 28.45 -30.30 45.83
CA SER C 316 29.49 -29.94 46.77
C SER C 316 28.90 -29.42 48.08
N GLN C 317 27.96 -28.48 47.99
CA GLN C 317 27.33 -27.86 49.15
C GLN C 317 25.82 -27.84 48.92
N PRO C 318 25.16 -28.99 49.08
CA PRO C 318 23.69 -29.01 48.87
C PRO C 318 22.93 -28.09 49.79
N ALA C 319 23.43 -27.86 51.01
CA ALA C 319 22.68 -27.07 51.99
C ALA C 319 22.45 -25.66 51.47
N ARG C 320 23.49 -25.02 50.92
CA ARG C 320 23.33 -23.66 50.42
C ARG C 320 22.45 -23.61 49.18
N ALA C 321 22.50 -24.66 48.35
CA ALA C 321 21.70 -24.68 47.14
C ALA C 321 20.21 -24.63 47.47
N ALA C 322 19.78 -25.40 48.46
CA ALA C 322 18.37 -25.39 48.84
C ALA C 322 17.95 -24.03 49.38
N LYS C 323 18.81 -23.41 50.19
CA LYS C 323 18.46 -22.11 50.76
C LYS C 323 18.31 -21.06 49.66
N ILE C 324 19.21 -21.06 48.68
CA ILE C 324 19.11 -20.10 47.59
C ILE C 324 17.81 -20.30 46.81
N ASP C 325 17.48 -21.55 46.51
CA ASP C 325 16.25 -21.83 45.78
C ASP C 325 15.03 -21.40 46.59
N LYS C 326 15.02 -21.70 47.89
CA LYS C 326 13.92 -21.29 48.74
C LYS C 326 13.84 -19.77 48.84
N MET C 327 14.98 -19.11 49.01
CA MET C 327 14.99 -17.65 49.13
C MET C 327 14.53 -17.00 47.83
N SER C 328 14.94 -17.55 46.69
CA SER C 328 14.56 -16.96 45.41
C SER C 328 13.05 -16.94 45.22
N ARG C 329 12.33 -17.87 45.86
CA ARG C 329 10.88 -17.91 45.74
C ARG C 329 10.24 -16.65 46.31
N ILE C 330 10.92 -15.95 47.22
CA ILE C 330 10.39 -14.75 47.84
C ILE C 330 10.98 -13.48 47.24
N VAL C 331 12.29 -13.47 47.01
CA VAL C 331 12.96 -12.26 46.53
C VAL C 331 12.45 -11.87 45.15
N PHE C 332 12.42 -12.83 44.23
CA PHE C 332 12.06 -12.50 42.85
C PHE C 332 10.67 -11.91 42.73
N PRO C 333 9.62 -12.50 43.29
CA PRO C 333 8.30 -11.85 43.21
C PRO C 333 8.28 -10.46 43.84
N ILE C 334 9.00 -10.26 44.94
CA ILE C 334 8.99 -8.97 45.61
C ILE C 334 9.64 -7.91 44.74
N LEU C 335 10.83 -8.21 44.19
CA LEU C 335 11.53 -7.23 43.37
C LEU C 335 10.72 -6.87 42.13
N PHE C 336 10.14 -7.87 41.47
CA PHE C 336 9.35 -7.60 40.27
C PHE C 336 8.14 -6.74 40.61
N GLY C 337 7.45 -7.05 41.71
CA GLY C 337 6.35 -6.21 42.14
C GLY C 337 6.79 -4.83 42.53
N THR C 338 7.91 -4.73 43.25
CA THR C 338 8.43 -3.43 43.64
C THR C 338 8.80 -2.59 42.41
N PHE C 339 9.41 -3.23 41.40
CA PHE C 339 9.78 -2.50 40.20
C PHE C 339 8.57 -1.90 39.50
N ASN C 340 7.48 -2.67 39.42
CA ASN C 340 6.28 -2.18 38.74
C ASN C 340 5.73 -0.94 39.43
N LEU C 341 5.67 -0.95 40.76
CA LEU C 341 5.16 0.21 41.47
C LEU C 341 5.99 1.45 41.17
N VAL C 342 7.31 1.31 41.19
CA VAL C 342 8.18 2.44 40.84
C VAL C 342 7.98 2.82 39.38
N TYR C 343 7.93 1.83 38.49
CA TYR C 343 7.80 2.11 37.06
C TYR C 343 6.49 2.82 36.77
N TRP C 344 5.37 2.24 37.21
CA TRP C 344 4.07 2.83 36.91
C TRP C 344 3.91 4.19 37.59
N ALA C 345 4.33 4.30 38.86
CA ALA C 345 4.22 5.56 39.56
C ALA C 345 5.09 6.63 38.92
N THR C 346 6.29 6.24 38.47
CA THR C 346 7.20 7.21 37.88
C THR C 346 6.61 7.85 36.62
N TYR C 347 5.99 7.04 35.77
CA TYR C 347 5.44 7.55 34.51
C TYR C 347 4.00 8.01 34.63
N LEU C 348 3.21 7.39 35.52
CA LEU C 348 1.83 7.81 35.74
C LEU C 348 1.77 8.91 36.79
N ASN C 349 2.52 9.97 36.54
CA ASN C 349 2.60 11.10 37.46
C ASN C 349 3.29 12.29 36.80
N ASN D 14 -35.38 17.12 -38.88
CA ASN D 14 -36.13 16.86 -37.66
C ASN D 14 -35.23 16.92 -36.43
N ILE D 15 -33.93 17.01 -36.66
CA ILE D 15 -32.98 17.08 -35.55
C ILE D 15 -32.59 18.52 -35.23
N THR D 16 -32.69 19.42 -36.21
CA THR D 16 -32.33 20.82 -35.96
C THR D 16 -33.25 21.46 -34.92
N ILE D 17 -34.47 20.95 -34.78
CA ILE D 17 -35.40 21.52 -33.80
C ILE D 17 -34.84 21.37 -32.40
N PHE D 18 -34.26 20.21 -32.08
CA PHE D 18 -33.69 20.00 -30.76
C PHE D 18 -32.55 20.97 -30.49
N THR D 19 -31.72 21.23 -31.51
CA THR D 19 -30.60 22.16 -31.34
C THR D 19 -31.10 23.55 -30.98
N ARG D 20 -32.16 24.01 -31.63
CA ARG D 20 -32.69 25.34 -31.33
C ARG D 20 -33.20 25.42 -29.91
N ILE D 21 -33.86 24.36 -29.43
CA ILE D 21 -34.40 24.37 -28.08
C ILE D 21 -33.28 24.53 -27.06
N LEU D 22 -32.20 23.75 -27.22
CA LEU D 22 -31.08 23.84 -26.29
C LEU D 22 -30.45 25.23 -26.32
N ASP D 23 -30.28 25.79 -27.52
CA ASP D 23 -29.71 27.13 -27.63
C ASP D 23 -30.60 28.15 -26.95
N GLY D 24 -31.91 28.04 -27.13
CA GLY D 24 -32.82 29.00 -26.52
C GLY D 24 -32.77 28.95 -25.00
N LEU D 25 -32.76 27.76 -24.42
CA LEU D 25 -32.72 27.64 -22.97
C LEU D 25 -31.44 28.23 -22.40
N LEU D 26 -30.30 27.97 -23.04
CA LEU D 26 -29.04 28.52 -22.58
C LEU D 26 -28.88 30.01 -22.87
N ASP D 27 -29.74 30.57 -23.72
CA ASP D 27 -29.66 31.99 -24.02
C ASP D 27 -30.16 32.80 -22.83
N GLY D 28 -29.28 33.61 -22.26
CA GLY D 28 -29.66 34.39 -21.10
C GLY D 28 -29.81 33.60 -19.83
N TYR D 29 -29.18 32.43 -19.75
CA TYR D 29 -29.27 31.57 -18.57
C TYR D 29 -27.99 31.72 -17.75
N ASP D 30 -28.15 32.03 -16.47
CA ASP D 30 -27.03 32.18 -15.54
C ASP D 30 -27.00 30.95 -14.64
N ASN D 31 -25.93 30.15 -14.77
CA ASN D 31 -25.78 28.95 -13.97
C ASN D 31 -25.30 29.25 -12.55
N ARG D 32 -24.91 30.48 -12.25
CA ARG D 32 -24.46 30.85 -10.92
C ARG D 32 -25.61 31.18 -9.97
N LEU D 33 -26.84 31.20 -10.46
CA LEU D 33 -28.01 31.53 -9.65
C LEU D 33 -28.93 30.32 -9.60
N ARG D 34 -29.36 29.97 -8.38
CA ARG D 34 -30.26 28.85 -8.22
C ARG D 34 -31.65 29.19 -8.75
N PRO D 35 -32.41 28.20 -9.23
CA PRO D 35 -33.78 28.48 -9.67
C PRO D 35 -34.64 28.98 -8.53
N GLY D 36 -35.55 29.89 -8.85
CA GLY D 36 -36.43 30.45 -7.85
C GLY D 36 -35.76 31.38 -6.88
N LEU D 37 -34.58 31.89 -7.21
CA LEU D 37 -33.87 32.79 -6.31
C LEU D 37 -34.69 34.03 -6.04
N GLY D 38 -34.79 34.40 -4.77
CA GLY D 38 -35.55 35.57 -4.38
C GLY D 38 -37.05 35.43 -4.54
N GLU D 39 -37.54 34.25 -4.86
CA GLU D 39 -38.97 34.02 -5.07
C GLU D 39 -39.51 32.87 -4.25
N ARG D 40 -38.73 31.82 -4.04
CA ARG D 40 -39.18 30.63 -3.32
C ARG D 40 -37.95 29.88 -2.84
N ILE D 41 -38.18 28.70 -2.25
CA ILE D 41 -37.11 27.83 -1.77
C ILE D 41 -36.99 26.66 -2.73
N THR D 42 -35.78 26.40 -3.20
CA THR D 42 -35.55 25.32 -4.15
C THR D 42 -35.66 23.98 -3.43
N GLN D 43 -36.55 23.13 -3.91
CA GLN D 43 -36.78 21.82 -3.34
C GLN D 43 -36.14 20.76 -4.22
N VAL D 44 -35.29 19.92 -3.63
CA VAL D 44 -34.56 18.89 -4.34
C VAL D 44 -35.00 17.53 -3.80
N ARG D 45 -35.45 16.66 -4.69
CA ARG D 45 -35.83 15.30 -4.33
C ARG D 45 -34.70 14.36 -4.69
N THR D 46 -34.27 13.56 -3.72
CA THR D 46 -33.10 12.71 -3.85
C THR D 46 -33.47 11.25 -3.66
N ASP D 47 -32.96 10.40 -4.56
CA ASP D 47 -33.09 8.96 -4.45
C ASP D 47 -31.73 8.33 -4.70
N MET D 48 -31.49 7.19 -4.06
CA MET D 48 -30.20 6.53 -4.10
C MET D 48 -30.38 5.05 -4.43
N TYR D 49 -29.45 4.52 -5.22
CA TYR D 49 -29.40 3.10 -5.55
C TYR D 49 -27.98 2.62 -5.30
N VAL D 50 -27.81 1.72 -4.31
CA VAL D 50 -26.50 1.25 -3.91
C VAL D 50 -26.13 0.08 -4.84
N ASN D 51 -25.26 0.36 -5.81
CA ASN D 51 -24.84 -0.69 -6.73
C ASN D 51 -24.04 -1.77 -6.01
N SER D 52 -23.16 -1.35 -5.09
CA SER D 52 -22.34 -2.30 -4.34
C SER D 52 -21.91 -1.66 -3.04
N PHE D 53 -22.10 -2.38 -1.94
CA PHE D 53 -21.68 -1.93 -0.62
C PHE D 53 -20.26 -2.44 -0.40
N GLY D 54 -19.27 -1.58 -0.65
CA GLY D 54 -17.88 -1.97 -0.63
C GLY D 54 -17.43 -2.47 0.72
N PRO D 55 -16.14 -2.80 0.82
CA PRO D 55 -15.61 -3.36 2.07
C PRO D 55 -15.68 -2.34 3.21
N VAL D 56 -15.83 -2.86 4.42
CA VAL D 56 -15.85 -2.04 5.63
C VAL D 56 -14.51 -2.24 6.32
N SER D 57 -13.68 -1.21 6.33
CA SER D 57 -12.36 -1.28 6.95
C SER D 57 -12.49 -0.96 8.42
N ASP D 58 -12.43 -1.98 9.26
CA ASP D 58 -12.53 -1.76 10.70
C ASP D 58 -11.33 -0.99 11.24
N THR D 59 -10.13 -1.25 10.70
CA THR D 59 -8.94 -0.57 11.18
C THR D 59 -9.03 0.93 10.96
N GLU D 60 -9.52 1.35 9.79
CA GLU D 60 -9.63 2.76 9.46
C GLU D 60 -11.00 3.34 9.76
N MET D 61 -11.92 2.54 10.30
CA MET D 61 -13.24 3.01 10.67
C MET D 61 -13.93 3.70 9.49
N GLU D 62 -13.83 3.08 8.32
CA GLU D 62 -14.43 3.61 7.11
C GLU D 62 -15.03 2.47 6.30
N TYR D 63 -15.98 2.82 5.44
CA TYR D 63 -16.58 1.88 4.51
C TYR D 63 -16.70 2.54 3.14
N THR D 64 -16.68 1.72 2.11
CA THR D 64 -16.78 2.17 0.73
C THR D 64 -18.11 1.73 0.15
N ILE D 65 -18.77 2.65 -0.56
CA ILE D 65 -20.08 2.40 -1.15
C ILE D 65 -20.12 3.02 -2.54
N ASP D 66 -20.67 2.28 -3.49
CA ASP D 66 -20.88 2.75 -4.85
C ASP D 66 -22.37 2.91 -5.07
N ILE D 67 -22.80 4.10 -5.48
CA ILE D 67 -24.21 4.44 -5.57
C ILE D 67 -24.48 5.17 -6.89
N PHE D 68 -25.76 5.17 -7.26
CA PHE D 68 -26.28 6.01 -8.35
C PHE D 68 -27.08 7.12 -7.69
N PHE D 69 -26.44 8.26 -7.45
CA PHE D 69 -27.05 9.36 -6.72
C PHE D 69 -27.87 10.21 -7.71
N ALA D 70 -29.17 10.29 -7.46
CA ALA D 70 -30.09 11.02 -8.33
C ALA D 70 -30.69 12.21 -7.58
N GLN D 71 -30.74 13.35 -8.27
CA GLN D 71 -31.32 14.57 -7.72
C GLN D 71 -32.32 15.12 -8.72
N THR D 72 -33.47 15.57 -8.22
CA THR D 72 -34.52 16.13 -9.04
C THR D 72 -34.96 17.47 -8.47
N TRP D 73 -35.15 18.45 -9.34
CA TRP D 73 -35.58 19.78 -8.91
C TRP D 73 -36.31 20.45 -10.06
N LYS D 74 -36.89 21.61 -9.77
CA LYS D 74 -37.69 22.37 -10.72
C LYS D 74 -36.95 23.64 -11.11
N ASP D 75 -36.86 23.89 -12.41
CA ASP D 75 -36.20 25.09 -12.93
C ASP D 75 -37.08 25.67 -14.02
N GLU D 76 -37.76 26.78 -13.73
CA GLU D 76 -38.65 27.39 -14.71
C GLU D 76 -37.89 27.98 -15.89
N ARG D 77 -36.59 28.26 -15.73
CA ARG D 77 -35.82 28.83 -16.83
C ARG D 77 -35.60 27.84 -17.95
N LEU D 78 -35.81 26.55 -17.71
CA LEU D 78 -35.58 25.51 -18.70
C LEU D 78 -36.86 25.03 -19.38
N ARG D 79 -37.97 25.73 -19.16
CA ARG D 79 -39.22 25.35 -19.82
C ARG D 79 -39.08 25.49 -21.33
N PHE D 80 -39.67 24.54 -22.06
CA PHE D 80 -39.59 24.53 -23.51
C PHE D 80 -40.82 23.84 -24.08
N LYS D 81 -41.04 24.06 -25.37
CA LYS D 81 -42.15 23.45 -26.11
C LYS D 81 -41.58 22.75 -27.33
N GLY D 82 -41.97 21.49 -27.53
CA GLY D 82 -41.50 20.72 -28.64
C GLY D 82 -42.24 19.40 -28.80
N PRO D 83 -42.00 18.70 -29.91
CA PRO D 83 -42.69 17.43 -30.12
C PRO D 83 -42.38 16.38 -29.06
N MET D 84 -41.17 16.39 -28.51
CA MET D 84 -40.76 15.42 -27.50
C MET D 84 -40.91 16.02 -26.12
N GLN D 85 -41.57 15.29 -25.22
CA GLN D 85 -41.82 15.77 -23.87
C GLN D 85 -40.60 15.69 -22.97
N ARG D 86 -39.54 15.01 -23.40
CA ARG D 86 -38.33 14.84 -22.60
C ARG D 86 -37.12 15.06 -23.49
N LEU D 87 -36.01 15.45 -22.86
CA LEU D 87 -34.75 15.72 -23.54
C LEU D 87 -33.63 14.95 -22.86
N PRO D 88 -33.50 13.66 -23.14
CA PRO D 88 -32.34 12.92 -22.63
C PRO D 88 -31.04 13.53 -23.12
N LEU D 89 -30.05 13.58 -22.23
CA LEU D 89 -28.79 14.24 -22.53
C LEU D 89 -27.69 13.51 -21.78
N ASN D 90 -26.51 14.15 -21.68
CA ASN D 90 -25.35 13.57 -21.04
C ASN D 90 -24.65 14.66 -20.24
N ASN D 91 -23.41 14.38 -19.83
CA ASN D 91 -22.67 15.29 -18.97
C ASN D 91 -22.36 16.62 -19.64
N LEU D 92 -22.48 16.70 -20.97
CA LEU D 92 -22.05 17.90 -21.67
C LEU D 92 -22.83 19.13 -21.20
N LEU D 93 -24.14 19.00 -21.02
CA LEU D 93 -24.97 20.12 -20.62
C LEU D 93 -25.04 20.31 -19.11
N ALA D 94 -24.48 19.38 -18.33
CA ALA D 94 -24.57 19.49 -16.88
C ALA D 94 -23.88 20.75 -16.38
N SER D 95 -22.70 21.06 -16.92
CA SER D 95 -21.96 22.24 -16.47
C SER D 95 -22.60 23.54 -16.93
N LYS D 96 -23.40 23.51 -17.99
CA LYS D 96 -23.99 24.73 -18.54
C LYS D 96 -25.16 25.24 -17.71
N ILE D 97 -25.76 24.39 -16.87
CA ILE D 97 -26.90 24.79 -16.06
C ILE D 97 -26.52 24.74 -14.58
N TRP D 98 -27.44 25.17 -13.72
CA TRP D 98 -27.21 25.17 -12.29
C TRP D 98 -27.55 23.79 -11.72
N THR D 99 -26.68 23.27 -10.86
CA THR D 99 -26.90 22.04 -10.15
C THR D 99 -26.59 22.23 -8.68
N PRO D 100 -27.27 21.51 -7.79
CA PRO D 100 -27.00 21.67 -6.35
C PRO D 100 -25.57 21.28 -6.01
N ASP D 101 -25.00 22.00 -5.04
CA ASP D 101 -23.65 21.73 -4.56
C ASP D 101 -23.67 20.68 -3.45
N THR D 102 -24.33 19.55 -3.73
CA THR D 102 -24.45 18.50 -2.73
C THR D 102 -23.08 17.92 -2.41
N PHE D 103 -22.85 17.65 -1.12
CA PHE D 103 -21.62 17.06 -0.67
C PHE D 103 -21.91 16.16 0.53
N PHE D 104 -21.01 15.21 0.77
CA PHE D 104 -21.15 14.26 1.85
C PHE D 104 -20.36 14.74 3.05
N HIS D 105 -21.07 15.04 4.15
CA HIS D 105 -20.42 15.61 5.33
C HIS D 105 -19.40 14.65 5.91
N ASN D 106 -19.74 13.37 5.99
CA ASN D 106 -18.86 12.35 6.54
C ASN D 106 -17.99 11.67 5.49
N GLY D 107 -18.08 12.09 4.22
CA GLY D 107 -17.28 11.49 3.19
C GLY D 107 -15.82 11.91 3.25
N LYS D 108 -14.94 10.96 3.58
CA LYS D 108 -13.53 11.27 3.70
C LYS D 108 -12.88 11.47 2.32
N LYS D 109 -13.27 10.66 1.35
CA LYS D 109 -12.68 10.76 0.01
C LYS D 109 -13.67 10.14 -0.98
N SER D 110 -14.21 10.96 -1.87
CA SER D 110 -15.18 10.52 -2.87
C SER D 110 -14.67 10.93 -4.25
N PHE D 111 -14.69 9.98 -5.19
CA PHE D 111 -14.26 10.21 -6.55
C PHE D 111 -15.32 9.69 -7.52
N ALA D 112 -15.40 10.34 -8.67
CA ALA D 112 -16.36 9.97 -9.69
C ALA D 112 -15.76 8.98 -10.68
N HIS D 113 -16.62 8.38 -11.48
CA HIS D 113 -16.22 7.47 -12.54
C HIS D 113 -16.23 8.21 -13.87
N TRP D 114 -15.12 8.12 -14.61
CA TRP D 114 -14.94 8.90 -15.83
C TRP D 114 -14.91 8.06 -17.09
N MET D 115 -14.72 6.75 -16.99
CA MET D 115 -14.61 5.87 -18.14
C MET D 115 -15.90 5.08 -18.32
N THR D 116 -16.31 4.89 -19.58
CA THR D 116 -15.68 5.41 -20.80
C THR D 116 -15.95 6.90 -20.96
N THR D 117 -17.10 7.33 -20.45
CA THR D 117 -17.54 8.71 -20.45
C THR D 117 -17.98 9.09 -19.04
N PRO D 118 -17.80 10.34 -18.63
CA PRO D 118 -18.29 10.75 -17.31
C PRO D 118 -19.73 10.28 -17.06
N ASN D 119 -19.89 9.41 -16.08
CA ASN D 119 -21.16 8.73 -15.84
C ASN D 119 -22.14 9.71 -15.20
N ARG D 120 -22.67 10.60 -16.04
CA ARG D 120 -23.68 11.55 -15.62
C ARG D 120 -24.79 11.60 -16.67
N MET D 121 -26.02 11.76 -16.20
CA MET D 121 -27.18 11.86 -17.06
C MET D 121 -27.99 13.10 -16.68
N LEU D 122 -28.53 13.76 -17.70
CA LEU D 122 -29.36 14.94 -17.49
C LEU D 122 -30.59 14.82 -18.37
N ARG D 123 -31.76 14.97 -17.75
CA ARG D 123 -33.04 14.90 -18.45
C ARG D 123 -33.89 16.10 -18.07
N ILE D 124 -34.55 16.69 -19.06
CA ILE D 124 -35.34 17.90 -18.89
C ILE D 124 -36.70 17.68 -19.51
N TRP D 125 -37.75 18.07 -18.80
CA TRP D 125 -39.12 17.96 -19.26
C TRP D 125 -39.65 19.34 -19.66
N ASN D 126 -40.84 19.34 -20.24
CA ASN D 126 -41.43 20.60 -20.72
C ASN D 126 -41.65 21.58 -19.57
N ASP D 127 -42.16 21.08 -18.44
CA ASP D 127 -42.46 21.95 -17.30
C ASP D 127 -41.20 22.53 -16.67
N GLY D 128 -40.02 22.05 -17.03
CA GLY D 128 -38.78 22.52 -16.43
C GLY D 128 -38.20 21.60 -15.39
N ARG D 129 -38.85 20.48 -15.09
CA ARG D 129 -38.30 19.53 -14.15
C ARG D 129 -37.00 18.94 -14.69
N VAL D 130 -36.00 18.82 -13.82
CA VAL D 130 -34.66 18.39 -14.19
C VAL D 130 -34.30 17.16 -13.37
N LEU D 131 -33.81 16.13 -14.05
CA LEU D 131 -33.27 14.93 -13.40
C LEU D 131 -31.78 14.87 -13.68
N TYR D 132 -30.98 14.79 -12.62
CA TYR D 132 -29.53 14.77 -12.74
C TYR D 132 -29.01 13.68 -11.80
N THR D 133 -28.62 12.54 -12.38
CA THR D 133 -28.10 11.42 -11.62
C THR D 133 -26.61 11.27 -11.87
N LEU D 134 -25.90 10.79 -10.85
CA LEU D 134 -24.45 10.70 -10.89
C LEU D 134 -24.01 9.42 -10.18
N ARG D 135 -22.96 8.79 -10.71
CA ARG D 135 -22.39 7.60 -10.11
C ARG D 135 -21.19 8.01 -9.25
N LEU D 136 -21.16 7.51 -8.03
CA LEU D 136 -20.14 7.91 -7.06
C LEU D 136 -19.61 6.69 -6.32
N THR D 137 -18.40 6.82 -5.81
CA THR D 137 -17.79 5.82 -4.94
C THR D 137 -17.33 6.56 -3.68
N ILE D 138 -18.16 6.51 -2.63
CA ILE D 138 -17.96 7.27 -1.42
C ILE D 138 -17.21 6.41 -0.40
N SER D 139 -16.16 6.97 0.18
CA SER D 139 -15.41 6.33 1.26
C SER D 139 -15.67 7.14 2.53
N ALA D 140 -16.74 6.78 3.22
CA ALA D 140 -17.17 7.50 4.42
C ALA D 140 -16.61 6.84 5.67
N GLU D 141 -16.73 7.56 6.78
CA GLU D 141 -16.23 7.11 8.07
C GLU D 141 -17.38 6.52 8.88
N CYS D 142 -17.15 5.34 9.47
CA CYS D 142 -18.15 4.63 10.25
C CYS D 142 -17.57 4.31 11.62
N PRO D 143 -17.74 5.20 12.60
CA PRO D 143 -17.27 4.89 13.95
C PRO D 143 -17.96 3.66 14.51
N MET D 144 -17.20 2.85 15.24
CA MET D 144 -17.70 1.59 15.77
C MET D 144 -17.27 1.44 17.22
N ASP D 145 -18.16 0.86 18.02
CA ASP D 145 -17.86 0.53 19.42
C ASP D 145 -17.66 -0.98 19.49
N LEU D 146 -16.39 -1.39 19.50
CA LEU D 146 -16.05 -2.81 19.48
C LEU D 146 -15.96 -3.40 20.88
N GLU D 147 -17.01 -3.19 21.68
CA GLU D 147 -17.06 -3.75 23.02
C GLU D 147 -17.62 -5.17 23.03
N ASP D 148 -18.54 -5.48 22.13
CA ASP D 148 -19.09 -6.83 22.00
C ASP D 148 -18.47 -7.59 20.84
N PHE D 149 -17.36 -7.10 20.29
CA PHE D 149 -16.73 -7.77 19.16
C PHE D 149 -16.36 -9.20 19.56
N PRO D 150 -16.59 -10.19 18.70
CA PRO D 150 -17.18 -10.11 17.35
C PRO D 150 -18.71 -10.15 17.34
N MET D 151 -19.37 -10.18 18.49
CA MET D 151 -20.83 -10.14 18.54
C MET D 151 -21.32 -8.70 18.65
N ASP D 152 -20.94 -7.90 17.65
CA ASP D 152 -21.23 -6.49 17.63
C ASP D 152 -22.05 -6.13 16.40
N GLU D 153 -22.94 -5.16 16.56
CA GLU D 153 -23.74 -4.61 15.48
C GLU D 153 -23.34 -3.17 15.24
N GLN D 154 -23.22 -2.79 13.97
CA GLN D 154 -22.75 -1.47 13.57
C GLN D 154 -23.81 -0.78 12.73
N ASN D 155 -23.86 0.54 12.84
CA ASN D 155 -24.82 1.38 12.12
C ASN D 155 -24.02 2.46 11.39
N CYS D 156 -23.59 2.14 10.17
CA CYS D 156 -22.79 3.08 9.39
C CYS D 156 -23.69 4.10 8.70
N PRO D 157 -23.55 5.38 8.97
CA PRO D 157 -24.42 6.38 8.34
C PRO D 157 -23.85 6.92 7.04
N LEU D 158 -24.66 7.75 6.37
CA LEU D 158 -24.24 8.42 5.14
C LEU D 158 -24.99 9.75 5.10
N LYS D 159 -24.27 10.84 5.38
CA LYS D 159 -24.86 12.17 5.49
C LYS D 159 -24.43 13.01 4.30
N PHE D 160 -25.38 13.73 3.71
CA PHE D 160 -25.10 14.59 2.58
C PHE D 160 -26.07 15.76 2.59
N GLY D 161 -25.66 16.83 1.92
CA GLY D 161 -26.49 18.03 1.85
C GLY D 161 -25.76 19.11 1.09
N SER D 162 -26.42 20.28 1.03
CA SER D 162 -25.83 21.42 0.33
C SER D 162 -24.65 21.98 1.12
N TYR D 163 -23.64 22.44 0.38
CA TYR D 163 -22.45 23.03 1.01
C TYR D 163 -22.59 24.54 1.16
N ALA D 164 -23.22 25.22 0.20
CA ALA D 164 -23.29 26.67 0.20
C ALA D 164 -24.69 27.22 0.41
N TYR D 165 -25.73 26.44 0.15
CA TYR D 165 -27.10 26.94 0.23
C TYR D 165 -27.73 26.48 1.54
N PRO D 166 -28.04 27.38 2.48
CA PRO D 166 -28.63 26.94 3.74
C PRO D 166 -30.05 26.39 3.58
N ASN D 167 -30.68 26.04 4.71
CA ASN D 167 -32.02 25.47 4.68
C ASN D 167 -33.04 26.45 4.12
N SER D 168 -32.76 27.75 4.17
CA SER D 168 -33.70 28.75 3.68
C SER D 168 -33.67 28.92 2.17
N GLU D 169 -32.72 28.28 1.48
CA GLU D 169 -32.59 28.41 0.04
C GLU D 169 -32.76 27.08 -0.68
N VAL D 170 -32.13 26.01 -0.19
CA VAL D 170 -32.21 24.70 -0.80
C VAL D 170 -32.60 23.69 0.27
N VAL D 171 -33.57 22.84 -0.03
CA VAL D 171 -34.05 21.82 0.89
C VAL D 171 -34.04 20.48 0.18
N TYR D 172 -33.51 19.46 0.84
CA TYR D 172 -33.48 18.10 0.33
C TYR D 172 -34.55 17.27 1.01
N VAL D 173 -35.28 16.49 0.22
CA VAL D 173 -36.33 15.61 0.73
C VAL D 173 -36.25 14.28 -0.02
N TRP D 174 -36.41 13.19 0.71
CA TRP D 174 -36.47 11.88 0.07
C TRP D 174 -37.75 11.75 -0.74
N THR D 175 -37.65 11.06 -1.87
CA THR D 175 -38.79 10.85 -2.75
C THR D 175 -39.54 9.60 -2.33
N ASN D 176 -40.86 9.69 -2.27
CA ASN D 176 -41.71 8.55 -1.88
C ASN D 176 -41.29 8.11 -0.47
N GLY D 177 -41.50 6.84 -0.15
CA GLY D 177 -41.15 6.32 1.15
C GLY D 177 -39.68 6.01 1.30
N SER D 178 -39.32 5.55 2.50
CA SER D 178 -37.93 5.22 2.77
C SER D 178 -37.46 4.06 1.92
N THR D 179 -38.31 3.05 1.73
CA THR D 179 -37.90 1.87 0.97
C THR D 179 -37.55 2.23 -0.46
N LYS D 180 -38.36 3.08 -1.10
CA LYS D 180 -38.08 3.47 -2.48
C LYS D 180 -36.93 4.46 -2.56
N SER D 181 -36.74 5.27 -1.52
CA SER D 181 -35.71 6.30 -1.56
C SER D 181 -34.32 5.69 -1.70
N VAL D 182 -34.04 4.63 -0.95
CA VAL D 182 -32.75 3.95 -0.96
C VAL D 182 -32.98 2.50 -1.34
N VAL D 183 -32.25 2.03 -2.35
CA VAL D 183 -32.35 0.66 -2.84
C VAL D 183 -30.96 0.08 -2.92
N VAL D 184 -30.81 -1.16 -2.47
CA VAL D 184 -29.54 -1.88 -2.48
C VAL D 184 -29.69 -3.10 -3.37
N ALA D 185 -28.76 -3.25 -4.31
CA ALA D 185 -28.78 -4.40 -5.20
C ALA D 185 -28.57 -5.69 -4.42
N GLU D 186 -29.20 -6.77 -4.90
CA GLU D 186 -29.10 -8.04 -4.20
C GLU D 186 -27.65 -8.52 -4.13
N ASP D 187 -26.93 -8.43 -5.24
CA ASP D 187 -25.53 -8.85 -5.27
C ASP D 187 -24.60 -7.79 -4.70
N GLY D 188 -25.06 -6.54 -4.60
CA GLY D 188 -24.19 -5.50 -4.06
C GLY D 188 -23.90 -5.69 -2.58
N SER D 189 -24.91 -6.10 -1.81
CA SER D 189 -24.77 -6.29 -0.36
C SER D 189 -24.12 -7.64 -0.08
N ARG D 190 -22.82 -7.70 -0.38
CA ARG D 190 -22.02 -8.90 -0.14
C ARG D 190 -20.74 -8.48 0.57
N LEU D 191 -20.65 -8.84 1.86
CA LEU D 191 -19.48 -8.53 2.66
C LEU D 191 -18.94 -9.82 3.28
N ASN D 192 -17.62 -9.85 3.48
CA ASN D 192 -16.98 -11.06 4.00
C ASN D 192 -17.23 -11.25 5.49
N GLN D 193 -17.47 -10.17 6.24
CA GLN D 193 -17.61 -10.27 7.68
C GLN D 193 -18.75 -9.39 8.20
N TYR D 194 -19.79 -9.19 7.40
CA TYR D 194 -20.92 -8.40 7.83
C TYR D 194 -22.17 -8.83 7.08
N HIS D 195 -23.31 -8.71 7.74
CA HIS D 195 -24.62 -8.90 7.14
C HIS D 195 -25.34 -7.56 7.06
N LEU D 196 -25.84 -7.21 5.88
CA LEU D 196 -26.57 -5.96 5.68
C LEU D 196 -28.03 -6.23 6.03
N MET D 197 -28.37 -6.01 7.29
CA MET D 197 -29.72 -6.32 7.76
C MET D 197 -30.76 -5.45 7.07
N GLY D 198 -30.48 -4.16 6.94
CA GLY D 198 -31.43 -3.26 6.32
C GLY D 198 -30.88 -1.85 6.28
N GLN D 199 -31.72 -0.94 5.79
CA GLN D 199 -31.36 0.47 5.65
C GLN D 199 -32.49 1.34 6.18
N THR D 200 -32.11 2.49 6.72
CA THR D 200 -33.06 3.48 7.19
C THR D 200 -32.60 4.86 6.76
N VAL D 201 -33.56 5.77 6.61
CA VAL D 201 -33.29 7.12 6.14
C VAL D 201 -33.98 8.12 7.08
N GLY D 202 -33.48 9.34 7.07
CA GLY D 202 -34.04 10.39 7.90
C GLY D 202 -33.52 11.74 7.46
N THR D 203 -34.06 12.78 8.09
CA THR D 203 -33.68 14.15 7.82
C THR D 203 -33.53 14.90 9.13
N GLU D 204 -32.68 15.93 9.12
CA GLU D 204 -32.47 16.75 10.29
C GLU D 204 -31.88 18.09 9.86
N ASN D 205 -31.99 19.07 10.75
CA ASN D 205 -31.43 20.40 10.55
C ASN D 205 -30.29 20.60 11.53
N ILE D 206 -29.15 21.07 11.03
CA ILE D 206 -27.98 21.37 11.85
C ILE D 206 -27.72 22.86 11.80
N SER D 207 -27.52 23.46 12.96
CA SER D 207 -27.22 24.89 13.07
C SER D 207 -25.70 25.08 13.04
N THR D 208 -25.23 25.91 12.12
CA THR D 208 -23.81 26.16 11.94
C THR D 208 -23.58 27.66 11.83
N SER D 209 -22.31 28.05 11.93
CA SER D 209 -21.96 29.47 11.82
C SER D 209 -22.31 30.04 10.46
N THR D 210 -22.38 29.20 9.43
CA THR D 210 -22.74 29.63 8.09
C THR D 210 -24.24 29.54 7.82
N GLY D 211 -25.02 29.10 8.80
CA GLY D 211 -26.46 28.99 8.67
C GLY D 211 -26.94 27.57 8.89
N GLU D 212 -28.26 27.42 8.86
CA GLU D 212 -28.88 26.11 9.03
C GLU D 212 -28.87 25.35 7.71
N TYR D 213 -28.53 24.07 7.77
CA TYR D 213 -28.48 23.20 6.61
C TYR D 213 -29.25 21.92 6.92
N THR D 214 -30.15 21.54 6.01
CA THR D 214 -30.85 20.28 6.14
C THR D 214 -29.91 19.14 5.76
N ILE D 215 -29.89 18.10 6.58
CA ILE D 215 -29.00 16.96 6.41
C ILE D 215 -29.83 15.72 6.10
N MET D 216 -29.51 15.06 5.00
CA MET D 216 -30.15 13.81 4.60
C MET D 216 -29.23 12.67 5.00
N THR D 217 -29.73 11.77 5.85
CA THR D 217 -28.92 10.70 6.42
C THR D 217 -29.50 9.35 6.06
N ALA D 218 -28.63 8.42 5.69
CA ALA D 218 -28.99 7.04 5.43
C ALA D 218 -28.13 6.15 6.30
N HIS D 219 -28.77 5.29 7.08
CA HIS D 219 -28.09 4.40 8.01
C HIS D 219 -28.18 2.97 7.51
N PHE D 220 -27.04 2.28 7.49
CA PHE D 220 -26.96 0.89 7.08
C PHE D 220 -26.69 0.04 8.32
N HIS D 221 -27.57 -0.92 8.58
CA HIS D 221 -27.44 -1.79 9.74
C HIS D 221 -26.56 -2.98 9.38
N LEU D 222 -25.49 -3.18 10.14
CA LEU D 222 -24.53 -4.24 9.89
C LEU D 222 -24.51 -5.20 11.07
N LYS D 223 -24.62 -6.49 10.78
CA LYS D 223 -24.54 -7.55 11.78
C LYS D 223 -23.33 -8.41 11.44
N ARG D 224 -22.26 -8.27 12.21
CA ARG D 224 -21.04 -9.02 11.93
C ARG D 224 -21.34 -10.51 11.96
N LYS D 225 -20.86 -11.23 10.95
CA LYS D 225 -21.08 -12.67 10.84
C LYS D 225 -19.89 -13.38 11.46
N ILE D 226 -20.16 -14.23 12.44
CA ILE D 226 -19.12 -14.99 13.10
C ILE D 226 -18.87 -16.28 12.34
N GLY D 227 -17.69 -16.85 12.54
CA GLY D 227 -17.29 -18.07 11.85
C GLY D 227 -15.86 -18.00 11.38
N TYR D 228 -15.39 -16.82 11.01
CA TYR D 228 -13.98 -16.64 10.70
C TYR D 228 -13.15 -16.63 11.97
N PHE D 229 -13.64 -15.95 13.02
CA PHE D 229 -12.92 -15.92 14.28
C PHE D 229 -13.03 -17.24 15.03
N VAL D 230 -14.14 -17.97 14.82
CA VAL D 230 -14.25 -19.30 15.39
C VAL D 230 -13.16 -20.22 14.83
N ILE D 231 -12.95 -20.16 13.52
CA ILE D 231 -11.91 -20.97 12.90
C ILE D 231 -10.51 -20.40 13.14
N GLN D 232 -10.41 -19.11 13.48
CA GLN D 232 -9.12 -18.43 13.61
C GLN D 232 -8.67 -18.27 15.05
N THR D 233 -9.57 -17.94 15.97
CA THR D 233 -9.22 -17.63 17.35
C THR D 233 -9.82 -18.59 18.36
N TYR D 234 -11.15 -18.78 18.34
CA TYR D 234 -11.79 -19.55 19.40
C TYR D 234 -11.34 -21.00 19.38
N LEU D 235 -11.40 -21.65 18.21
CA LEU D 235 -11.05 -23.07 18.15
C LEU D 235 -9.63 -23.34 18.58
N PRO D 236 -8.61 -22.64 18.08
CA PRO D 236 -7.25 -22.87 18.61
C PRO D 236 -7.15 -22.65 20.11
N CYS D 237 -7.85 -21.65 20.64
CA CYS D 237 -7.84 -21.43 22.08
C CYS D 237 -8.55 -22.58 22.80
N ILE D 238 -9.68 -23.03 22.28
CA ILE D 238 -10.42 -24.11 22.93
C ILE D 238 -9.61 -25.40 22.93
N MET D 239 -9.04 -25.75 21.77
CA MET D 239 -8.26 -26.98 21.70
C MET D 239 -6.98 -26.88 22.52
N THR D 240 -6.39 -25.69 22.60
CA THR D 240 -5.20 -25.51 23.43
C THR D 240 -5.50 -25.78 24.89
N VAL D 241 -6.65 -25.31 25.37
CA VAL D 241 -7.05 -25.57 26.76
C VAL D 241 -7.23 -27.06 26.97
N ILE D 242 -7.88 -27.74 26.04
CA ILE D 242 -8.06 -29.19 26.15
C ILE D 242 -6.71 -29.89 26.17
N LEU D 243 -5.76 -29.38 25.37
CA LEU D 243 -4.43 -29.98 25.34
C LEU D 243 -3.77 -29.89 26.72
N SER D 244 -3.92 -28.75 27.40
CA SER D 244 -3.31 -28.60 28.72
C SER D 244 -3.89 -29.59 29.71
N GLN D 245 -5.21 -29.81 29.66
CA GLN D 245 -5.85 -30.71 30.61
C GLN D 245 -5.38 -32.15 30.46
N VAL D 246 -4.78 -32.50 29.32
CA VAL D 246 -4.26 -33.86 29.15
C VAL D 246 -3.15 -34.14 30.15
N SER D 247 -2.44 -33.10 30.59
CA SER D 247 -1.36 -33.29 31.53
C SER D 247 -1.84 -33.92 32.83
N PHE D 248 -3.10 -33.67 33.19
CA PHE D 248 -3.64 -34.23 34.44
C PHE D 248 -3.70 -35.75 34.40
N TRP D 249 -3.67 -36.36 33.22
CA TRP D 249 -3.73 -37.80 33.08
C TRP D 249 -2.36 -38.47 33.07
N LEU D 250 -1.29 -37.69 33.24
CA LEU D 250 0.07 -38.23 33.28
C LEU D 250 0.54 -38.35 34.73
N ASN D 251 1.48 -39.26 34.93
CA ASN D 251 2.01 -39.50 36.27
C ASN D 251 2.79 -38.30 36.77
N ARG D 252 2.76 -38.11 38.09
CA ARG D 252 3.45 -36.97 38.70
C ARG D 252 4.95 -37.04 38.46
N GLU D 253 5.54 -38.24 38.59
CA GLU D 253 6.98 -38.36 38.46
C GLU D 253 7.49 -37.92 37.10
N SER D 254 6.63 -37.92 36.08
CA SER D 254 7.00 -37.45 34.74
C SER D 254 7.01 -35.92 34.75
N VAL D 255 7.99 -35.37 35.47
CA VAL D 255 8.05 -33.92 35.66
C VAL D 255 8.29 -33.23 34.33
N ALA D 256 9.24 -33.73 33.53
CA ALA D 256 9.55 -33.08 32.26
C ALA D 256 8.36 -33.14 31.31
N ALA D 257 7.67 -34.28 31.26
CA ALA D 257 6.56 -34.43 30.33
C ALA D 257 5.45 -33.42 30.62
N ARG D 258 5.08 -33.27 31.88
CA ARG D 258 4.01 -32.34 32.22
C ARG D 258 4.47 -30.89 32.13
N THR D 259 5.77 -30.64 32.33
CA THR D 259 6.28 -29.28 32.17
C THR D 259 6.14 -28.82 30.73
N VAL D 260 6.41 -29.71 29.76
CA VAL D 260 6.28 -29.35 28.36
C VAL D 260 4.84 -28.95 28.05
N PHE D 261 3.87 -29.72 28.56
CA PHE D 261 2.47 -29.38 28.34
C PHE D 261 2.16 -27.97 28.83
N GLY D 262 2.51 -27.66 30.07
CA GLY D 262 2.18 -26.35 30.62
C GLY D 262 2.90 -25.22 29.93
N VAL D 263 4.20 -25.38 29.70
CA VAL D 263 4.97 -24.30 29.09
C VAL D 263 4.51 -24.04 27.66
N THR D 264 4.38 -25.12 26.86
CA THR D 264 3.98 -24.95 25.47
C THR D 264 2.59 -24.35 25.36
N THR D 265 1.64 -24.83 26.17
CA THR D 265 0.28 -24.32 26.09
C THR D 265 0.21 -22.86 26.51
N VAL D 266 0.93 -22.49 27.57
CA VAL D 266 0.89 -21.11 28.05
C VAL D 266 1.43 -20.17 26.98
N LEU D 267 2.56 -20.54 26.37
CA LEU D 267 3.12 -19.70 25.31
C LEU D 267 2.25 -19.72 24.07
N THR D 268 1.60 -20.85 23.77
CA THR D 268 0.71 -20.92 22.63
C THR D 268 -0.43 -19.92 22.77
N MET D 269 -1.01 -19.83 23.97
CA MET D 269 -2.08 -18.84 24.19
C MET D 269 -1.53 -17.43 24.12
N THR D 270 -0.30 -17.21 24.57
CA THR D 270 0.28 -15.88 24.53
C THR D 270 0.39 -15.36 23.10
N THR D 271 0.87 -16.21 22.18
CA THR D 271 1.00 -15.79 20.79
C THR D 271 -0.36 -15.66 20.11
N LEU D 272 -1.34 -16.47 20.50
CA LEU D 272 -2.67 -16.35 19.92
C LEU D 272 -3.29 -14.99 20.23
N SER D 273 -3.11 -14.51 21.47
CA SER D 273 -3.61 -13.19 21.82
C SER D 273 -2.96 -12.11 20.97
N ILE D 274 -1.65 -12.19 20.78
CA ILE D 274 -0.94 -11.23 19.95
C ILE D 274 -1.43 -11.32 18.51
N SER D 275 -1.50 -12.54 17.98
CA SER D 275 -1.91 -12.73 16.59
C SER D 275 -3.35 -12.25 16.37
N ALA D 276 -4.24 -12.53 17.32
CA ALA D 276 -5.63 -12.19 17.14
C ALA D 276 -5.83 -10.69 17.00
N ARG D 277 -5.13 -9.90 17.81
CA ARG D 277 -5.31 -8.45 17.80
C ARG D 277 -4.59 -7.76 16.65
N ASN D 278 -3.75 -8.49 15.90
CA ASN D 278 -3.07 -7.88 14.76
C ASN D 278 -4.08 -7.42 13.72
N SER D 279 -5.08 -8.24 13.42
CA SER D 279 -6.12 -7.85 12.48
C SER D 279 -7.09 -6.86 13.10
N LEU D 280 -7.39 -7.03 14.39
CA LEU D 280 -8.32 -6.13 15.06
C LEU D 280 -7.72 -4.73 15.17
N PRO D 281 -8.56 -3.69 15.09
CA PRO D 281 -8.05 -2.33 15.29
C PRO D 281 -7.45 -2.16 16.68
N LYS D 282 -6.43 -1.30 16.75
CA LYS D 282 -5.71 -1.07 18.00
C LYS D 282 -6.54 -0.19 18.93
N VAL D 283 -7.63 -0.77 19.42
CA VAL D 283 -8.53 -0.09 20.35
C VAL D 283 -8.00 -0.27 21.76
N ALA D 284 -8.10 0.78 22.57
CA ALA D 284 -7.57 0.77 23.93
C ALA D 284 -8.64 0.34 24.94
N TYR D 285 -9.26 -0.81 24.68
CA TYR D 285 -10.18 -1.40 25.64
C TYR D 285 -10.36 -2.87 25.30
N ALA D 286 -10.87 -3.63 26.28
CA ALA D 286 -11.00 -5.06 26.14
C ALA D 286 -12.31 -5.39 25.42
N THR D 287 -12.23 -6.33 24.46
CA THR D 287 -13.38 -6.81 23.73
C THR D 287 -13.84 -8.14 24.31
N ALA D 288 -14.96 -8.65 23.80
CA ALA D 288 -15.46 -9.94 24.26
C ALA D 288 -14.48 -11.05 23.94
N MET D 289 -13.84 -11.01 22.77
CA MET D 289 -12.85 -12.02 22.41
C MET D 289 -11.67 -11.98 23.37
N ASP D 290 -11.26 -10.78 23.79
CA ASP D 290 -10.14 -10.67 24.72
C ASP D 290 -10.44 -11.37 26.04
N TRP D 291 -11.66 -11.21 26.56
CA TRP D 291 -12.04 -11.89 27.79
C TRP D 291 -11.99 -13.40 27.60
N PHE D 292 -12.48 -13.90 26.47
CA PHE D 292 -12.42 -15.34 26.21
C PHE D 292 -10.99 -15.84 26.19
N ILE D 293 -10.09 -15.10 25.54
CA ILE D 293 -8.69 -15.48 25.53
C ILE D 293 -8.09 -15.41 26.93
N ALA D 294 -8.44 -14.36 27.68
CA ALA D 294 -7.90 -14.22 29.03
C ALA D 294 -8.31 -15.39 29.92
N VAL D 295 -9.57 -15.80 29.85
CA VAL D 295 -10.03 -16.93 30.64
C VAL D 295 -9.30 -18.21 30.20
N CYS D 296 -9.17 -18.41 28.89
CA CYS D 296 -8.45 -19.57 28.40
C CYS D 296 -7.01 -19.56 28.88
N TYR D 297 -6.38 -18.38 28.91
CA TYR D 297 -5.02 -18.28 29.43
C TYR D 297 -4.98 -18.67 30.89
N ALA D 298 -6.00 -18.30 31.66
CA ALA D 298 -6.05 -18.66 33.07
C ALA D 298 -6.14 -20.17 33.25
N PHE D 299 -6.95 -20.84 32.43
CA PHE D 299 -7.10 -22.29 32.56
C PHE D 299 -5.78 -23.01 32.30
N VAL D 300 -5.10 -22.66 31.20
CA VAL D 300 -3.83 -23.30 30.90
C VAL D 300 -2.79 -22.95 31.96
N PHE D 301 -2.75 -21.68 32.37
CA PHE D 301 -1.80 -21.27 33.40
C PHE D 301 -2.13 -21.94 34.73
N SER D 302 -3.42 -22.04 35.07
CA SER D 302 -3.81 -22.68 36.32
C SER D 302 -3.41 -24.16 36.33
N ALA D 303 -3.52 -24.83 35.18
CA ALA D 303 -3.14 -26.23 35.11
C ALA D 303 -1.67 -26.41 35.44
N LEU D 304 -0.81 -25.52 34.93
CA LEU D 304 0.61 -25.60 35.25
C LEU D 304 0.85 -25.37 36.73
N LEU D 305 0.12 -24.42 37.33
CA LEU D 305 0.26 -24.19 38.76
C LEU D 305 -0.17 -25.40 39.56
N GLU D 306 -1.22 -26.09 39.11
CA GLU D 306 -1.65 -27.31 39.79
C GLU D 306 -0.55 -28.36 39.78
N PHE D 307 0.12 -28.53 38.64
CA PHE D 307 1.23 -29.48 38.57
C PHE D 307 2.37 -29.06 39.49
N ALA D 308 2.71 -27.77 39.49
CA ALA D 308 3.78 -27.29 40.35
C ALA D 308 3.43 -27.51 41.82
N PHE D 309 2.20 -27.19 42.21
CA PHE D 309 1.77 -27.44 43.58
C PHE D 309 1.75 -28.94 43.87
N VAL D 310 1.25 -29.74 42.93
CA VAL D 310 1.22 -31.19 43.11
C VAL D 310 2.63 -31.74 43.23
N ASN D 311 3.53 -31.30 42.35
CA ASN D 311 4.90 -31.77 42.40
C ASN D 311 5.65 -31.26 43.62
N TYR D 312 5.16 -30.18 44.24
CA TYR D 312 5.82 -29.63 45.43
C TYR D 312 5.53 -30.46 46.67
N ILE D 313 4.34 -31.06 46.75
CA ILE D 313 3.92 -31.84 47.92
C ILE D 313 3.84 -33.33 47.60
N THR D 314 4.35 -33.75 46.44
CA THR D 314 4.26 -35.16 46.08
C THR D 314 5.05 -36.05 47.03
N LYS D 315 5.96 -35.48 47.80
CA LYS D 315 6.80 -36.24 48.73
C LYS D 315 6.28 -36.18 50.16
N SER D 316 6.02 -34.97 50.68
CA SER D 316 5.60 -34.84 52.06
C SER D 316 4.25 -35.50 52.29
N GLN D 317 3.27 -35.21 51.43
CA GLN D 317 1.91 -35.75 51.55
C GLN D 317 1.48 -36.27 50.18
N PRO D 318 1.99 -37.43 49.76
CA PRO D 318 1.60 -37.95 48.45
C PRO D 318 0.11 -38.21 48.31
N ALA D 319 -0.58 -38.55 49.41
CA ALA D 319 -2.00 -38.90 49.32
C ALA D 319 -2.81 -37.74 48.78
N ARG D 320 -2.58 -36.53 49.29
CA ARG D 320 -3.34 -35.38 48.82
C ARG D 320 -2.98 -35.01 47.38
N ALA D 321 -1.72 -35.21 47.00
CA ALA D 321 -1.29 -34.87 45.65
C ALA D 321 -2.06 -35.68 44.61
N ALA D 322 -2.23 -36.98 44.85
CA ALA D 322 -2.97 -37.81 43.91
C ALA D 322 -4.43 -37.38 43.82
N LYS D 323 -5.04 -37.06 44.96
CA LYS D 323 -6.44 -36.65 44.95
C LYS D 323 -6.64 -35.36 44.16
N ILE D 324 -5.73 -34.40 44.34
CA ILE D 324 -5.84 -33.14 43.60
C ILE D 324 -5.73 -33.39 42.10
N ASP D 325 -4.74 -34.22 41.70
CA ASP D 325 -4.58 -34.52 40.29
C ASP D 325 -5.80 -35.23 39.73
N LYS D 326 -6.33 -36.21 40.48
CA LYS D 326 -7.53 -36.91 40.03
C LYS D 326 -8.73 -35.97 39.97
N MET D 327 -8.89 -35.12 40.98
CA MET D 327 -10.02 -34.19 40.99
C MET D 327 -9.92 -33.18 39.85
N SER D 328 -8.71 -32.71 39.56
CA SER D 328 -8.54 -31.73 38.49
C SER D 328 -8.99 -32.27 37.14
N ARG D 329 -8.94 -33.59 36.95
CA ARG D 329 -9.37 -34.18 35.70
C ARG D 329 -10.85 -33.94 35.44
N ILE D 330 -11.64 -33.68 36.49
CA ILE D 330 -13.07 -33.48 36.36
C ILE D 330 -13.44 -32.00 36.45
N VAL D 331 -12.82 -31.27 37.40
CA VAL D 331 -13.20 -29.88 37.63
C VAL D 331 -12.87 -29.03 36.41
N PHE D 332 -11.64 -29.16 35.89
CA PHE D 332 -11.22 -28.28 34.81
C PHE D 332 -12.10 -28.42 33.56
N PRO D 333 -12.37 -29.61 33.05
CA PRO D 333 -13.28 -29.70 31.89
C PRO D 333 -14.66 -29.13 32.18
N ILE D 334 -15.18 -29.32 33.39
CA ILE D 334 -16.51 -28.84 33.71
C ILE D 334 -16.54 -27.32 33.71
N LEU D 335 -15.58 -26.68 34.38
CA LEU D 335 -15.57 -25.23 34.45
C LEU D 335 -15.40 -24.61 33.07
N PHE D 336 -14.50 -25.16 32.25
CA PHE D 336 -14.30 -24.61 30.91
C PHE D 336 -15.57 -24.76 30.07
N GLY D 337 -16.22 -25.92 30.14
CA GLY D 337 -17.48 -26.09 29.45
C GLY D 337 -18.56 -25.18 29.98
N THR D 338 -18.64 -25.03 31.31
CA THR D 338 -19.62 -24.14 31.91
C THR D 338 -19.39 -22.70 31.48
N PHE D 339 -18.13 -22.28 31.43
CA PHE D 339 -17.82 -20.91 31.02
C PHE D 339 -18.30 -20.63 29.61
N ASN D 340 -18.08 -21.58 28.69
CA ASN D 340 -18.49 -21.37 27.31
C ASN D 340 -19.99 -21.17 27.19
N LEU D 341 -20.77 -21.98 27.90
CA LEU D 341 -22.23 -21.84 27.84
C LEU D 341 -22.66 -20.45 28.30
N VAL D 342 -22.08 -19.97 29.40
CA VAL D 342 -22.38 -18.62 29.87
C VAL D 342 -21.89 -17.59 28.86
N TYR D 343 -20.67 -17.78 28.35
CA TYR D 343 -20.10 -16.80 27.42
C TYR D 343 -20.92 -16.72 26.14
N TRP D 344 -21.17 -17.86 25.50
CA TRP D 344 -21.90 -17.85 24.24
C TRP D 344 -23.34 -17.40 24.44
N ALA D 345 -24.00 -17.89 25.50
CA ALA D 345 -25.37 -17.47 25.76
C ALA D 345 -25.46 -15.99 26.07
N THR D 346 -24.48 -15.47 26.81
CA THR D 346 -24.51 -14.05 27.18
C THR D 346 -24.46 -13.15 25.96
N TYR D 347 -23.60 -13.47 24.99
CA TYR D 347 -23.44 -12.63 23.81
C TYR D 347 -24.38 -13.02 22.68
N LEU D 348 -24.73 -14.31 22.56
CA LEU D 348 -25.67 -14.75 21.53
C LEU D 348 -27.11 -14.65 22.04
N ASN D 349 -27.45 -13.45 22.48
CA ASN D 349 -28.79 -13.18 23.01
C ASN D 349 -29.02 -11.68 23.15
N ASN E 14 -2.96 18.86 -51.89
CA ASN E 14 -3.75 17.63 -51.80
C ASN E 14 -4.18 17.35 -50.37
N ILE E 15 -3.64 18.12 -49.43
CA ILE E 15 -3.98 17.94 -48.02
C ILE E 15 -5.07 18.90 -47.58
N THR E 16 -5.21 20.04 -48.25
CA THR E 16 -6.23 21.01 -47.87
C THR E 16 -7.63 20.45 -48.05
N ILE E 17 -7.79 19.48 -48.96
CA ILE E 17 -9.11 18.89 -49.18
C ILE E 17 -9.62 18.21 -47.92
N PHE E 18 -8.74 17.49 -47.22
CA PHE E 18 -9.15 16.82 -45.99
C PHE E 18 -9.58 17.83 -44.93
N THR E 19 -8.88 18.97 -44.85
CA THR E 19 -9.25 19.99 -43.88
C THR E 19 -10.65 20.51 -44.13
N ARG E 20 -11.00 20.74 -45.40
CA ARG E 20 -12.33 21.24 -45.71
C ARG E 20 -13.40 20.23 -45.31
N ILE E 21 -13.15 18.95 -45.55
CA ILE E 21 -14.14 17.92 -45.22
C ILE E 21 -14.43 17.94 -43.73
N LEU E 22 -13.37 17.97 -42.90
CA LEU E 22 -13.57 17.97 -41.46
C LEU E 22 -14.33 19.22 -41.01
N ASP E 23 -13.98 20.38 -41.58
CA ASP E 23 -14.69 21.60 -41.22
C ASP E 23 -16.16 21.52 -41.61
N GLY E 24 -16.46 20.97 -42.79
CA GLY E 24 -17.84 20.86 -43.21
C GLY E 24 -18.66 19.98 -42.31
N LEU E 25 -18.11 18.83 -41.92
CA LEU E 25 -18.86 17.91 -41.06
C LEU E 25 -19.16 18.55 -39.70
N LEU E 26 -18.18 19.25 -39.13
CA LEU E 26 -18.38 19.90 -37.84
C LEU E 26 -19.24 21.15 -37.95
N ASP E 27 -19.48 21.66 -39.15
CA ASP E 27 -20.31 22.84 -39.32
C ASP E 27 -21.77 22.48 -39.09
N GLY E 28 -22.37 23.08 -38.08
CA GLY E 28 -23.75 22.77 -37.75
C GLY E 28 -23.97 21.42 -37.12
N TYR E 29 -22.93 20.85 -36.51
CA TYR E 29 -23.01 19.54 -35.87
C TYR E 29 -23.12 19.72 -34.37
N ASP E 30 -24.15 19.12 -33.78
CA ASP E 30 -24.38 19.17 -32.34
C ASP E 30 -23.99 17.82 -31.75
N ASN E 31 -22.95 17.82 -30.91
CA ASN E 31 -22.48 16.60 -30.28
C ASN E 31 -23.34 16.18 -29.10
N ARG E 32 -24.26 17.02 -28.66
CA ARG E 32 -25.14 16.70 -27.55
C ARG E 32 -26.35 15.86 -27.96
N LEU E 33 -26.53 15.62 -29.24
CA LEU E 33 -27.67 14.86 -29.76
C LEU E 33 -27.16 13.59 -30.44
N ARG E 34 -27.76 12.46 -30.08
CA ARG E 34 -27.36 11.20 -30.68
C ARG E 34 -27.82 11.14 -32.14
N PRO E 35 -27.10 10.41 -32.99
CA PRO E 35 -27.54 10.26 -34.37
C PRO E 35 -28.89 9.55 -34.45
N GLY E 36 -29.69 9.96 -35.43
CA GLY E 36 -31.00 9.37 -35.60
C GLY E 36 -31.99 9.73 -34.53
N LEU E 37 -31.74 10.80 -33.78
CA LEU E 37 -32.66 11.19 -32.72
C LEU E 37 -34.03 11.52 -33.28
N GLY E 38 -35.07 10.99 -32.65
CA GLY E 38 -36.42 11.23 -33.10
C GLY E 38 -36.78 10.57 -34.41
N GLU E 39 -35.91 9.73 -34.96
CA GLU E 39 -36.14 9.07 -36.24
C GLU E 39 -35.97 7.56 -36.17
N ARG E 40 -35.04 7.07 -35.37
CA ARG E 40 -34.76 5.64 -35.27
C ARG E 40 -34.03 5.38 -33.97
N ILE E 41 -33.61 4.14 -33.76
CA ILE E 41 -32.86 3.73 -32.59
C ILE E 41 -31.40 3.53 -32.99
N THR E 42 -30.51 4.18 -32.25
CA THR E 42 -29.08 4.10 -32.55
C THR E 42 -28.56 2.71 -32.19
N GLN E 43 -27.98 2.02 -33.16
CA GLN E 43 -27.43 0.69 -32.97
C GLN E 43 -25.91 0.77 -32.90
N VAL E 44 -25.35 0.22 -31.84
CA VAL E 44 -23.91 0.25 -31.59
C VAL E 44 -23.40 -1.19 -31.59
N ARG E 45 -22.41 -1.45 -32.44
CA ARG E 45 -21.77 -2.76 -32.50
C ARG E 45 -20.46 -2.70 -31.73
N THR E 46 -20.28 -3.63 -30.79
CA THR E 46 -19.15 -3.62 -29.87
C THR E 46 -18.33 -4.89 -30.02
N ASP E 47 -17.01 -4.72 -30.07
CA ASP E 47 -16.07 -5.82 -30.05
C ASP E 47 -14.96 -5.51 -29.06
N MET E 48 -14.42 -6.55 -28.45
CA MET E 48 -13.43 -6.41 -27.38
C MET E 48 -12.23 -7.31 -27.66
N TYR E 49 -11.05 -6.80 -27.33
CA TYR E 49 -9.80 -7.56 -27.42
C TYR E 49 -9.08 -7.41 -26.08
N VAL E 50 -8.93 -8.52 -25.36
CA VAL E 50 -8.34 -8.51 -24.03
C VAL E 50 -6.82 -8.60 -24.21
N ASN E 51 -6.14 -7.46 -24.07
CA ASN E 51 -4.69 -7.45 -24.20
C ASN E 51 -4.03 -8.25 -23.07
N SER E 52 -4.53 -8.12 -21.86
CA SER E 52 -3.97 -8.85 -20.72
C SER E 52 -5.04 -8.98 -19.65
N PHE E 53 -5.23 -10.21 -19.16
CA PHE E 53 -6.17 -10.47 -18.07
C PHE E 53 -5.40 -10.34 -16.76
N GLY E 54 -5.53 -9.16 -16.12
CA GLY E 54 -4.74 -8.83 -14.96
C GLY E 54 -4.98 -9.76 -13.80
N PRO E 55 -4.33 -9.48 -12.67
CA PRO E 55 -4.46 -10.36 -11.50
C PRO E 55 -5.87 -10.36 -10.95
N VAL E 56 -6.26 -11.49 -10.36
CA VAL E 56 -7.55 -11.65 -9.71
C VAL E 56 -7.31 -11.60 -8.21
N SER E 57 -7.78 -10.53 -7.57
CA SER E 57 -7.60 -10.36 -6.14
C SER E 57 -8.74 -11.06 -5.41
N ASP E 58 -8.45 -12.23 -4.84
CA ASP E 58 -9.48 -12.96 -4.11
C ASP E 58 -9.92 -12.22 -2.85
N THR E 59 -8.97 -11.56 -2.17
CA THR E 59 -9.31 -10.85 -0.94
C THR E 59 -10.32 -9.74 -1.21
N GLU E 60 -10.12 -8.98 -2.28
CA GLU E 60 -11.00 -7.86 -2.62
C GLU E 60 -12.10 -8.26 -3.60
N MET E 61 -12.17 -9.52 -4.01
CA MET E 61 -13.21 -10.00 -4.91
C MET E 61 -13.28 -9.14 -6.18
N GLU E 62 -12.11 -8.84 -6.74
CA GLU E 62 -12.01 -8.02 -7.94
C GLU E 62 -10.94 -8.60 -8.85
N TYR E 63 -11.05 -8.27 -10.13
CA TYR E 63 -10.05 -8.64 -11.11
C TYR E 63 -9.78 -7.44 -12.02
N THR E 64 -8.57 -7.39 -12.56
CA THR E 64 -8.14 -6.32 -13.44
C THR E 64 -7.98 -6.86 -14.85
N ILE E 65 -8.48 -6.11 -15.83
CA ILE E 65 -8.44 -6.51 -17.23
C ILE E 65 -8.10 -5.29 -18.08
N ASP E 66 -7.20 -5.48 -19.05
CA ASP E 66 -6.84 -4.46 -20.01
C ASP E 66 -7.37 -4.89 -21.38
N ILE E 67 -8.16 -4.02 -22.00
CA ILE E 67 -8.87 -4.35 -23.23
C ILE E 67 -8.75 -3.21 -24.23
N PHE E 68 -8.99 -3.54 -25.49
CA PHE E 68 -9.17 -2.56 -26.57
C PHE E 68 -10.66 -2.55 -26.90
N PHE E 69 -11.39 -1.62 -26.28
CA PHE E 69 -12.84 -1.56 -26.41
C PHE E 69 -13.19 -0.78 -27.67
N ALA E 70 -13.88 -1.43 -28.60
CA ALA E 70 -14.24 -0.84 -29.89
C ALA E 70 -15.75 -0.72 -30.01
N GLN E 71 -16.21 0.43 -30.48
CA GLN E 71 -17.62 0.70 -30.69
C GLN E 71 -17.81 1.22 -32.11
N THR E 72 -18.85 0.73 -32.78
CA THR E 72 -19.17 1.14 -34.14
C THR E 72 -20.64 1.51 -34.22
N TRP E 73 -20.92 2.61 -34.92
CA TRP E 73 -22.29 3.08 -35.08
C TRP E 73 -22.38 3.88 -36.37
N LYS E 74 -23.61 4.26 -36.71
CA LYS E 74 -23.91 4.97 -37.94
C LYS E 74 -24.35 6.39 -37.61
N ASP E 75 -23.74 7.37 -38.29
CA ASP E 75 -24.07 8.78 -38.09
C ASP E 75 -24.18 9.43 -39.46
N GLU E 76 -25.41 9.72 -39.89
CA GLU E 76 -25.62 10.31 -41.20
C GLU E 76 -25.09 11.74 -41.28
N ARG E 77 -24.92 12.41 -40.14
CA ARG E 77 -24.42 13.78 -40.15
C ARG E 77 -22.95 13.86 -40.56
N LEU E 78 -22.23 12.74 -40.56
CA LEU E 78 -20.81 12.71 -40.89
C LEU E 78 -20.55 12.22 -42.30
N ARG E 79 -21.59 12.07 -43.13
CA ARG E 79 -21.39 11.65 -44.51
C ARG E 79 -20.56 12.70 -45.26
N PHE E 80 -19.67 12.21 -46.12
CA PHE E 80 -18.79 13.09 -46.88
C PHE E 80 -18.42 12.41 -48.19
N LYS E 81 -17.90 13.22 -49.12
CA LYS E 81 -17.44 12.74 -50.41
C LYS E 81 -16.01 13.23 -50.62
N GLY E 82 -15.13 12.31 -51.01
CA GLY E 82 -13.74 12.65 -51.22
C GLY E 82 -12.97 11.51 -51.86
N PRO E 83 -11.73 11.79 -52.27
CA PRO E 83 -10.91 10.74 -52.90
C PRO E 83 -10.66 9.54 -52.01
N MET E 84 -10.54 9.76 -50.70
CA MET E 84 -10.26 8.69 -49.75
C MET E 84 -11.57 8.23 -49.11
N GLN E 85 -11.79 6.92 -49.11
CA GLN E 85 -13.01 6.34 -48.57
C GLN E 85 -13.02 6.30 -47.05
N ARG E 86 -11.89 6.55 -46.39
CA ARG E 86 -11.79 6.50 -44.94
C ARG E 86 -10.99 7.69 -44.45
N LEU E 87 -11.23 8.07 -43.20
CA LEU E 87 -10.58 9.22 -42.57
C LEU E 87 -10.00 8.78 -41.23
N PRO E 88 -8.85 8.13 -41.23
CA PRO E 88 -8.18 7.83 -39.97
C PRO E 88 -7.87 9.11 -39.20
N LEU E 89 -8.04 9.05 -37.89
CA LEU E 89 -7.90 10.23 -37.05
C LEU E 89 -7.40 9.79 -35.67
N ASN E 90 -7.49 10.68 -34.70
CA ASN E 90 -7.01 10.42 -33.35
C ASN E 90 -8.01 11.01 -32.36
N ASN E 91 -7.59 11.12 -31.10
CA ASN E 91 -8.49 11.55 -30.04
C ASN E 91 -8.95 13.00 -30.22
N LEU E 92 -8.28 13.78 -31.07
CA LEU E 92 -8.60 15.19 -31.17
C LEU E 92 -10.06 15.42 -31.59
N LEU E 93 -10.54 14.64 -32.56
CA LEU E 93 -11.89 14.81 -33.06
C LEU E 93 -12.93 14.03 -32.27
N ALA E 94 -12.50 13.18 -31.32
CA ALA E 94 -13.46 12.37 -30.58
C ALA E 94 -14.42 13.24 -29.77
N SER E 95 -13.90 14.29 -29.12
CA SER E 95 -14.74 15.16 -28.31
C SER E 95 -15.66 16.03 -29.14
N LYS E 96 -15.31 16.28 -30.41
CA LYS E 96 -16.10 17.16 -31.25
C LYS E 96 -17.39 16.52 -31.76
N ILE E 97 -17.47 15.19 -31.73
CA ILE E 97 -18.64 14.48 -32.23
C ILE E 97 -19.32 13.76 -31.07
N TRP E 98 -20.46 13.14 -31.36
CA TRP E 98 -21.22 12.40 -30.35
C TRP E 98 -20.67 10.98 -30.25
N THR E 99 -20.46 10.51 -29.02
CA THR E 99 -20.05 9.15 -28.76
C THR E 99 -20.94 8.57 -27.66
N PRO E 100 -21.16 7.26 -27.69
CA PRO E 100 -22.02 6.64 -26.66
C PRO E 100 -21.42 6.80 -25.27
N ASP E 101 -22.28 6.98 -24.28
CA ASP E 101 -21.87 7.10 -22.89
C ASP E 101 -21.74 5.73 -22.23
N THR E 102 -21.01 4.84 -22.87
CA THR E 102 -20.86 3.48 -22.37
C THR E 102 -20.13 3.49 -21.04
N PHE E 103 -20.59 2.66 -20.11
CA PHE E 103 -19.96 2.54 -18.80
C PHE E 103 -20.10 1.09 -18.34
N PHE E 104 -19.23 0.71 -17.42
CA PHE E 104 -19.21 -0.65 -16.88
C PHE E 104 -19.97 -0.66 -15.56
N HIS E 105 -21.07 -1.41 -15.54
CA HIS E 105 -21.93 -1.43 -14.35
C HIS E 105 -21.20 -1.98 -13.14
N ASN E 106 -20.42 -3.04 -13.33
CA ASN E 106 -19.69 -3.67 -12.24
C ASN E 106 -18.26 -3.14 -12.10
N GLY E 107 -17.88 -2.16 -12.92
CA GLY E 107 -16.54 -1.61 -12.83
C GLY E 107 -16.35 -0.72 -11.61
N LYS E 108 -15.52 -1.17 -10.67
CA LYS E 108 -15.31 -0.40 -9.45
C LYS E 108 -14.43 0.81 -9.72
N LYS E 109 -13.41 0.65 -10.56
CA LYS E 109 -12.49 1.77 -10.84
C LYS E 109 -11.83 1.49 -12.18
N SER E 110 -12.12 2.33 -13.17
CA SER E 110 -11.57 2.20 -14.52
C SER E 110 -10.88 3.50 -14.91
N PHE E 111 -9.66 3.38 -15.42
CA PHE E 111 -8.88 4.53 -15.85
C PHE E 111 -8.33 4.28 -17.24
N ALA E 112 -8.17 5.35 -18.00
CA ALA E 112 -7.66 5.28 -19.36
C ALA E 112 -6.14 5.44 -19.37
N HIS E 113 -5.56 5.13 -20.53
CA HIS E 113 -4.13 5.30 -20.77
C HIS E 113 -3.91 6.58 -21.56
N TRP E 114 -3.02 7.44 -21.06
CA TRP E 114 -2.82 8.76 -21.64
C TRP E 114 -1.46 8.94 -22.30
N MET E 115 -0.50 8.06 -22.04
CA MET E 115 0.85 8.19 -22.57
C MET E 115 1.07 7.19 -23.70
N THR E 116 1.78 7.61 -24.74
CA THR E 116 2.34 8.95 -24.95
C THR E 116 1.24 9.94 -25.32
N THR E 117 0.21 9.43 -25.99
CA THR E 117 -0.95 10.19 -26.40
C THR E 117 -2.19 9.43 -25.98
N PRO E 118 -3.29 10.12 -25.65
CA PRO E 118 -4.54 9.41 -25.32
C PRO E 118 -4.85 8.32 -26.33
N ASN E 119 -4.84 7.07 -25.87
CA ASN E 119 -4.95 5.91 -26.75
C ASN E 119 -6.40 5.79 -27.23
N ARG E 120 -6.75 6.64 -28.19
CA ARG E 120 -8.06 6.61 -28.80
C ARG E 120 -7.91 6.77 -30.31
N MET E 121 -8.74 6.05 -31.06
CA MET E 121 -8.74 6.12 -32.50
C MET E 121 -10.15 6.40 -33.00
N LEU E 122 -10.25 7.20 -34.06
CA LEU E 122 -11.52 7.53 -34.67
C LEU E 122 -11.39 7.40 -36.18
N ARG E 123 -12.28 6.64 -36.79
CA ARG E 123 -12.29 6.44 -38.23
C ARG E 123 -13.70 6.66 -38.76
N ILE E 124 -13.79 7.35 -39.89
CA ILE E 124 -15.07 7.73 -40.49
C ILE E 124 -15.04 7.35 -41.95
N TRP E 125 -16.13 6.73 -42.42
CA TRP E 125 -16.28 6.33 -43.81
C TRP E 125 -17.25 7.28 -44.52
N ASN E 126 -17.36 7.09 -45.84
CA ASN E 126 -18.21 7.97 -46.64
C ASN E 126 -19.66 7.87 -46.21
N ASP E 127 -20.14 6.65 -45.95
CA ASP E 127 -21.54 6.44 -45.58
C ASP E 127 -21.88 7.03 -44.22
N GLY E 128 -20.88 7.42 -43.44
CA GLY E 128 -21.12 7.94 -42.10
C GLY E 128 -20.84 6.96 -40.99
N ARG E 129 -20.44 5.73 -41.31
CA ARG E 129 -20.08 4.77 -40.28
C ARG E 129 -18.86 5.26 -39.50
N VAL E 130 -18.92 5.11 -38.18
CA VAL E 130 -17.90 5.61 -37.28
C VAL E 130 -17.34 4.46 -36.47
N LEU E 131 -16.01 4.36 -36.41
CA LEU E 131 -15.32 3.41 -35.56
C LEU E 131 -14.56 4.19 -34.49
N TYR E 132 -14.83 3.86 -33.22
CA TYR E 132 -14.22 4.55 -32.09
C TYR E 132 -13.76 3.49 -31.09
N THR E 133 -12.46 3.22 -31.05
CA THR E 133 -11.89 2.24 -30.15
C THR E 133 -11.09 2.94 -29.06
N LEU E 134 -11.07 2.33 -27.88
CA LEU E 134 -10.45 2.93 -26.71
C LEU E 134 -9.78 1.83 -25.89
N ARG E 135 -8.63 2.17 -25.30
CA ARG E 135 -7.89 1.26 -24.45
C ARG E 135 -8.24 1.56 -22.99
N LEU E 136 -8.58 0.52 -22.24
CA LEU E 136 -9.06 0.67 -20.88
C LEU E 136 -8.40 -0.36 -19.98
N THR E 137 -8.34 -0.03 -18.69
CA THR E 137 -7.91 -0.95 -17.64
C THR E 137 -9.00 -0.99 -16.59
N ILE E 138 -9.86 -2.00 -16.67
CA ILE E 138 -11.06 -2.10 -15.84
C ILE E 138 -10.73 -2.95 -14.62
N SER E 139 -11.10 -2.45 -13.44
CA SER E 139 -10.98 -3.19 -12.19
C SER E 139 -12.40 -3.50 -11.71
N ALA E 140 -12.94 -4.61 -12.18
CA ALA E 140 -14.30 -5.00 -11.88
C ALA E 140 -14.35 -5.94 -10.67
N GLU E 141 -15.56 -6.15 -10.16
CA GLU E 141 -15.78 -7.00 -9.01
C GLU E 141 -16.25 -8.37 -9.46
N CYS E 142 -15.64 -9.41 -8.89
CA CYS E 142 -15.94 -10.80 -9.24
C CYS E 142 -16.28 -11.56 -7.97
N PRO E 143 -17.56 -11.61 -7.59
CA PRO E 143 -17.95 -12.39 -6.42
C PRO E 143 -17.62 -13.86 -6.62
N MET E 144 -17.17 -14.51 -5.55
CA MET E 144 -16.74 -15.90 -5.61
C MET E 144 -17.31 -16.67 -4.42
N ASP E 145 -17.69 -17.92 -4.67
CA ASP E 145 -18.14 -18.84 -3.62
C ASP E 145 -17.01 -19.81 -3.34
N LEU E 146 -16.25 -19.55 -2.29
CA LEU E 146 -15.07 -20.35 -1.96
C LEU E 146 -15.43 -21.53 -1.05
N GLU E 147 -16.42 -22.32 -1.48
CA GLU E 147 -16.81 -23.51 -0.73
C GLU E 147 -15.98 -24.72 -1.12
N ASP E 148 -15.57 -24.81 -2.39
CA ASP E 148 -14.71 -25.90 -2.86
C ASP E 148 -13.26 -25.47 -2.98
N PHE E 149 -12.89 -24.33 -2.40
CA PHE E 149 -11.53 -23.86 -2.50
C PHE E 149 -10.57 -24.89 -1.91
N PRO E 150 -9.43 -25.16 -2.55
CA PRO E 150 -8.92 -24.59 -3.81
C PRO E 150 -9.45 -25.27 -5.06
N MET E 151 -10.34 -26.26 -4.95
CA MET E 151 -10.93 -26.91 -6.12
C MET E 151 -12.23 -26.20 -6.52
N ASP E 152 -12.09 -24.91 -6.81
CA ASP E 152 -13.22 -24.05 -7.12
C ASP E 152 -13.07 -23.45 -8.51
N GLU E 153 -14.20 -23.27 -9.19
CA GLU E 153 -14.26 -22.62 -10.47
C GLU E 153 -15.03 -21.31 -10.34
N GLN E 154 -14.51 -20.26 -10.98
CA GLN E 154 -15.09 -18.93 -10.89
C GLN E 154 -15.49 -18.43 -12.27
N ASN E 155 -16.54 -17.61 -12.29
CA ASN E 155 -17.08 -17.04 -13.52
C ASN E 155 -17.16 -15.52 -13.32
N CYS E 156 -16.07 -14.84 -13.65
CA CYS E 156 -16.01 -13.39 -13.48
C CYS E 156 -16.68 -12.69 -14.65
N PRO E 157 -17.72 -11.91 -14.44
CA PRO E 157 -18.41 -11.25 -15.55
C PRO E 157 -17.84 -9.86 -15.84
N LEU E 158 -18.35 -9.27 -16.93
CA LEU E 158 -17.98 -7.91 -17.31
C LEU E 158 -19.19 -7.29 -17.99
N LYS E 159 -19.89 -6.41 -17.29
CA LYS E 159 -21.14 -5.82 -17.76
C LYS E 159 -20.91 -4.36 -18.13
N PHE E 160 -21.44 -3.95 -19.28
CA PHE E 160 -21.32 -2.57 -19.72
C PHE E 160 -22.53 -2.20 -20.55
N GLY E 161 -22.78 -0.90 -20.64
CA GLY E 161 -23.90 -0.41 -21.41
C GLY E 161 -24.00 1.09 -21.30
N SER E 162 -25.05 1.64 -21.91
CA SER E 162 -25.26 3.08 -21.88
C SER E 162 -25.69 3.52 -20.48
N TYR E 163 -25.24 4.71 -20.09
CA TYR E 163 -25.59 5.27 -18.78
C TYR E 163 -26.84 6.15 -18.86
N ALA E 164 -27.01 6.89 -19.95
CA ALA E 164 -28.09 7.86 -20.07
C ALA E 164 -29.13 7.50 -21.12
N TYR E 165 -28.79 6.66 -22.09
CA TYR E 165 -29.71 6.35 -23.18
C TYR E 165 -30.35 5.00 -22.94
N PRO E 166 -31.66 4.93 -22.69
CA PRO E 166 -32.30 3.62 -22.45
C PRO E 166 -32.32 2.72 -23.69
N ASN E 167 -32.93 1.55 -23.54
CA ASN E 167 -33.00 0.59 -24.63
C ASN E 167 -33.76 1.14 -25.83
N SER E 168 -34.64 2.12 -25.63
CA SER E 168 -35.44 2.67 -26.71
C SER E 168 -34.67 3.68 -27.55
N GLU E 169 -33.46 4.06 -27.15
CA GLU E 169 -32.67 5.06 -27.86
C GLU E 169 -31.35 4.50 -28.36
N VAL E 170 -30.62 3.75 -27.53
CA VAL E 170 -29.34 3.18 -27.89
C VAL E 170 -29.37 1.69 -27.55
N VAL E 171 -28.92 0.86 -28.49
CA VAL E 171 -28.89 -0.59 -28.32
C VAL E 171 -27.50 -1.08 -28.66
N TYR E 172 -26.95 -1.93 -27.80
CA TYR E 172 -25.64 -2.54 -28.02
C TYR E 172 -25.82 -3.98 -28.47
N VAL E 173 -25.07 -4.37 -29.50
CA VAL E 173 -25.09 -5.73 -30.03
C VAL E 173 -23.67 -6.16 -30.34
N TRP E 174 -23.34 -7.40 -30.01
CA TRP E 174 -22.04 -7.94 -30.37
C TRP E 174 -21.95 -8.12 -31.87
N THR E 175 -20.76 -7.89 -32.41
CA THR E 175 -20.52 -8.03 -33.85
C THR E 175 -20.11 -9.46 -34.17
N ASN E 176 -20.70 -10.01 -35.22
CA ASN E 176 -20.41 -11.38 -35.65
C ASN E 176 -20.74 -12.32 -34.48
N GLY E 177 -20.07 -13.47 -34.41
CA GLY E 177 -20.33 -14.43 -33.38
C GLY E 177 -19.65 -14.08 -32.07
N SER E 178 -19.88 -14.94 -31.07
CA SER E 178 -19.29 -14.72 -29.76
C SER E 178 -17.76 -14.80 -29.81
N THR E 179 -17.24 -15.76 -30.58
CA THR E 179 -15.79 -15.94 -30.64
C THR E 179 -15.09 -14.69 -31.17
N LYS E 180 -15.64 -14.10 -32.24
CA LYS E 180 -15.02 -12.91 -32.81
C LYS E 180 -15.28 -11.68 -31.95
N SER E 181 -16.40 -11.65 -31.23
CA SER E 181 -16.75 -10.47 -30.45
C SER E 181 -15.72 -10.20 -29.37
N VAL E 182 -15.28 -11.25 -28.66
CA VAL E 182 -14.31 -11.13 -27.59
C VAL E 182 -13.11 -12.00 -27.93
N VAL E 183 -11.91 -11.40 -27.89
CA VAL E 183 -10.67 -12.10 -28.20
C VAL E 183 -9.69 -11.84 -27.08
N VAL E 184 -8.99 -12.89 -26.65
CA VAL E 184 -8.00 -12.81 -25.58
C VAL E 184 -6.65 -13.18 -26.16
N ALA E 185 -5.65 -12.33 -25.93
CA ALA E 185 -4.30 -12.61 -26.42
C ALA E 185 -3.74 -13.85 -25.74
N GLU E 186 -2.91 -14.58 -26.49
CA GLU E 186 -2.35 -15.81 -25.95
C GLU E 186 -1.51 -15.55 -24.71
N ASP E 187 -0.67 -14.52 -24.76
CA ASP E 187 0.16 -14.18 -23.61
C ASP E 187 -0.60 -13.38 -22.56
N GLY E 188 -1.74 -12.78 -22.92
CA GLY E 188 -2.49 -12.02 -21.95
C GLY E 188 -3.10 -12.88 -20.86
N SER E 189 -3.61 -14.05 -21.23
CA SER E 189 -4.26 -14.96 -20.29
C SER E 189 -3.20 -15.76 -19.54
N ARG E 190 -2.51 -15.06 -18.64
CA ARG E 190 -1.48 -15.67 -17.80
C ARG E 190 -1.72 -15.25 -16.36
N LEU E 191 -2.16 -16.18 -15.53
CA LEU E 191 -2.44 -15.93 -14.12
C LEU E 191 -1.66 -16.94 -13.28
N ASN E 192 -1.27 -16.50 -12.08
CA ASN E 192 -0.46 -17.34 -11.22
C ASN E 192 -1.26 -18.46 -10.57
N GLN E 193 -2.57 -18.26 -10.37
CA GLN E 193 -3.39 -19.24 -9.67
C GLN E 193 -4.74 -19.44 -10.34
N TYR E 194 -4.81 -19.29 -11.66
CA TYR E 194 -6.05 -19.50 -12.37
C TYR E 194 -5.76 -19.90 -13.81
N HIS E 195 -6.65 -20.71 -14.37
CA HIS E 195 -6.64 -21.06 -15.79
C HIS E 195 -7.83 -20.42 -16.46
N LEU E 196 -7.58 -19.70 -17.56
CA LEU E 196 -8.64 -19.06 -18.33
C LEU E 196 -9.19 -20.09 -19.32
N MET E 197 -10.20 -20.84 -18.88
CA MET E 197 -10.74 -21.91 -19.71
C MET E 197 -11.36 -21.36 -20.99
N GLY E 198 -12.11 -20.28 -20.89
CA GLY E 198 -12.76 -19.72 -22.07
C GLY E 198 -13.58 -18.50 -21.69
N GLN E 199 -14.26 -17.96 -22.70
CA GLN E 199 -15.07 -16.76 -22.54
C GLN E 199 -16.43 -16.97 -23.19
N THR E 200 -17.44 -16.33 -22.62
CA THR E 200 -18.79 -16.35 -23.17
C THR E 200 -19.37 -14.95 -23.10
N VAL E 201 -20.30 -14.66 -24.01
CA VAL E 201 -20.93 -13.35 -24.11
C VAL E 201 -22.43 -13.53 -24.17
N GLY E 202 -23.15 -12.45 -23.82
CA GLY E 202 -24.59 -12.47 -23.86
C GLY E 202 -25.14 -11.07 -23.73
N THR E 203 -26.46 -10.97 -23.86
CA THR E 203 -27.16 -9.70 -23.76
C THR E 203 -28.41 -9.89 -22.91
N GLU E 204 -28.84 -8.81 -22.27
CA GLU E 204 -30.05 -8.84 -21.46
C GLU E 204 -30.55 -7.41 -21.28
N ASN E 205 -31.83 -7.32 -20.90
CA ASN E 205 -32.47 -6.04 -20.61
C ASN E 205 -32.76 -5.98 -19.11
N ILE E 206 -32.41 -4.86 -18.48
CA ILE E 206 -32.67 -4.63 -17.07
C ILE E 206 -33.64 -3.46 -16.94
N SER E 207 -34.67 -3.65 -16.14
CA SER E 207 -35.65 -2.60 -15.89
C SER E 207 -35.23 -1.79 -14.67
N THR E 208 -35.13 -0.47 -14.85
CA THR E 208 -34.69 0.42 -13.80
C THR E 208 -35.64 1.61 -13.72
N SER E 209 -35.52 2.38 -12.63
CA SER E 209 -36.36 3.57 -12.47
C SER E 209 -36.12 4.60 -13.56
N THR E 210 -34.94 4.59 -14.16
CA THR E 210 -34.61 5.51 -15.25
C THR E 210 -34.94 4.94 -16.63
N GLY E 211 -35.46 3.73 -16.69
CA GLY E 211 -35.83 3.10 -17.95
C GLY E 211 -35.10 1.79 -18.16
N GLU E 212 -35.46 1.13 -19.25
CA GLU E 212 -34.83 -0.13 -19.62
C GLU E 212 -33.51 0.13 -20.32
N TYR E 213 -32.49 -0.63 -19.95
CA TYR E 213 -31.16 -0.54 -20.54
C TYR E 213 -30.69 -1.93 -20.95
N THR E 214 -30.22 -2.05 -22.18
CA THR E 214 -29.63 -3.29 -22.64
C THR E 214 -28.23 -3.44 -22.03
N ILE E 215 -27.94 -4.62 -21.51
CA ILE E 215 -26.68 -4.90 -20.83
C ILE E 215 -25.91 -5.93 -21.63
N MET E 216 -24.67 -5.60 -21.98
CA MET E 216 -23.77 -6.50 -22.67
C MET E 216 -22.83 -7.11 -21.65
N THR E 217 -22.84 -8.44 -21.54
CA THR E 217 -22.10 -9.14 -20.50
C THR E 217 -21.12 -10.12 -21.14
N ALA E 218 -19.91 -10.15 -20.59
CA ALA E 218 -18.88 -11.10 -20.99
C ALA E 218 -18.42 -11.84 -19.74
N HIS E 219 -18.47 -13.17 -19.79
CA HIS E 219 -18.11 -14.01 -18.66
C HIS E 219 -16.81 -14.73 -18.97
N PHE E 220 -15.88 -14.69 -18.02
CA PHE E 220 -14.59 -15.37 -18.13
C PHE E 220 -14.59 -16.55 -17.17
N HIS E 221 -14.37 -17.75 -17.70
CA HIS E 221 -14.35 -18.96 -16.90
C HIS E 221 -12.96 -19.18 -16.34
N LEU E 222 -12.86 -19.29 -15.02
CA LEU E 222 -11.59 -19.44 -14.33
C LEU E 222 -11.57 -20.78 -13.60
N LYS E 223 -10.50 -21.54 -13.80
CA LYS E 223 -10.27 -22.81 -13.13
C LYS E 223 -9.00 -22.67 -12.30
N ARG E 224 -9.16 -22.55 -10.98
CA ARG E 224 -8.01 -22.37 -10.11
C ARG E 224 -7.05 -23.54 -10.28
N LYS E 225 -5.76 -23.22 -10.43
CA LYS E 225 -4.74 -24.24 -10.62
C LYS E 225 -4.12 -24.57 -9.26
N ILE E 226 -4.17 -25.83 -8.89
CA ILE E 226 -3.63 -26.28 -7.62
C ILE E 226 -2.14 -26.61 -7.80
N GLY E 227 -1.42 -26.60 -6.70
CA GLY E 227 0.01 -26.85 -6.72
C GLY E 227 0.76 -25.91 -5.80
N TYR E 228 0.28 -24.67 -5.69
CA TYR E 228 0.85 -23.75 -4.71
C TYR E 228 0.40 -24.12 -3.30
N PHE E 229 -0.87 -24.49 -3.14
CA PHE E 229 -1.36 -24.88 -1.82
C PHE E 229 -0.87 -26.28 -1.44
N VAL E 230 -0.62 -27.13 -2.43
CA VAL E 230 -0.02 -28.43 -2.15
C VAL E 230 1.36 -28.25 -1.54
N ILE E 231 2.16 -27.35 -2.11
CA ILE E 231 3.49 -27.07 -1.57
C ILE E 231 3.43 -26.22 -0.32
N GLN E 232 2.35 -25.50 -0.09
CA GLN E 232 2.24 -24.54 1.01
C GLN E 232 1.46 -25.08 2.19
N THR E 233 0.35 -25.79 1.96
CA THR E 233 -0.54 -26.22 3.03
C THR E 233 -0.64 -27.73 3.14
N TYR E 234 -0.97 -28.42 2.06
CA TYR E 234 -1.26 -29.86 2.16
C TYR E 234 -0.02 -30.64 2.58
N LEU E 235 1.11 -30.42 1.89
CA LEU E 235 2.31 -31.21 2.19
C LEU E 235 2.76 -31.02 3.63
N PRO E 236 2.92 -29.80 4.15
CA PRO E 236 3.28 -29.67 5.57
C PRO E 236 2.29 -30.36 6.50
N CYS E 237 1.00 -30.28 6.19
CA CYS E 237 0.01 -30.98 7.01
C CYS E 237 0.17 -32.49 6.88
N ILE E 238 0.39 -32.99 5.68
CA ILE E 238 0.53 -34.44 5.48
C ILE E 238 1.77 -34.95 6.20
N MET E 239 2.90 -34.27 6.03
CA MET E 239 4.13 -34.71 6.67
C MET E 239 4.05 -34.57 8.18
N THR E 240 3.35 -33.55 8.68
CA THR E 240 3.18 -33.39 10.11
C THR E 240 2.41 -34.56 10.70
N VAL E 241 1.37 -35.02 10.02
CA VAL E 241 0.62 -36.18 10.49
C VAL E 241 1.51 -37.41 10.53
N ILE E 242 2.32 -37.62 9.48
CA ILE E 242 3.24 -38.74 9.46
C ILE E 242 4.23 -38.63 10.61
N LEU E 243 4.68 -37.41 10.91
CA LEU E 243 5.60 -37.22 12.01
C LEU E 243 4.99 -37.67 13.33
N SER E 244 3.72 -37.35 13.56
CA SER E 244 3.07 -37.75 14.80
C SER E 244 3.00 -39.27 14.93
N GLN E 245 2.71 -39.96 13.83
CA GLN E 245 2.58 -41.42 13.87
C GLN E 245 3.89 -42.11 14.23
N VAL E 246 5.02 -41.42 14.09
CA VAL E 246 6.30 -42.02 14.47
C VAL E 246 6.34 -42.30 15.97
N SER E 247 5.59 -41.54 16.76
CA SER E 247 5.58 -41.74 18.19
C SER E 247 5.10 -43.14 18.56
N PHE E 248 4.25 -43.74 17.72
CA PHE E 248 3.74 -45.08 18.01
C PHE E 248 4.85 -46.13 18.01
N TRP E 249 5.99 -45.83 17.39
CA TRP E 249 7.10 -46.77 17.31
C TRP E 249 8.09 -46.61 18.46
N LEU E 250 7.82 -45.71 19.39
CA LEU E 250 8.67 -45.51 20.56
C LEU E 250 8.11 -46.24 21.77
N ASN E 251 9.00 -46.56 22.71
CA ASN E 251 8.60 -47.28 23.90
C ASN E 251 7.71 -46.40 24.79
N ARG E 252 6.80 -47.05 25.51
CA ARG E 252 5.88 -46.33 26.37
C ARG E 252 6.61 -45.58 27.48
N GLU E 253 7.62 -46.22 28.08
CA GLU E 253 8.32 -45.59 29.19
C GLU E 253 8.97 -44.27 28.81
N SER E 254 9.24 -44.05 27.52
CA SER E 254 9.81 -42.79 27.04
C SER E 254 8.69 -41.74 27.00
N VAL E 255 8.23 -41.36 28.19
CA VAL E 255 7.09 -40.45 28.30
C VAL E 255 7.44 -39.10 27.70
N ALA E 256 8.61 -38.55 28.05
CA ALA E 256 8.98 -37.24 27.55
C ALA E 256 9.15 -37.24 26.03
N ALA E 257 9.75 -38.30 25.48
CA ALA E 257 10.00 -38.34 24.05
C ALA E 257 8.69 -38.30 23.27
N ARG E 258 7.70 -39.11 23.68
CA ARG E 258 6.44 -39.14 22.96
C ARG E 258 5.62 -37.89 23.22
N THR E 259 5.78 -37.27 24.39
CA THR E 259 5.08 -36.03 24.66
C THR E 259 5.52 -34.93 23.71
N VAL E 260 6.82 -34.85 23.42
CA VAL E 260 7.32 -33.85 22.49
C VAL E 260 6.69 -34.03 21.11
N PHE E 261 6.59 -35.27 20.64
CA PHE E 261 5.96 -35.53 19.36
C PHE E 261 4.54 -34.98 19.32
N GLY E 262 3.73 -35.35 20.31
CA GLY E 262 2.33 -34.93 20.29
C GLY E 262 2.17 -33.43 20.45
N VAL E 263 2.90 -32.83 21.39
CA VAL E 263 2.75 -31.40 21.64
C VAL E 263 3.21 -30.59 20.43
N THR E 264 4.40 -30.92 19.91
CA THR E 264 4.93 -30.17 18.79
C THR E 264 4.05 -30.30 17.55
N THR E 265 3.60 -31.51 17.26
CA THR E 265 2.77 -31.72 16.08
C THR E 265 1.43 -31.00 16.20
N VAL E 266 0.81 -31.06 17.38
CA VAL E 266 -0.48 -30.41 17.57
C VAL E 266 -0.36 -28.90 17.36
N LEU E 267 0.68 -28.30 17.95
CA LEU E 267 0.89 -26.87 17.78
C LEU E 267 1.30 -26.53 16.35
N THR E 268 2.06 -27.42 15.70
CA THR E 268 2.45 -27.18 14.32
C THR E 268 1.22 -27.09 13.42
N MET E 269 0.25 -27.99 13.61
CA MET E 269 -0.98 -27.91 12.84
C MET E 269 -1.79 -26.66 13.19
N THR E 270 -1.75 -26.24 14.45
CA THR E 270 -2.49 -25.05 14.85
C THR E 270 -1.99 -23.81 14.09
N THR E 271 -0.67 -23.65 14.00
CA THR E 271 -0.12 -22.49 13.30
C THR E 271 -0.33 -22.59 11.79
N LEU E 272 -0.32 -23.81 11.25
CA LEU E 272 -0.56 -23.97 9.82
C LEU E 272 -1.95 -23.49 9.44
N SER E 273 -2.95 -23.82 10.27
CA SER E 273 -4.30 -23.35 9.99
C SER E 273 -4.36 -21.82 10.01
N ILE E 274 -3.71 -21.19 10.98
CA ILE E 274 -3.69 -19.73 11.04
C ILE E 274 -2.96 -19.16 9.83
N SER E 275 -1.79 -19.72 9.51
CA SER E 275 -1.00 -19.22 8.40
C SER E 275 -1.75 -19.39 7.08
N ALA E 276 -2.41 -20.54 6.89
CA ALA E 276 -3.07 -20.81 5.63
C ALA E 276 -4.16 -19.79 5.33
N ARG E 277 -4.94 -19.42 6.34
CA ARG E 277 -6.06 -18.50 6.13
C ARG E 277 -5.63 -17.04 6.03
N ASN E 278 -4.37 -16.73 6.32
CA ASN E 278 -3.90 -15.35 6.21
C ASN E 278 -4.01 -14.87 4.76
N SER E 279 -3.60 -15.70 3.81
CA SER E 279 -3.73 -15.33 2.40
C SER E 279 -5.17 -15.45 1.92
N LEU E 280 -5.89 -16.45 2.42
CA LEU E 280 -7.27 -16.65 2.00
C LEU E 280 -8.14 -15.49 2.49
N PRO E 281 -9.16 -15.09 1.72
CA PRO E 281 -10.07 -14.06 2.20
C PRO E 281 -10.79 -14.49 3.48
N LYS E 282 -11.10 -13.50 4.32
CA LYS E 282 -11.71 -13.75 5.62
C LYS E 282 -13.20 -14.07 5.43
N VAL E 283 -13.45 -15.22 4.83
CA VAL E 283 -14.80 -15.70 4.60
C VAL E 283 -15.30 -16.42 5.85
N ALA E 284 -16.57 -16.21 6.18
CA ALA E 284 -17.16 -16.78 7.39
C ALA E 284 -17.82 -18.13 7.11
N TYR E 285 -17.06 -19.04 6.50
CA TYR E 285 -17.53 -20.40 6.31
C TYR E 285 -16.32 -21.29 6.04
N ALA E 286 -16.52 -22.59 6.20
CA ALA E 286 -15.43 -23.56 6.06
C ALA E 286 -15.25 -23.94 4.60
N THR E 287 -13.99 -23.98 4.16
CA THR E 287 -13.64 -24.39 2.81
C THR E 287 -13.18 -25.84 2.83
N ALA E 288 -12.91 -26.38 1.64
CA ALA E 288 -12.41 -27.74 1.54
C ALA E 288 -11.06 -27.90 2.21
N MET E 289 -10.19 -26.89 2.06
CA MET E 289 -8.88 -26.94 2.71
C MET E 289 -9.03 -26.96 4.22
N ASP E 290 -10.00 -26.20 4.75
CA ASP E 290 -10.21 -26.18 6.20
C ASP E 290 -10.56 -27.56 6.72
N TRP E 291 -11.42 -28.29 6.01
CA TRP E 291 -11.77 -29.63 6.44
C TRP E 291 -10.55 -30.54 6.42
N PHE E 292 -9.71 -30.43 5.41
CA PHE E 292 -8.50 -31.23 5.36
C PHE E 292 -7.60 -30.94 6.55
N ILE E 293 -7.43 -29.67 6.88
CA ILE E 293 -6.62 -29.30 8.04
C ILE E 293 -7.28 -29.81 9.32
N ALA E 294 -8.60 -29.68 9.43
CA ALA E 294 -9.29 -30.14 10.64
C ALA E 294 -9.09 -31.63 10.85
N VAL E 295 -9.22 -32.43 9.78
CA VAL E 295 -9.01 -33.86 9.91
C VAL E 295 -7.57 -34.16 10.31
N CYS E 296 -6.62 -33.47 9.68
CA CYS E 296 -5.23 -33.66 10.04
C CYS E 296 -4.97 -33.30 11.50
N TYR E 297 -5.62 -32.24 11.98
CA TYR E 297 -5.50 -31.87 13.39
C TYR E 297 -6.06 -32.97 14.28
N ALA E 298 -7.14 -33.63 13.85
CA ALA E 298 -7.71 -34.72 14.63
C ALA E 298 -6.74 -35.89 14.73
N PHE E 299 -6.07 -36.22 13.62
CA PHE E 299 -5.15 -37.35 13.63
C PHE E 299 -4.00 -37.12 14.59
N VAL E 300 -3.36 -35.93 14.51
CA VAL E 300 -2.25 -35.64 15.41
C VAL E 300 -2.74 -35.56 16.85
N PHE E 301 -3.89 -34.92 17.07
CA PHE E 301 -4.44 -34.83 18.41
C PHE E 301 -4.83 -36.20 18.93
N SER E 302 -5.43 -37.03 18.07
CA SER E 302 -5.83 -38.37 18.48
C SER E 302 -4.61 -39.21 18.87
N ALA E 303 -3.50 -39.05 18.16
CA ALA E 303 -2.30 -39.80 18.49
C ALA E 303 -1.82 -39.46 19.89
N LEU E 304 -1.86 -38.18 20.27
CA LEU E 304 -1.47 -37.80 21.62
C LEU E 304 -2.41 -38.40 22.65
N LEU E 305 -3.71 -38.42 22.36
CA LEU E 305 -4.66 -39.04 23.28
C LEU E 305 -4.38 -40.53 23.42
N GLU E 306 -4.00 -41.19 22.34
CA GLU E 306 -3.67 -42.61 22.42
C GLU E 306 -2.49 -42.83 23.36
N PHE E 307 -1.46 -41.99 23.27
CA PHE E 307 -0.33 -42.12 24.17
C PHE E 307 -0.76 -41.87 25.61
N ALA E 308 -1.57 -40.84 25.84
CA ALA E 308 -2.03 -40.55 27.20
C ALA E 308 -2.84 -41.70 27.76
N PHE E 309 -3.75 -42.26 26.95
CA PHE E 309 -4.51 -43.42 27.39
C PHE E 309 -3.60 -44.62 27.60
N VAL E 310 -2.64 -44.83 26.69
CA VAL E 310 -1.71 -45.95 26.82
C VAL E 310 -0.86 -45.77 28.07
N ASN E 311 -0.34 -44.56 28.29
CA ASN E 311 0.47 -44.30 29.47
C ASN E 311 -0.34 -44.35 30.76
N TYR E 312 -1.66 -44.18 30.66
CA TYR E 312 -2.50 -44.21 31.86
C TYR E 312 -2.72 -45.63 32.36
N ILE E 313 -2.76 -46.61 31.46
CA ILE E 313 -3.02 -48.00 31.81
C ILE E 313 -1.79 -48.88 31.62
N THR E 314 -0.63 -48.26 31.39
CA THR E 314 0.58 -49.04 31.16
C THR E 314 0.98 -49.86 32.39
N LYS E 315 0.45 -49.52 33.57
CA LYS E 315 0.77 -50.23 34.80
C LYS E 315 -0.30 -51.24 35.19
N SER E 316 -1.56 -50.83 35.23
CA SER E 316 -2.62 -51.73 35.67
C SER E 316 -2.77 -52.92 34.71
N GLN E 317 -2.83 -52.64 33.42
CA GLN E 317 -3.01 -53.67 32.39
C GLN E 317 -2.00 -53.42 31.28
N PRO E 318 -0.73 -53.75 31.50
CA PRO E 318 0.28 -53.51 30.45
C PRO E 318 0.00 -54.26 29.15
N ALA E 319 -0.64 -55.43 29.23
CA ALA E 319 -0.84 -56.24 28.03
C ALA E 319 -1.68 -55.50 27.00
N ARG E 320 -2.78 -54.86 27.44
CA ARG E 320 -3.62 -54.14 26.50
C ARG E 320 -2.93 -52.89 25.97
N ALA E 321 -2.10 -52.25 26.79
CA ALA E 321 -1.42 -51.04 26.36
C ALA E 321 -0.50 -51.32 25.17
N ALA E 322 0.25 -52.43 25.22
CA ALA E 322 1.13 -52.77 24.11
C ALA E 322 0.33 -53.06 22.84
N LYS E 323 -0.78 -53.78 22.98
CA LYS E 323 -1.59 -54.11 21.81
C LYS E 323 -2.15 -52.85 21.14
N ILE E 324 -2.61 -51.89 21.95
CA ILE E 324 -3.15 -50.66 21.38
C ILE E 324 -2.06 -49.90 20.64
N ASP E 325 -0.87 -49.81 21.24
CA ASP E 325 0.23 -49.11 20.59
C ASP E 325 0.62 -49.81 19.30
N LYS E 326 0.71 -51.14 19.33
CA LYS E 326 1.04 -51.89 18.12
C LYS E 326 -0.04 -51.73 17.06
N MET E 327 -1.30 -51.81 17.47
CA MET E 327 -2.40 -51.68 16.51
C MET E 327 -2.44 -50.29 15.90
N SER E 328 -2.17 -49.26 16.71
CA SER E 328 -2.22 -47.89 16.20
C SER E 328 -1.21 -47.67 15.09
N ARG E 329 -0.11 -48.44 15.08
CA ARG E 329 0.88 -48.31 14.02
C ARG E 329 0.31 -48.64 12.65
N ILE E 330 -0.76 -49.42 12.60
CA ILE E 330 -1.37 -49.83 11.34
C ILE E 330 -2.64 -49.04 11.04
N VAL E 331 -3.48 -48.83 12.04
CA VAL E 331 -4.77 -48.18 11.81
C VAL E 331 -4.56 -46.73 11.36
N PHE E 332 -3.72 -45.99 12.07
CA PHE E 332 -3.58 -44.57 11.77
C PHE E 332 -3.09 -44.33 10.35
N PRO E 333 -2.01 -44.95 9.87
CA PRO E 333 -1.61 -44.74 8.47
C PRO E 333 -2.70 -45.12 7.48
N ILE E 334 -3.45 -46.18 7.75
CA ILE E 334 -4.48 -46.63 6.82
C ILE E 334 -5.60 -45.61 6.73
N LEU E 335 -6.09 -45.14 7.87
CA LEU E 335 -7.19 -44.18 7.87
C LEU E 335 -6.79 -42.88 7.20
N PHE E 336 -5.59 -42.38 7.49
CA PHE E 336 -5.14 -41.14 6.86
C PHE E 336 -5.00 -41.30 5.35
N GLY E 337 -4.44 -42.43 4.91
CA GLY E 337 -4.37 -42.69 3.48
C GLY E 337 -5.74 -42.86 2.86
N THR E 338 -6.64 -43.57 3.55
CA THR E 338 -8.00 -43.74 3.05
C THR E 338 -8.72 -42.40 2.94
N PHE E 339 -8.53 -41.52 3.93
CA PHE E 339 -9.19 -40.22 3.90
C PHE E 339 -8.75 -39.41 2.68
N ASN E 340 -7.44 -39.44 2.37
CA ASN E 340 -6.95 -38.66 1.25
C ASN E 340 -7.57 -39.11 -0.06
N LEU E 341 -7.68 -40.43 -0.27
CA LEU E 341 -8.28 -40.93 -1.49
C LEU E 341 -9.71 -40.44 -1.65
N VAL E 342 -10.49 -40.50 -0.56
CA VAL E 342 -11.85 -39.99 -0.60
C VAL E 342 -11.84 -38.48 -0.82
N TYR E 343 -10.97 -37.77 -0.09
CA TYR E 343 -10.93 -36.32 -0.19
C TYR E 343 -10.55 -35.86 -1.60
N TRP E 344 -9.44 -36.38 -2.13
CA TRP E 344 -8.99 -35.97 -3.45
C TRP E 344 -9.97 -36.41 -4.53
N ALA E 345 -10.46 -37.64 -4.44
CA ALA E 345 -11.41 -38.12 -5.44
C ALA E 345 -12.70 -37.32 -5.39
N THR E 346 -13.15 -36.97 -4.18
CA THR E 346 -14.42 -36.23 -4.06
C THR E 346 -14.35 -34.89 -4.75
N TYR E 347 -13.24 -34.17 -4.59
CA TYR E 347 -13.12 -32.84 -5.17
C TYR E 347 -12.51 -32.84 -6.56
N LEU E 348 -11.64 -33.80 -6.87
CA LEU E 348 -11.06 -33.92 -8.21
C LEU E 348 -11.95 -34.78 -9.10
N ASN E 349 -13.22 -34.37 -9.19
CA ASN E 349 -14.20 -35.08 -9.98
C ASN E 349 -15.46 -34.25 -10.16
#